data_2QRY
#
_entry.id   2QRY
#
_cell.length_a   69.040
_cell.length_b   118.070
_cell.length_c   90.330
_cell.angle_alpha   90.00
_cell.angle_beta   93.74
_cell.angle_gamma   90.00
#
_symmetry.space_group_name_H-M   'P 1 21 1'
#
loop_
_entity.id
_entity.type
_entity.pdbx_description
1 polymer 'Thiamine-binding periplasmic protein'
2 non-polymer 'THIAMIN PHOSPHATE'
3 water water
#
_entity_poly.entity_id   1
_entity_poly.type   'polypeptide(L)'
_entity_poly.pdbx_seq_one_letter_code
;(MSE)GSSHHHHHHSSGLVPRGSH(MSE)KPVLTVYTYDSFAADWGPGPVVKKAFEADCNCELKLVALEDGVSLLNRLR
(MSE)EGKNSKADVVLGLDNNLLDAASKTGLFAKSGVAADAVNVPGGWNNDTFVPFDYGYFAFVYDKNKLKNPPQSLKEL
VESDQNWRVIYQDPRTSTPGLGLLLW(MSE)QKVYGDDAPQAWQKLAKKTVTVTKGWSEAYGLFLKGESDLVLSYTTSPA
YHILEEKKDNYAAANFSEGHYLQVEVAARTAASKQPELAQKFLQF(MSE)VSPAFQNAIPTGNW(MSE)YPVANVTLPAG
FEKLTKPATTLEFTPAEVAAQRQAWISEWQRAVSR
;
_entity_poly.pdbx_strand_id   A,B,C,D
#
loop_
_chem_comp.id
_chem_comp.type
_chem_comp.name
_chem_comp.formula
TPS non-polymer 'THIAMIN PHOSPHATE' 'C12 H18 N4 O4 P S 1'
#
# COMPACT_ATOMS: atom_id res chain seq x y z
N LYS A 22 -15.10 1.50 5.78
CA LYS A 22 -14.51 0.15 6.02
C LYS A 22 -14.81 -0.84 4.89
N PRO A 23 -16.07 -0.92 4.45
CA PRO A 23 -16.34 -1.86 3.36
C PRO A 23 -15.64 -1.33 2.11
N VAL A 24 -15.13 -2.23 1.26
CA VAL A 24 -14.42 -1.83 0.05
C VAL A 24 -15.28 -1.83 -1.22
N LEU A 25 -15.02 -0.85 -2.08
CA LEU A 25 -15.74 -0.76 -3.35
C LEU A 25 -14.64 -0.73 -4.41
N THR A 26 -14.48 -1.86 -5.10
CA THR A 26 -13.45 -2.00 -6.13
C THR A 26 -13.90 -1.48 -7.48
N VAL A 27 -13.16 -0.51 -8.02
CA VAL A 27 -13.51 0.08 -9.31
C VAL A 27 -12.41 -0.07 -10.37
N TYR A 28 -12.65 -0.94 -11.35
CA TYR A 28 -11.70 -1.14 -12.45
C TYR A 28 -11.72 0.09 -13.37
N THR A 29 -10.55 0.56 -13.78
CA THR A 29 -10.47 1.71 -14.67
C THR A 29 -9.11 1.74 -15.37
N TYR A 30 -8.92 2.71 -16.28
CA TYR A 30 -7.66 2.82 -17.01
C TYR A 30 -6.65 3.69 -16.23
N ASP A 31 -5.38 3.63 -16.63
CA ASP A 31 -4.33 4.36 -15.90
C ASP A 31 -4.39 5.88 -15.83
N SER A 32 -4.77 6.56 -16.91
CA SER A 32 -4.82 8.01 -16.87
C SER A 32 -5.93 8.52 -15.94
N PHE A 33 -6.90 7.66 -15.61
CA PHE A 33 -7.98 8.09 -14.73
C PHE A 33 -7.51 8.04 -13.27
N ALA A 34 -6.95 6.91 -12.87
CA ALA A 34 -6.48 6.73 -11.49
C ALA A 34 -5.11 7.37 -11.22
N ALA A 35 -4.48 7.91 -12.26
CA ALA A 35 -3.17 8.54 -12.12
C ALA A 35 -3.18 9.62 -11.05
N ASP A 36 -2.04 9.82 -10.41
CA ASP A 36 -1.93 10.84 -9.37
C ASP A 36 -2.36 12.19 -9.95
N TRP A 37 -2.16 12.38 -11.25
CA TRP A 37 -2.53 13.62 -11.89
C TRP A 37 -3.92 13.59 -12.51
N GLY A 38 -4.58 12.44 -12.42
CA GLY A 38 -5.92 12.31 -12.98
C GLY A 38 -7.01 12.71 -12.02
N PRO A 39 -8.28 12.36 -12.29
CA PRO A 39 -9.37 12.73 -11.39
C PRO A 39 -9.50 11.76 -10.21
N GLY A 40 -8.96 10.55 -10.39
CA GLY A 40 -9.02 9.53 -9.37
C GLY A 40 -8.87 9.99 -7.93
N PRO A 41 -7.67 10.43 -7.51
CA PRO A 41 -7.44 10.89 -6.15
C PRO A 41 -8.52 11.85 -5.64
N VAL A 42 -8.93 12.77 -6.51
CA VAL A 42 -9.97 13.75 -6.16
C VAL A 42 -11.32 13.07 -5.95
N VAL A 43 -11.74 12.25 -6.91
CA VAL A 43 -13.00 11.55 -6.81
C VAL A 43 -13.02 10.61 -5.59
N LYS A 44 -11.89 9.94 -5.36
CA LYS A 44 -11.77 9.02 -4.25
C LYS A 44 -12.07 9.69 -2.91
N LYS A 45 -11.29 10.71 -2.55
CA LYS A 45 -11.52 11.38 -1.28
C LYS A 45 -12.90 12.03 -1.20
N ALA A 46 -13.42 12.47 -2.34
CA ALA A 46 -14.73 13.10 -2.37
C ALA A 46 -15.84 12.08 -2.13
N PHE A 47 -15.62 10.84 -2.55
CA PHE A 47 -16.62 9.81 -2.37
C PHE A 47 -16.51 9.25 -0.96
N GLU A 48 -15.29 8.99 -0.52
CA GLU A 48 -15.05 8.44 0.81
C GLU A 48 -15.37 9.44 1.92
N ALA A 49 -14.98 10.69 1.73
CA ALA A 49 -15.24 11.71 2.74
C ALA A 49 -16.72 11.77 3.08
N ASP A 50 -17.55 11.45 2.08
CA ASP A 50 -18.99 11.46 2.27
C ASP A 50 -19.48 10.08 2.66
N CYS A 51 -19.63 9.20 1.67
CA CYS A 51 -20.09 7.84 1.89
C CYS A 51 -18.99 6.95 2.47
N ASN A 52 -19.12 6.62 3.75
CA ASN A 52 -18.15 5.79 4.45
C ASN A 52 -17.86 4.46 3.76
N CYS A 53 -16.60 4.27 3.37
CA CYS A 53 -16.15 3.06 2.69
C CYS A 53 -14.78 3.33 2.11
N GLU A 54 -14.13 2.29 1.60
CA GLU A 54 -12.82 2.47 1.00
C GLU A 54 -12.93 2.27 -0.50
N LEU A 55 -12.89 3.37 -1.25
CA LEU A 55 -12.97 3.31 -2.70
C LEU A 55 -11.62 2.86 -3.23
N LYS A 56 -11.58 1.71 -3.88
CA LYS A 56 -10.34 1.18 -4.41
C LYS A 56 -10.31 1.24 -5.94
N LEU A 57 -9.66 2.27 -6.47
CA LEU A 57 -9.55 2.47 -7.91
C LEU A 57 -8.36 1.71 -8.46
N VAL A 58 -8.62 0.71 -9.28
CA VAL A 58 -7.58 -0.11 -9.84
C VAL A 58 -7.33 0.19 -11.32
N ALA A 59 -6.18 0.78 -11.62
CA ALA A 59 -5.81 1.07 -13.01
C ALA A 59 -5.40 -0.29 -13.56
N LEU A 60 -6.38 -1.02 -14.08
CA LEU A 60 -6.17 -2.38 -14.57
C LEU A 60 -5.88 -2.61 -16.05
N GLU A 61 -6.62 -1.92 -16.90
CA GLU A 61 -6.46 -2.08 -18.33
C GLU A 61 -6.85 -0.80 -19.03
N ASP A 62 -6.62 -0.78 -20.33
CA ASP A 62 -7.02 0.33 -21.16
C ASP A 62 -8.50 0.12 -21.46
N GLY A 63 -9.16 1.16 -21.93
CA GLY A 63 -10.59 1.11 -22.23
C GLY A 63 -11.19 -0.18 -22.78
N VAL A 64 -10.81 -0.55 -24.00
CA VAL A 64 -11.38 -1.76 -24.59
C VAL A 64 -10.98 -3.01 -23.81
N SER A 65 -9.74 -3.04 -23.34
CA SER A 65 -9.26 -4.20 -22.59
C SER A 65 -10.01 -4.41 -21.28
N LEU A 66 -10.54 -3.33 -20.69
CA LEU A 66 -11.29 -3.47 -19.46
C LEU A 66 -12.40 -4.50 -19.68
N LEU A 67 -13.14 -4.35 -20.78
CA LEU A 67 -14.22 -5.28 -21.08
C LEU A 67 -13.72 -6.71 -21.32
N ASN A 68 -12.68 -6.87 -22.14
CA ASN A 68 -12.20 -8.22 -22.43
C ASN A 68 -11.68 -8.91 -21.19
N ARG A 69 -11.09 -8.14 -20.27
CA ARG A 69 -10.59 -8.74 -19.05
C ARG A 69 -11.75 -9.16 -18.15
N LEU A 70 -12.77 -8.33 -18.06
CA LEU A 70 -13.93 -8.63 -17.23
C LEU A 70 -14.65 -9.87 -17.78
N ARG A 71 -14.73 -9.99 -19.10
CA ARG A 71 -15.38 -11.13 -19.71
C ARG A 71 -14.66 -12.43 -19.39
N MSE A 72 -13.38 -12.34 -19.04
CA MSE A 72 -12.61 -13.51 -18.71
C MSE A 72 -12.55 -13.78 -17.21
O MSE A 72 -12.22 -14.88 -16.80
CB MSE A 72 -11.20 -13.41 -19.30
CG MSE A 72 -11.17 -13.61 -20.80
SE MSE A 72 -9.39 -13.44 -21.56
CE MSE A 72 -9.89 -13.20 -23.42
N GLU A 73 -12.87 -12.76 -16.41
CA GLU A 73 -12.87 -12.93 -14.96
C GLU A 73 -14.23 -13.51 -14.57
N GLY A 74 -15.25 -13.15 -15.34
CA GLY A 74 -16.60 -13.64 -15.06
C GLY A 74 -17.04 -13.26 -13.66
N LYS A 75 -17.76 -14.15 -12.99
CA LYS A 75 -18.21 -13.81 -11.65
C LYS A 75 -17.10 -13.95 -10.61
N ASN A 76 -15.92 -14.38 -11.07
CA ASN A 76 -14.77 -14.50 -10.19
C ASN A 76 -14.12 -13.12 -10.08
N SER A 77 -14.59 -12.19 -10.90
CA SER A 77 -14.06 -10.84 -10.90
C SER A 77 -14.18 -10.20 -9.52
N LYS A 78 -13.20 -9.38 -9.15
CA LYS A 78 -13.26 -8.73 -7.86
C LYS A 78 -13.78 -7.31 -7.98
N ALA A 79 -14.14 -6.92 -9.20
CA ALA A 79 -14.66 -5.58 -9.45
C ALA A 79 -16.14 -5.43 -9.12
N ASP A 80 -16.48 -4.26 -8.59
CA ASP A 80 -17.85 -3.91 -8.24
C ASP A 80 -18.35 -2.97 -9.34
N VAL A 81 -17.43 -2.17 -9.87
CA VAL A 81 -17.75 -1.23 -10.94
C VAL A 81 -16.62 -1.16 -11.96
N VAL A 82 -16.97 -1.03 -13.23
CA VAL A 82 -15.97 -0.88 -14.29
C VAL A 82 -16.14 0.53 -14.83
N LEU A 83 -15.16 1.39 -14.56
CA LEU A 83 -15.22 2.78 -15.01
C LEU A 83 -14.24 3.01 -16.17
N GLY A 84 -14.73 3.45 -17.31
CA GLY A 84 -13.84 3.67 -18.43
C GLY A 84 -14.20 3.00 -19.73
N LEU A 85 -15.39 2.41 -19.83
CA LEU A 85 -15.80 1.81 -21.09
C LEU A 85 -16.40 3.01 -21.80
N ASP A 86 -16.92 2.84 -23.01
CA ASP A 86 -17.54 3.99 -23.66
C ASP A 86 -18.69 3.60 -24.57
N ASN A 87 -19.28 4.61 -25.21
CA ASN A 87 -20.42 4.41 -26.09
C ASN A 87 -20.25 3.35 -27.17
N ASN A 88 -19.03 3.13 -27.64
CA ASN A 88 -18.79 2.15 -28.68
C ASN A 88 -18.77 0.71 -28.18
N LEU A 89 -18.72 0.52 -26.88
CA LEU A 89 -18.67 -0.83 -26.32
C LEU A 89 -19.94 -1.27 -25.62
N LEU A 90 -20.94 -0.39 -25.56
CA LEU A 90 -22.20 -0.69 -24.87
C LEU A 90 -22.84 -2.03 -25.24
N ASP A 91 -23.09 -2.25 -26.52
CA ASP A 91 -23.71 -3.47 -26.98
C ASP A 91 -22.91 -4.68 -26.51
N ALA A 92 -21.61 -4.64 -26.78
CA ALA A 92 -20.69 -5.71 -26.40
C ALA A 92 -20.74 -5.99 -24.91
N ALA A 93 -20.79 -4.92 -24.11
CA ALA A 93 -20.84 -5.04 -22.66
C ALA A 93 -22.14 -5.68 -22.17
N SER A 94 -23.28 -5.14 -22.60
CA SER A 94 -24.57 -5.68 -22.17
C SER A 94 -24.80 -7.13 -22.61
N LYS A 95 -24.42 -7.47 -23.84
CA LYS A 95 -24.59 -8.84 -24.32
C LYS A 95 -23.84 -9.84 -23.44
N THR A 96 -22.87 -9.33 -22.69
CA THR A 96 -22.07 -10.16 -21.82
C THR A 96 -22.87 -10.62 -20.59
N GLY A 97 -23.77 -9.76 -20.12
CA GLY A 97 -24.58 -10.11 -18.96
C GLY A 97 -23.88 -9.89 -17.64
N LEU A 98 -22.66 -9.36 -17.67
CA LEU A 98 -21.88 -9.11 -16.47
C LEU A 98 -22.29 -7.85 -15.69
N PHE A 99 -23.09 -6.99 -16.31
CA PHE A 99 -23.51 -5.77 -15.63
C PHE A 99 -24.96 -5.73 -15.20
N ALA A 100 -25.23 -5.04 -14.11
CA ALA A 100 -26.58 -4.92 -13.58
C ALA A 100 -27.06 -3.49 -13.84
N LYS A 101 -28.35 -3.24 -13.60
CA LYS A 101 -28.90 -1.91 -13.80
C LYS A 101 -28.30 -0.95 -12.76
N SER A 102 -28.03 0.28 -13.19
CA SER A 102 -27.41 1.27 -12.33
C SER A 102 -28.30 1.83 -11.22
N GLY A 103 -29.58 2.00 -11.51
CA GLY A 103 -30.46 2.56 -10.51
C GLY A 103 -30.13 4.05 -10.41
N VAL A 104 -29.70 4.61 -11.54
CA VAL A 104 -29.35 6.02 -11.62
C VAL A 104 -30.37 6.73 -12.49
N ALA A 105 -30.90 7.84 -11.99
CA ALA A 105 -31.88 8.62 -12.72
C ALA A 105 -31.24 9.26 -13.94
N ALA A 106 -31.87 9.06 -15.10
CA ALA A 106 -31.38 9.60 -16.36
C ALA A 106 -31.24 11.13 -16.36
N ASP A 107 -32.22 11.82 -15.78
CA ASP A 107 -32.23 13.27 -15.72
C ASP A 107 -30.97 13.86 -15.08
N ALA A 108 -30.14 12.99 -14.50
CA ALA A 108 -28.92 13.45 -13.85
C ALA A 108 -27.77 13.62 -14.85
N VAL A 109 -28.01 13.26 -16.11
CA VAL A 109 -27.00 13.34 -17.15
C VAL A 109 -27.39 14.19 -18.37
N ASN A 110 -26.42 14.91 -18.91
CA ASN A 110 -26.61 15.77 -20.08
C ASN A 110 -25.47 15.55 -21.07
N VAL A 111 -25.75 14.81 -22.14
CA VAL A 111 -24.75 14.46 -23.14
C VAL A 111 -25.22 14.71 -24.58
N PRO A 112 -24.28 15.04 -25.48
CA PRO A 112 -24.58 15.30 -26.89
C PRO A 112 -25.23 14.08 -27.54
N GLY A 113 -26.38 14.29 -28.15
CA GLY A 113 -27.08 13.19 -28.80
C GLY A 113 -27.99 12.52 -27.80
N GLY A 114 -27.97 13.00 -26.56
CA GLY A 114 -28.81 12.44 -25.53
C GLY A 114 -28.28 11.13 -24.98
N TRP A 115 -29.02 10.54 -24.06
CA TRP A 115 -28.59 9.29 -23.47
C TRP A 115 -29.75 8.57 -22.78
N ASN A 116 -30.02 7.36 -23.26
CA ASN A 116 -31.09 6.54 -22.71
C ASN A 116 -30.53 5.13 -22.51
N ASN A 117 -30.13 4.83 -21.28
CA ASN A 117 -29.58 3.51 -20.97
C ASN A 117 -29.73 3.19 -19.48
N ASP A 118 -30.35 2.05 -19.19
CA ASP A 118 -30.59 1.60 -17.83
C ASP A 118 -29.36 1.06 -17.11
N THR A 119 -28.33 0.68 -17.87
CA THR A 119 -27.13 0.09 -17.30
C THR A 119 -25.88 0.98 -17.19
N PHE A 120 -25.45 1.52 -18.31
CA PHE A 120 -24.23 2.34 -18.36
C PHE A 120 -24.46 3.84 -18.16
N VAL A 121 -23.80 4.38 -17.15
CA VAL A 121 -23.91 5.79 -16.80
C VAL A 121 -22.73 6.62 -17.31
N PRO A 122 -23.01 7.66 -18.10
CA PRO A 122 -21.93 8.50 -18.61
C PRO A 122 -21.33 9.36 -17.51
N PHE A 123 -20.04 9.67 -17.62
CA PHE A 123 -19.40 10.54 -16.64
C PHE A 123 -18.63 11.67 -17.32
N ASP A 124 -18.44 11.56 -18.64
CA ASP A 124 -17.80 12.59 -19.44
C ASP A 124 -17.81 12.26 -20.93
N TYR A 125 -17.51 13.24 -21.76
CA TYR A 125 -17.50 13.01 -23.21
C TYR A 125 -16.46 13.88 -23.90
N GLY A 126 -16.11 13.52 -25.13
CA GLY A 126 -15.13 14.29 -25.86
C GLY A 126 -15.10 13.90 -27.33
N TYR A 127 -14.11 14.43 -28.03
CA TYR A 127 -13.96 14.15 -29.45
C TYR A 127 -12.52 13.79 -29.77
N PHE A 128 -12.34 12.64 -30.41
CA PHE A 128 -11.01 12.19 -30.78
C PHE A 128 -10.47 13.14 -31.85
N ALA A 129 -9.18 13.44 -31.74
CA ALA A 129 -8.53 14.32 -32.69
C ALA A 129 -7.02 14.15 -32.63
N PHE A 130 -6.34 14.50 -33.70
CA PHE A 130 -4.90 14.41 -33.72
C PHE A 130 -4.30 15.68 -33.18
N VAL A 131 -3.44 15.53 -32.17
CA VAL A 131 -2.78 16.67 -31.55
C VAL A 131 -1.37 16.84 -32.10
N TYR A 132 -0.94 18.10 -32.25
CA TYR A 132 0.39 18.41 -32.76
C TYR A 132 0.95 19.65 -32.05
N ASP A 133 2.22 19.95 -32.33
CA ASP A 133 2.91 21.09 -31.75
C ASP A 133 3.00 22.18 -32.82
N LYS A 134 2.24 23.26 -32.65
CA LYS A 134 2.27 24.34 -33.63
C LYS A 134 3.66 24.94 -33.83
N ASN A 135 4.53 24.77 -32.85
CA ASN A 135 5.89 25.30 -32.97
C ASN A 135 6.72 24.38 -33.84
N LYS A 136 6.28 23.14 -33.98
CA LYS A 136 7.02 22.15 -34.78
C LYS A 136 6.34 21.76 -36.08
N LEU A 137 5.02 21.91 -36.15
CA LEU A 137 4.28 21.57 -37.35
C LEU A 137 3.55 22.82 -37.83
N LYS A 138 4.07 23.39 -38.91
CA LYS A 138 3.54 24.62 -39.51
C LYS A 138 2.25 24.43 -40.30
N ASN A 139 2.21 23.44 -41.18
CA ASN A 139 1.03 23.23 -41.99
C ASN A 139 0.39 21.87 -41.74
N PRO A 140 -0.28 21.73 -40.58
CA PRO A 140 -0.94 20.48 -40.21
C PRO A 140 -2.10 20.14 -41.14
N PRO A 141 -2.44 18.84 -41.23
CA PRO A 141 -3.54 18.41 -42.10
C PRO A 141 -4.85 19.05 -41.64
N GLN A 142 -5.80 19.22 -42.55
CA GLN A 142 -7.09 19.83 -42.23
C GLN A 142 -8.25 18.87 -42.41
N SER A 143 -7.94 17.60 -42.60
CA SER A 143 -8.94 16.57 -42.76
C SER A 143 -8.24 15.21 -42.57
N LEU A 144 -8.99 14.21 -42.13
CA LEU A 144 -8.43 12.89 -41.92
C LEU A 144 -7.92 12.39 -43.26
N LYS A 145 -8.65 12.75 -44.32
CA LYS A 145 -8.29 12.34 -45.67
C LYS A 145 -6.91 12.85 -46.08
N GLU A 146 -6.62 14.11 -45.77
CA GLU A 146 -5.32 14.68 -46.12
C GLU A 146 -4.22 13.99 -45.31
N LEU A 147 -4.43 13.83 -44.01
CA LEU A 147 -3.46 13.17 -43.15
C LEU A 147 -3.06 11.81 -43.72
N VAL A 148 -4.04 11.09 -44.25
CA VAL A 148 -3.80 9.76 -44.81
C VAL A 148 -3.18 9.78 -46.20
N GLU A 149 -3.64 10.69 -47.05
CA GLU A 149 -3.18 10.75 -48.43
C GLU A 149 -2.09 11.75 -48.80
N SER A 150 -1.89 12.77 -47.99
CA SER A 150 -0.88 13.80 -48.26
C SER A 150 0.49 13.22 -48.56
N ASP A 151 1.29 13.97 -49.30
CA ASP A 151 2.64 13.55 -49.67
C ASP A 151 3.60 13.97 -48.56
N GLN A 152 3.13 14.82 -47.64
CA GLN A 152 3.95 15.28 -46.53
C GLN A 152 4.35 14.05 -45.70
N ASN A 153 5.55 14.07 -45.15
CA ASN A 153 6.01 12.94 -44.32
C ASN A 153 5.74 13.19 -42.83
N TRP A 154 4.47 13.35 -42.49
CA TRP A 154 4.10 13.57 -41.10
C TRP A 154 4.28 12.26 -40.33
N ARG A 155 4.77 12.36 -39.11
CA ARG A 155 4.97 11.18 -38.26
C ARG A 155 3.72 11.06 -37.39
N VAL A 156 3.12 9.88 -37.36
CA VAL A 156 1.93 9.67 -36.57
C VAL A 156 2.03 8.51 -35.59
N ILE A 157 1.40 8.66 -34.44
CA ILE A 157 1.35 7.60 -33.43
C ILE A 157 -0.10 7.49 -32.94
N TYR A 158 -0.60 6.27 -32.79
CA TYR A 158 -1.96 6.10 -32.29
C TYR A 158 -2.07 4.82 -31.48
N GLN A 159 -3.26 4.53 -30.95
CA GLN A 159 -3.44 3.34 -30.13
C GLN A 159 -4.11 2.14 -30.79
N ASP A 160 -3.86 0.97 -30.21
CA ASP A 160 -4.40 -0.28 -30.69
C ASP A 160 -5.91 -0.33 -30.41
N PRO A 161 -6.73 -0.49 -31.46
CA PRO A 161 -8.18 -0.54 -31.31
C PRO A 161 -8.70 -1.73 -30.49
N ARG A 162 -7.85 -2.75 -30.32
CA ARG A 162 -8.22 -3.93 -29.55
C ARG A 162 -8.07 -3.70 -28.05
N THR A 163 -7.31 -2.67 -27.68
CA THR A 163 -7.09 -2.39 -26.26
C THR A 163 -7.52 -1.00 -25.77
N SER A 164 -7.39 0.00 -26.63
CA SER A 164 -7.70 1.40 -26.28
C SER A 164 -8.96 2.00 -26.91
N THR A 165 -9.78 2.69 -26.11
CA THR A 165 -10.97 3.32 -26.65
C THR A 165 -10.62 4.37 -27.70
N PRO A 166 -9.57 5.19 -27.44
CA PRO A 166 -9.18 6.20 -28.44
C PRO A 166 -8.73 5.47 -29.70
N GLY A 167 -8.16 4.29 -29.51
CA GLY A 167 -7.71 3.50 -30.64
C GLY A 167 -8.91 3.00 -31.42
N LEU A 168 -9.92 2.51 -30.69
CA LEU A 168 -11.14 2.01 -31.28
C LEU A 168 -11.80 3.21 -31.96
N GLY A 169 -11.69 4.37 -31.33
CA GLY A 169 -12.25 5.59 -31.88
C GLY A 169 -11.68 5.90 -33.26
N LEU A 170 -10.36 5.87 -33.39
CA LEU A 170 -9.72 6.14 -34.67
C LEU A 170 -10.14 5.09 -35.71
N LEU A 171 -10.27 3.83 -35.29
CA LEU A 171 -10.68 2.78 -36.21
C LEU A 171 -12.05 3.11 -36.79
N LEU A 172 -12.98 3.52 -35.94
CA LEU A 172 -14.34 3.84 -36.39
C LEU A 172 -14.39 5.14 -37.17
N TRP A 173 -13.54 6.08 -36.78
CA TRP A 173 -13.48 7.37 -37.43
C TRP A 173 -13.06 7.17 -38.89
N MSE A 174 -12.03 6.35 -39.09
CA MSE A 174 -11.55 6.04 -40.42
C MSE A 174 -12.66 5.32 -41.22
O MSE A 174 -12.83 5.55 -42.42
CB MSE A 174 -10.32 5.14 -40.35
CG MSE A 174 -9.04 5.83 -39.89
SE MSE A 174 -8.19 6.79 -41.33
CE MSE A 174 -7.26 5.31 -42.18
N GLN A 175 -13.39 4.43 -40.54
CA GLN A 175 -14.46 3.68 -41.19
C GLN A 175 -15.56 4.62 -41.70
N LYS A 176 -15.88 5.63 -40.90
CA LYS A 176 -16.88 6.61 -41.28
C LYS A 176 -16.42 7.35 -42.53
N VAL A 177 -15.14 7.74 -42.53
CA VAL A 177 -14.56 8.49 -43.62
C VAL A 177 -14.26 7.72 -44.92
N TYR A 178 -13.82 6.47 -44.81
CA TYR A 178 -13.50 5.70 -46.02
C TYR A 178 -14.41 4.54 -46.39
N GLY A 179 -15.24 4.08 -45.45
CA GLY A 179 -16.11 2.97 -45.75
C GLY A 179 -15.33 1.74 -46.18
N ASP A 180 -15.76 1.09 -47.26
CA ASP A 180 -15.07 -0.09 -47.74
C ASP A 180 -13.65 0.17 -48.20
N ASP A 181 -13.24 1.44 -48.25
CA ASP A 181 -11.88 1.77 -48.67
C ASP A 181 -10.93 1.94 -47.50
N ALA A 182 -11.40 1.61 -46.30
CA ALA A 182 -10.60 1.72 -45.09
C ALA A 182 -9.23 1.03 -45.18
N PRO A 183 -9.19 -0.22 -45.67
CA PRO A 183 -7.90 -0.93 -45.76
C PRO A 183 -6.85 -0.24 -46.62
N GLN A 184 -7.25 0.28 -47.77
CA GLN A 184 -6.33 0.97 -48.65
C GLN A 184 -5.85 2.24 -47.95
N ALA A 185 -6.77 2.90 -47.26
CA ALA A 185 -6.43 4.11 -46.53
C ALA A 185 -5.47 3.74 -45.41
N TRP A 186 -5.76 2.62 -44.73
CA TRP A 186 -4.91 2.17 -43.66
C TRP A 186 -3.48 1.87 -44.13
N GLN A 187 -3.33 1.30 -45.31
CA GLN A 187 -1.99 1.02 -45.81
C GLN A 187 -1.21 2.33 -45.99
N LYS A 188 -1.90 3.38 -46.43
CA LYS A 188 -1.28 4.68 -46.63
C LYS A 188 -0.91 5.30 -45.29
N LEU A 189 -1.76 5.13 -44.28
CA LEU A 189 -1.49 5.68 -42.96
C LEU A 189 -0.34 4.93 -42.30
N ALA A 190 -0.23 3.63 -42.58
CA ALA A 190 0.83 2.81 -42.00
C ALA A 190 2.22 3.34 -42.35
N LYS A 191 2.34 3.96 -43.53
CA LYS A 191 3.62 4.50 -43.98
C LYS A 191 4.05 5.74 -43.18
N LYS A 192 3.09 6.38 -42.52
CA LYS A 192 3.41 7.55 -41.72
C LYS A 192 3.38 7.22 -40.23
N THR A 193 3.17 5.94 -39.93
CA THR A 193 3.09 5.50 -38.54
C THR A 193 4.43 5.15 -37.89
N VAL A 194 4.77 5.87 -36.83
CA VAL A 194 6.01 5.61 -36.10
C VAL A 194 5.82 4.37 -35.24
N THR A 195 4.69 4.29 -34.54
CA THR A 195 4.40 3.14 -33.69
C THR A 195 2.93 3.13 -33.24
N VAL A 196 2.53 2.01 -32.65
CA VAL A 196 1.18 1.86 -32.15
C VAL A 196 1.27 1.27 -30.75
N THR A 197 0.73 1.97 -29.77
CA THR A 197 0.76 1.51 -28.39
C THR A 197 -0.59 0.94 -27.95
N LYS A 198 -0.59 0.19 -26.86
CA LYS A 198 -1.80 -0.42 -26.33
C LYS A 198 -2.69 0.62 -25.66
N GLY A 199 -2.04 1.61 -25.04
CA GLY A 199 -2.78 2.64 -24.34
C GLY A 199 -2.38 4.04 -24.74
N TRP A 200 -3.27 4.98 -24.45
CA TRP A 200 -3.08 6.39 -24.76
C TRP A 200 -1.86 7.00 -24.04
N SER A 201 -1.73 6.73 -22.76
CA SER A 201 -0.62 7.29 -21.99
C SER A 201 0.74 7.19 -22.67
N GLU A 202 1.12 5.98 -23.07
CA GLU A 202 2.41 5.79 -23.73
C GLU A 202 2.48 6.56 -25.05
N ALA A 203 1.38 6.51 -25.80
CA ALA A 203 1.30 7.20 -27.08
C ALA A 203 1.56 8.70 -26.93
N TYR A 204 0.84 9.32 -26.00
CA TYR A 204 0.95 10.75 -25.76
C TYR A 204 2.35 11.11 -25.24
N GLY A 205 2.90 10.24 -24.42
CA GLY A 205 4.24 10.48 -23.90
C GLY A 205 5.28 10.51 -24.99
N LEU A 206 5.19 9.59 -25.94
CA LEU A 206 6.15 9.56 -27.04
C LEU A 206 5.96 10.83 -27.85
N PHE A 207 4.72 11.25 -28.04
CA PHE A 207 4.50 12.47 -28.81
C PHE A 207 5.21 13.62 -28.12
N LEU A 208 4.96 13.82 -26.83
CA LEU A 208 5.58 14.90 -26.09
C LEU A 208 7.10 14.80 -26.10
N LYS A 209 7.62 13.59 -26.25
CA LYS A 209 9.07 13.40 -26.30
C LYS A 209 9.62 13.72 -27.71
N GLY A 210 8.72 13.97 -28.65
CA GLY A 210 9.13 14.31 -30.00
C GLY A 210 9.19 13.17 -31.01
N GLU A 211 8.74 11.99 -30.63
CA GLU A 211 8.79 10.84 -31.53
C GLU A 211 7.82 10.88 -32.70
N SER A 212 6.91 11.86 -32.70
CA SER A 212 5.97 11.99 -33.82
C SER A 212 5.45 13.42 -33.95
N ASP A 213 4.98 13.76 -35.15
CA ASP A 213 4.44 15.08 -35.42
C ASP A 213 3.00 15.16 -34.93
N LEU A 214 2.32 14.02 -34.92
CA LEU A 214 0.93 13.95 -34.48
C LEU A 214 0.65 12.67 -33.69
N VAL A 215 -0.35 12.74 -32.81
CA VAL A 215 -0.81 11.59 -32.01
C VAL A 215 -2.31 11.66 -31.88
N LEU A 216 -2.97 10.50 -31.96
CA LEU A 216 -4.41 10.49 -31.79
C LEU A 216 -4.71 10.76 -30.32
N SER A 217 -5.50 11.80 -30.06
CA SER A 217 -5.86 12.16 -28.69
C SER A 217 -7.26 12.79 -28.67
N TYR A 218 -7.41 13.90 -27.95
CA TYR A 218 -8.72 14.56 -27.85
C TYR A 218 -8.73 16.06 -28.12
N THR A 219 -9.88 16.58 -28.57
CA THR A 219 -9.99 18.01 -28.85
C THR A 219 -9.72 18.84 -27.61
N THR A 220 -9.77 18.18 -26.45
CA THR A 220 -9.55 18.84 -25.17
C THR A 220 -8.13 18.70 -24.62
N SER A 221 -7.31 17.91 -25.29
CA SER A 221 -5.94 17.71 -24.81
C SER A 221 -5.15 19.02 -24.68
N PRO A 222 -5.36 19.98 -25.59
CA PRO A 222 -4.59 21.22 -25.45
C PRO A 222 -4.85 21.92 -24.12
N ALA A 223 -6.06 21.76 -23.60
CA ALA A 223 -6.44 22.38 -22.33
C ALA A 223 -5.51 21.97 -21.20
N TYR A 224 -5.01 20.73 -21.24
CA TYR A 224 -4.09 20.29 -20.19
C TYR A 224 -2.86 21.20 -20.16
N HIS A 225 -2.25 21.38 -21.33
CA HIS A 225 -1.07 22.21 -21.43
C HIS A 225 -1.32 23.68 -21.14
N ILE A 226 -2.48 24.19 -21.56
CA ILE A 226 -2.80 25.58 -21.31
C ILE A 226 -2.87 25.89 -19.81
N LEU A 227 -3.74 25.18 -19.09
CA LEU A 227 -3.92 25.40 -17.65
C LEU A 227 -2.77 24.95 -16.74
N GLU A 228 -2.28 23.73 -16.95
CA GLU A 228 -1.22 23.17 -16.12
C GLU A 228 0.21 23.65 -16.41
N GLU A 229 0.50 23.96 -17.67
CA GLU A 229 1.85 24.40 -18.01
C GLU A 229 1.90 25.81 -18.60
N LYS A 230 0.74 26.46 -18.71
CA LYS A 230 0.69 27.80 -19.26
C LYS A 230 1.29 27.83 -20.67
N LYS A 231 1.00 26.79 -21.46
CA LYS A 231 1.49 26.69 -22.83
C LYS A 231 0.33 26.48 -23.80
N ASP A 232 0.28 27.27 -24.87
CA ASP A 232 -0.80 27.11 -25.83
C ASP A 232 -0.26 26.79 -27.23
N ASN A 233 0.91 26.16 -27.27
CA ASN A 233 1.53 25.78 -28.53
C ASN A 233 0.97 24.45 -29.06
N TYR A 234 0.34 23.65 -28.19
CA TYR A 234 -0.23 22.38 -28.63
C TYR A 234 -1.66 22.61 -29.10
N ALA A 235 -2.05 21.89 -30.15
CA ALA A 235 -3.39 22.03 -30.69
C ALA A 235 -3.92 20.74 -31.27
N ALA A 236 -5.25 20.65 -31.33
CA ALA A 236 -5.94 19.50 -31.90
C ALA A 236 -6.44 19.96 -33.26
N ALA A 237 -6.04 19.27 -34.31
CA ALA A 237 -6.44 19.63 -35.66
C ALA A 237 -7.92 19.37 -35.89
N ASN A 238 -8.63 20.40 -36.33
CA ASN A 238 -10.06 20.32 -36.60
C ASN A 238 -10.25 19.85 -38.05
N PHE A 239 -10.71 18.62 -38.23
CA PHE A 239 -10.91 18.09 -39.57
C PHE A 239 -12.31 18.34 -40.16
N SER A 240 -12.34 18.61 -41.46
CA SER A 240 -13.57 18.91 -42.17
C SER A 240 -14.59 17.77 -42.24
N GLU A 241 -14.14 16.53 -42.08
CA GLU A 241 -15.08 15.42 -42.11
C GLU A 241 -15.90 15.40 -40.82
N GLY A 242 -15.39 16.08 -39.80
CA GLY A 242 -16.06 16.08 -38.51
C GLY A 242 -15.33 15.10 -37.61
N HIS A 243 -15.70 15.04 -36.34
CA HIS A 243 -15.04 14.16 -35.39
C HIS A 243 -15.96 13.13 -34.70
N TYR A 244 -15.37 12.00 -34.33
CA TYR A 244 -16.10 10.93 -33.67
C TYR A 244 -16.30 11.21 -32.20
N LEU A 245 -17.53 11.00 -31.73
CA LEU A 245 -17.88 11.26 -30.35
C LEU A 245 -17.67 10.10 -29.40
N GLN A 246 -17.13 10.41 -28.22
CA GLN A 246 -16.93 9.39 -27.20
C GLN A 246 -17.64 9.84 -25.93
N VAL A 247 -18.40 8.91 -25.35
CA VAL A 247 -19.08 9.16 -24.09
C VAL A 247 -18.60 8.01 -23.22
N GLU A 248 -17.77 8.32 -22.24
CA GLU A 248 -17.27 7.28 -21.35
C GLU A 248 -18.35 6.93 -20.35
N VAL A 249 -18.39 5.67 -19.93
CA VAL A 249 -19.41 5.22 -19.01
C VAL A 249 -18.89 4.30 -17.93
N ALA A 250 -19.75 4.05 -16.95
CA ALA A 250 -19.44 3.15 -15.85
C ALA A 250 -20.70 2.33 -15.56
N ALA A 251 -20.52 1.15 -15.00
CA ALA A 251 -21.65 0.28 -14.66
C ALA A 251 -21.25 -0.65 -13.52
N ARG A 252 -22.25 -1.11 -12.76
CA ARG A 252 -21.98 -2.01 -11.65
C ARG A 252 -22.11 -3.44 -12.17
N THR A 253 -21.33 -4.35 -11.61
CA THR A 253 -21.36 -5.73 -12.04
C THR A 253 -22.51 -6.49 -11.41
N ALA A 254 -23.02 -7.49 -12.11
CA ALA A 254 -24.11 -8.29 -11.59
C ALA A 254 -23.62 -9.12 -10.40
N ALA A 255 -22.36 -9.55 -10.46
CA ALA A 255 -21.77 -10.35 -9.40
C ALA A 255 -21.29 -9.56 -8.17
N SER A 256 -21.43 -8.24 -8.22
CA SER A 256 -20.99 -7.42 -7.10
C SER A 256 -21.63 -7.81 -5.76
N LYS A 257 -20.80 -7.92 -4.72
CA LYS A 257 -21.29 -8.26 -3.39
C LYS A 257 -21.59 -7.00 -2.58
N GLN A 258 -21.46 -5.84 -3.24
CA GLN A 258 -21.73 -4.55 -2.62
C GLN A 258 -22.61 -3.74 -3.57
N PRO A 259 -23.77 -4.30 -3.97
CA PRO A 259 -24.70 -3.61 -4.88
C PRO A 259 -25.02 -2.17 -4.47
N GLU A 260 -25.52 -2.01 -3.26
CA GLU A 260 -25.89 -0.70 -2.74
C GLU A 260 -24.79 0.35 -2.92
N LEU A 261 -23.58 0.05 -2.44
CA LEU A 261 -22.47 0.99 -2.56
C LEU A 261 -22.17 1.27 -4.04
N ALA A 262 -22.06 0.22 -4.83
CA ALA A 262 -21.78 0.35 -6.25
C ALA A 262 -22.72 1.38 -6.88
N GLN A 263 -23.98 1.29 -6.50
CA GLN A 263 -24.99 2.19 -7.03
C GLN A 263 -24.90 3.60 -6.45
N LYS A 264 -24.40 3.72 -5.22
CA LYS A 264 -24.25 5.03 -4.63
C LYS A 264 -23.07 5.71 -5.31
N PHE A 265 -22.14 4.89 -5.81
CA PHE A 265 -20.98 5.43 -6.50
C PHE A 265 -21.38 5.91 -7.88
N LEU A 266 -22.27 5.17 -8.53
CA LEU A 266 -22.72 5.54 -9.88
C LEU A 266 -23.57 6.82 -9.85
N GLN A 267 -24.37 7.00 -8.82
CA GLN A 267 -25.22 8.19 -8.71
C GLN A 267 -24.33 9.39 -8.39
N PHE A 268 -23.41 9.18 -7.46
CA PHE A 268 -22.48 10.21 -7.03
C PHE A 268 -21.56 10.63 -8.19
N MSE A 269 -21.41 9.72 -9.14
CA MSE A 269 -20.58 9.98 -10.30
C MSE A 269 -21.13 11.10 -11.18
O MSE A 269 -20.38 11.98 -11.61
CB MSE A 269 -20.42 8.69 -11.09
CG MSE A 269 -19.38 8.73 -12.19
SE MSE A 269 -19.11 6.97 -12.91
CE MSE A 269 -20.75 6.80 -13.92
N VAL A 270 -22.43 11.07 -11.43
CA VAL A 270 -23.05 12.10 -12.25
C VAL A 270 -23.37 13.36 -11.45
N SER A 271 -22.81 13.45 -10.24
CA SER A 271 -23.06 14.62 -9.40
C SER A 271 -21.88 15.56 -9.45
N PRO A 272 -22.03 16.78 -8.91
CA PRO A 272 -20.99 17.81 -8.89
C PRO A 272 -19.68 17.42 -8.22
N ALA A 273 -19.75 16.76 -7.07
CA ALA A 273 -18.53 16.38 -6.35
C ALA A 273 -17.59 15.58 -7.26
N PHE A 274 -18.19 14.84 -8.19
CA PHE A 274 -17.45 14.02 -9.14
C PHE A 274 -17.09 14.87 -10.36
N GLN A 275 -18.12 15.26 -11.09
CA GLN A 275 -18.01 16.06 -12.29
C GLN A 275 -17.05 17.24 -12.19
N ASN A 276 -17.02 17.89 -11.04
CA ASN A 276 -16.14 19.03 -10.81
C ASN A 276 -14.67 18.68 -10.96
N ALA A 277 -14.34 17.39 -10.90
CA ALA A 277 -12.94 16.97 -11.03
C ALA A 277 -12.61 16.46 -12.43
N ILE A 278 -13.64 16.32 -13.27
CA ILE A 278 -13.43 15.84 -14.62
C ILE A 278 -12.69 16.83 -15.53
N PRO A 279 -13.14 18.09 -15.58
CA PRO A 279 -12.47 19.08 -16.43
C PRO A 279 -10.94 19.09 -16.33
N THR A 280 -10.42 19.28 -15.12
CA THR A 280 -8.98 19.34 -14.94
C THR A 280 -8.33 18.02 -14.54
N GLY A 281 -9.15 16.98 -14.39
CA GLY A 281 -8.62 15.68 -14.03
C GLY A 281 -8.48 14.76 -15.23
N ASN A 282 -9.56 14.63 -16.00
CA ASN A 282 -9.58 13.77 -17.18
C ASN A 282 -9.48 14.56 -18.48
N TRP A 283 -9.61 15.89 -18.40
CA TRP A 283 -9.55 16.74 -19.58
C TRP A 283 -10.56 16.27 -20.63
N MSE A 284 -11.82 16.33 -20.24
CA MSE A 284 -12.95 15.93 -21.07
C MSE A 284 -14.11 16.82 -20.63
O MSE A 284 -14.03 17.49 -19.60
CB MSE A 284 -13.31 14.46 -20.78
CG MSE A 284 -12.25 13.45 -21.20
SE MSE A 284 -12.16 13.26 -23.12
CE MSE A 284 -13.63 12.01 -23.38
N TYR A 285 -15.19 16.85 -21.41
CA TYR A 285 -16.35 17.66 -21.06
C TYR A 285 -17.22 16.88 -20.07
N PRO A 286 -17.61 17.53 -18.97
CA PRO A 286 -18.44 16.90 -17.94
C PRO A 286 -19.82 16.52 -18.46
N VAL A 287 -20.47 15.62 -17.75
CA VAL A 287 -21.80 15.16 -18.12
C VAL A 287 -22.85 15.98 -17.38
N ALA A 288 -22.43 16.66 -16.32
CA ALA A 288 -23.32 17.53 -15.54
C ALA A 288 -22.91 18.97 -15.85
N ASN A 289 -23.87 19.88 -15.80
CA ASN A 289 -23.60 21.29 -16.09
C ASN A 289 -22.73 21.98 -15.04
N VAL A 290 -21.49 21.51 -14.89
CA VAL A 290 -20.55 22.10 -13.95
C VAL A 290 -19.83 23.22 -14.70
N THR A 291 -19.03 24.02 -14.00
CA THR A 291 -18.33 25.11 -14.66
C THR A 291 -17.00 24.66 -15.25
N LEU A 292 -16.83 24.89 -16.55
CA LEU A 292 -15.59 24.53 -17.22
C LEU A 292 -14.51 25.52 -16.85
N PRO A 293 -13.28 25.04 -16.66
CA PRO A 293 -12.15 25.90 -16.30
C PRO A 293 -11.88 26.93 -17.38
N ALA A 294 -11.46 28.12 -16.97
CA ALA A 294 -11.14 29.14 -17.95
C ALA A 294 -10.01 28.49 -18.73
N GLY A 295 -10.05 28.59 -20.06
CA GLY A 295 -9.02 27.97 -20.86
C GLY A 295 -9.65 27.03 -21.86
N PHE A 296 -10.72 26.37 -21.45
CA PHE A 296 -11.43 25.45 -22.32
C PHE A 296 -12.02 26.22 -23.51
N GLU A 297 -12.29 27.51 -23.32
CA GLU A 297 -12.88 28.30 -24.40
C GLU A 297 -11.91 28.51 -25.55
N LYS A 298 -10.64 28.17 -25.34
CA LYS A 298 -9.64 28.30 -26.39
C LYS A 298 -9.73 27.09 -27.32
N LEU A 299 -10.46 26.07 -26.87
CA LEU A 299 -10.60 24.84 -27.64
C LEU A 299 -11.60 24.96 -28.77
N THR A 300 -11.50 24.07 -29.74
CA THR A 300 -12.44 24.09 -30.84
C THR A 300 -13.43 22.94 -30.74
N LYS A 301 -14.71 23.28 -30.80
CA LYS A 301 -15.79 22.30 -30.74
C LYS A 301 -16.03 21.86 -32.18
N PRO A 302 -15.81 20.59 -32.50
CA PRO A 302 -16.06 20.20 -33.89
C PRO A 302 -17.53 20.41 -34.27
N ALA A 303 -17.76 20.98 -35.45
CA ALA A 303 -19.12 21.24 -35.90
C ALA A 303 -19.89 19.93 -36.02
N THR A 304 -19.48 19.11 -36.98
CA THR A 304 -20.09 17.82 -37.24
C THR A 304 -19.56 16.73 -36.32
N THR A 305 -20.49 15.99 -35.73
CA THR A 305 -20.16 14.88 -34.83
C THR A 305 -20.48 13.56 -35.52
N LEU A 306 -19.58 12.58 -35.39
CA LEU A 306 -19.77 11.27 -36.02
C LEU A 306 -19.85 10.17 -34.97
N GLU A 307 -20.78 9.23 -35.18
CA GLU A 307 -20.97 8.13 -34.25
C GLU A 307 -21.73 6.95 -34.86
N PHE A 308 -21.31 5.73 -34.48
CA PHE A 308 -21.98 4.51 -34.91
C PHE A 308 -22.86 4.14 -33.73
N THR A 309 -23.89 3.35 -33.95
CA THR A 309 -24.73 2.92 -32.84
C THR A 309 -23.98 1.79 -32.17
N PRO A 310 -24.23 1.55 -30.88
CA PRO A 310 -23.53 0.46 -30.20
C PRO A 310 -23.69 -0.87 -30.93
N ALA A 311 -24.84 -1.05 -31.56
CA ALA A 311 -25.12 -2.28 -32.28
C ALA A 311 -24.24 -2.41 -33.53
N GLU A 312 -24.07 -1.31 -34.25
CA GLU A 312 -23.27 -1.33 -35.47
C GLU A 312 -21.81 -1.66 -35.21
N VAL A 313 -21.26 -1.15 -34.12
CA VAL A 313 -19.85 -1.41 -33.80
C VAL A 313 -19.62 -2.85 -33.35
N ALA A 314 -20.45 -3.33 -32.43
CA ALA A 314 -20.31 -4.70 -31.93
C ALA A 314 -20.45 -5.72 -33.06
N ALA A 315 -21.35 -5.44 -34.01
CA ALA A 315 -21.57 -6.34 -35.12
C ALA A 315 -20.43 -6.37 -36.15
N GLN A 316 -19.66 -5.30 -36.26
CA GLN A 316 -18.59 -5.26 -37.25
C GLN A 316 -17.19 -4.94 -36.76
N ARG A 317 -17.01 -4.65 -35.48
CA ARG A 317 -15.67 -4.29 -35.03
C ARG A 317 -14.60 -5.35 -35.22
N GLN A 318 -14.97 -6.63 -35.14
CA GLN A 318 -13.99 -7.70 -35.32
C GLN A 318 -13.47 -7.74 -36.75
N ALA A 319 -14.36 -7.58 -37.72
CA ALA A 319 -13.93 -7.59 -39.11
C ALA A 319 -13.12 -6.33 -39.45
N TRP A 320 -13.52 -5.19 -38.91
CA TRP A 320 -12.81 -3.94 -39.18
C TRP A 320 -11.43 -3.94 -38.55
N ILE A 321 -11.32 -4.54 -37.38
CA ILE A 321 -10.03 -4.62 -36.71
C ILE A 321 -9.12 -5.60 -37.46
N SER A 322 -9.71 -6.69 -37.93
CA SER A 322 -8.97 -7.70 -38.68
C SER A 322 -8.36 -7.09 -39.94
N GLU A 323 -9.14 -6.26 -40.62
CA GLU A 323 -8.68 -5.60 -41.83
C GLU A 323 -7.59 -4.61 -41.47
N TRP A 324 -7.81 -3.85 -40.40
CA TRP A 324 -6.85 -2.86 -39.93
C TRP A 324 -5.47 -3.46 -39.67
N GLN A 325 -5.41 -4.52 -38.86
CA GLN A 325 -4.13 -5.13 -38.52
C GLN A 325 -3.42 -5.71 -39.73
N ARG A 326 -4.19 -6.23 -40.68
CA ARG A 326 -3.58 -6.79 -41.88
C ARG A 326 -2.97 -5.68 -42.72
N ALA A 327 -3.66 -4.54 -42.78
CA ALA A 327 -3.19 -3.40 -43.57
C ALA A 327 -2.00 -2.63 -43.00
N VAL A 328 -1.86 -2.59 -41.69
CA VAL A 328 -0.78 -1.82 -41.08
C VAL A 328 0.44 -2.62 -40.63
N SER A 329 0.45 -3.93 -40.84
CA SER A 329 1.57 -4.74 -40.41
C SER A 329 2.42 -5.26 -41.56
N LYS B 22 28.77 8.93 -27.95
CA LYS B 22 28.89 7.45 -28.06
C LYS B 22 27.69 6.84 -28.77
N PRO B 23 27.88 5.70 -29.43
CA PRO B 23 26.79 5.03 -30.15
C PRO B 23 25.78 4.37 -29.20
N VAL B 24 24.49 4.58 -29.48
CA VAL B 24 23.41 4.03 -28.68
C VAL B 24 22.75 2.84 -29.36
N LEU B 25 22.75 1.69 -28.68
CA LEU B 25 22.15 0.48 -29.20
C LEU B 25 20.81 0.29 -28.48
N THR B 26 19.71 0.31 -29.23
CA THR B 26 18.41 0.15 -28.61
C THR B 26 17.88 -1.27 -28.69
N VAL B 27 17.47 -1.80 -27.55
CA VAL B 27 16.96 -3.16 -27.50
C VAL B 27 15.55 -3.20 -26.91
N TYR B 28 14.61 -3.68 -27.71
CA TYR B 28 13.21 -3.83 -27.30
C TYR B 28 13.10 -5.15 -26.55
N THR B 29 12.52 -5.14 -25.36
CA THR B 29 12.34 -6.38 -24.61
C THR B 29 11.12 -6.24 -23.70
N TYR B 30 10.82 -7.29 -22.93
CA TYR B 30 9.68 -7.25 -22.04
C TYR B 30 10.06 -6.72 -20.64
N ASP B 31 9.07 -6.28 -19.86
CA ASP B 31 9.37 -5.68 -18.57
C ASP B 31 10.16 -6.43 -17.50
N SER B 32 9.89 -7.72 -17.30
CA SER B 32 10.64 -8.43 -16.26
C SER B 32 12.12 -8.57 -16.61
N PHE B 33 12.47 -8.44 -17.89
CA PHE B 33 13.87 -8.54 -18.28
C PHE B 33 14.58 -7.22 -18.01
N ALA B 34 13.98 -6.13 -18.48
CA ALA B 34 14.53 -4.78 -18.33
C ALA B 34 14.34 -4.15 -16.95
N ALA B 35 13.43 -4.69 -16.15
CA ALA B 35 13.16 -4.16 -14.81
C ALA B 35 14.42 -4.11 -13.97
N ASP B 36 14.40 -3.32 -12.89
CA ASP B 36 15.56 -3.19 -12.00
C ASP B 36 15.89 -4.50 -11.29
N TRP B 37 14.91 -5.38 -11.16
CA TRP B 37 15.13 -6.66 -10.49
C TRP B 37 15.37 -7.78 -11.49
N GLY B 38 15.38 -7.43 -12.77
CA GLY B 38 15.62 -8.43 -13.79
C GLY B 38 17.10 -8.46 -14.15
N PRO B 39 17.47 -9.15 -15.24
CA PRO B 39 18.88 -9.22 -15.64
C PRO B 39 19.33 -7.96 -16.37
N GLY B 40 18.37 -7.19 -16.86
CA GLY B 40 18.65 -5.97 -17.59
C GLY B 40 19.81 -5.11 -17.10
N PRO B 41 19.69 -4.48 -15.92
CA PRO B 41 20.73 -3.63 -15.35
C PRO B 41 22.12 -4.28 -15.39
N VAL B 42 22.18 -5.55 -14.98
CA VAL B 42 23.44 -6.30 -14.96
C VAL B 42 24.01 -6.43 -16.37
N VAL B 43 23.15 -6.83 -17.32
CA VAL B 43 23.55 -7.02 -18.71
C VAL B 43 23.97 -5.70 -19.34
N LYS B 44 23.33 -4.61 -18.93
CA LYS B 44 23.64 -3.29 -19.46
C LYS B 44 25.03 -2.90 -18.98
N LYS B 45 25.24 -3.01 -17.67
CA LYS B 45 26.52 -2.65 -17.09
C LYS B 45 27.66 -3.50 -17.65
N ALA B 46 27.43 -4.80 -17.80
CA ALA B 46 28.46 -5.68 -18.32
C ALA B 46 28.83 -5.35 -19.75
N PHE B 47 27.82 -5.23 -20.62
CA PHE B 47 28.07 -4.92 -22.02
C PHE B 47 28.79 -3.60 -22.25
N GLU B 48 28.40 -2.56 -21.50
CA GLU B 48 29.00 -1.24 -21.65
C GLU B 48 30.42 -1.14 -21.08
N ALA B 49 30.83 -2.15 -20.31
CA ALA B 49 32.17 -2.15 -19.74
C ALA B 49 32.97 -3.16 -20.53
N ASP B 50 32.79 -3.12 -21.85
CA ASP B 50 33.46 -4.04 -22.76
C ASP B 50 33.31 -3.44 -24.15
N CYS B 51 32.21 -2.72 -24.35
CA CYS B 51 31.91 -2.08 -25.62
C CYS B 51 31.57 -0.60 -25.40
N ASN B 52 32.36 0.28 -25.99
CA ASN B 52 32.16 1.72 -25.87
C ASN B 52 30.85 2.16 -26.52
N CYS B 53 29.75 2.04 -25.78
CA CYS B 53 28.44 2.43 -26.29
C CYS B 53 27.46 2.53 -25.13
N GLU B 54 26.22 2.86 -25.46
CA GLU B 54 25.18 2.96 -24.45
C GLU B 54 24.13 1.91 -24.82
N LEU B 55 23.85 1.00 -23.89
CA LEU B 55 22.86 -0.03 -24.13
C LEU B 55 21.51 0.49 -23.64
N LYS B 56 20.58 0.66 -24.57
CA LYS B 56 19.25 1.15 -24.24
C LYS B 56 18.26 -0.02 -24.21
N LEU B 57 17.93 -0.49 -23.01
CA LEU B 57 16.99 -1.60 -22.83
C LEU B 57 15.58 -1.04 -22.58
N VAL B 58 14.71 -1.16 -23.57
CA VAL B 58 13.35 -0.64 -23.46
C VAL B 58 12.31 -1.73 -23.22
N ALA B 59 11.60 -1.62 -22.11
CA ALA B 59 10.54 -2.57 -21.78
C ALA B 59 9.32 -2.11 -22.57
N LEU B 60 9.27 -2.49 -23.84
CA LEU B 60 8.20 -2.08 -24.74
C LEU B 60 6.89 -2.86 -24.69
N GLU B 61 6.97 -4.18 -24.81
CA GLU B 61 5.76 -5.00 -24.81
C GLU B 61 6.06 -6.35 -24.21
N ASP B 62 5.01 -7.13 -24.02
CA ASP B 62 5.19 -8.47 -23.53
C ASP B 62 5.68 -9.27 -24.75
N GLY B 63 6.26 -10.44 -24.49
CA GLY B 63 6.80 -11.30 -25.54
C GLY B 63 6.16 -11.34 -26.92
N VAL B 64 4.90 -11.73 -26.99
CA VAL B 64 4.24 -11.81 -28.29
C VAL B 64 3.98 -10.43 -28.86
N SER B 65 3.57 -9.49 -28.01
CA SER B 65 3.32 -8.12 -28.46
C SER B 65 4.58 -7.49 -29.06
N LEU B 66 5.76 -7.93 -28.62
CA LEU B 66 6.99 -7.38 -29.15
C LEU B 66 7.01 -7.48 -30.68
N LEU B 67 6.73 -8.68 -31.18
CA LEU B 67 6.72 -8.88 -32.61
C LEU B 67 5.62 -8.05 -33.26
N ASN B 68 4.41 -8.15 -32.72
CA ASN B 68 3.27 -7.43 -33.25
C ASN B 68 3.55 -5.94 -33.40
N ARG B 69 4.16 -5.36 -32.39
CA ARG B 69 4.48 -3.95 -32.42
C ARG B 69 5.56 -3.60 -33.44
N LEU B 70 6.59 -4.45 -33.54
CA LEU B 70 7.66 -4.18 -34.50
C LEU B 70 7.06 -4.18 -35.91
N ARG B 71 6.13 -5.09 -36.16
CA ARG B 71 5.50 -5.18 -37.47
C ARG B 71 4.76 -3.90 -37.86
N MSE B 72 4.27 -3.17 -36.87
CA MSE B 72 3.54 -1.94 -37.15
C MSE B 72 4.50 -0.75 -37.23
O MSE B 72 4.17 0.27 -37.84
CB MSE B 72 2.46 -1.73 -36.09
CG MSE B 72 1.43 -2.85 -36.11
SE MSE B 72 -0.09 -2.59 -34.93
CE MSE B 72 0.62 -3.40 -33.32
N GLU B 73 5.68 -0.88 -36.63
CA GLU B 73 6.67 0.19 -36.71
C GLU B 73 7.40 0.07 -38.05
N GLY B 74 7.62 -1.16 -38.49
CA GLY B 74 8.31 -1.36 -39.75
C GLY B 74 9.71 -0.77 -39.71
N LYS B 75 10.01 0.11 -40.67
CA LYS B 75 11.33 0.73 -40.72
C LYS B 75 11.46 1.96 -39.83
N ASN B 76 10.34 2.51 -39.40
CA ASN B 76 10.40 3.69 -38.53
C ASN B 76 10.81 3.25 -37.13
N SER B 77 11.07 1.96 -36.98
CA SER B 77 11.45 1.41 -35.69
C SER B 77 12.82 1.88 -35.21
N LYS B 78 12.91 2.15 -33.92
CA LYS B 78 14.16 2.60 -33.32
C LYS B 78 14.95 1.39 -32.84
N ALA B 79 14.28 0.25 -32.75
CA ALA B 79 14.92 -0.98 -32.29
C ALA B 79 16.07 -1.47 -33.17
N ASP B 80 17.18 -1.81 -32.53
CA ASP B 80 18.34 -2.35 -33.21
C ASP B 80 18.27 -3.85 -32.96
N VAL B 81 17.83 -4.20 -31.77
CA VAL B 81 17.70 -5.58 -31.34
C VAL B 81 16.38 -5.82 -30.61
N VAL B 82 15.78 -6.99 -30.84
CA VAL B 82 14.55 -7.35 -30.15
C VAL B 82 14.92 -8.58 -29.35
N LEU B 83 14.88 -8.44 -28.02
CA LEU B 83 15.23 -9.54 -27.12
C LEU B 83 14.02 -9.94 -26.30
N GLY B 84 13.52 -11.14 -26.53
CA GLY B 84 12.35 -11.57 -25.78
C GLY B 84 11.34 -12.40 -26.56
N LEU B 85 11.65 -12.69 -27.82
CA LEU B 85 10.75 -13.53 -28.61
C LEU B 85 11.17 -14.94 -28.23
N ASP B 86 10.47 -15.95 -28.74
CA ASP B 86 10.87 -17.32 -28.42
C ASP B 86 10.70 -18.24 -29.61
N ASN B 87 10.98 -19.52 -29.37
CA ASN B 87 10.88 -20.55 -30.40
C ASN B 87 9.51 -20.68 -31.03
N ASN B 88 8.45 -20.31 -30.31
CA ASN B 88 7.12 -20.40 -30.89
C ASN B 88 6.84 -19.28 -31.87
N LEU B 89 7.67 -18.25 -31.89
CA LEU B 89 7.45 -17.12 -32.79
C LEU B 89 8.41 -17.02 -33.99
N LEU B 90 9.46 -17.83 -34.00
CA LEU B 90 10.44 -17.79 -35.10
C LEU B 90 9.90 -17.74 -36.52
N ASP B 91 8.88 -18.54 -36.82
CA ASP B 91 8.33 -18.58 -38.17
C ASP B 91 7.60 -17.31 -38.56
N ALA B 92 6.82 -16.75 -37.64
CA ALA B 92 6.10 -15.51 -37.91
C ALA B 92 7.11 -14.37 -38.00
N ALA B 93 8.10 -14.39 -37.11
CA ALA B 93 9.13 -13.36 -37.08
C ALA B 93 9.99 -13.41 -38.33
N SER B 94 10.24 -14.62 -38.81
CA SER B 94 11.05 -14.82 -40.00
C SER B 94 10.33 -14.26 -41.25
N LYS B 95 9.05 -14.54 -41.35
CA LYS B 95 8.25 -14.08 -42.49
C LYS B 95 8.04 -12.57 -42.60
N THR B 96 8.47 -11.81 -41.59
CA THR B 96 8.32 -10.35 -41.64
C THR B 96 9.50 -9.73 -42.38
N GLY B 97 10.65 -10.41 -42.36
CA GLY B 97 11.82 -9.88 -43.02
C GLY B 97 12.40 -8.69 -42.28
N LEU B 98 11.98 -8.53 -41.03
CA LEU B 98 12.46 -7.43 -40.19
C LEU B 98 13.80 -7.73 -39.54
N PHE B 99 14.21 -9.00 -39.55
CA PHE B 99 15.46 -9.36 -38.93
C PHE B 99 16.54 -9.81 -39.90
N ALA B 100 17.80 -9.65 -39.49
CA ALA B 100 18.95 -10.02 -40.30
C ALA B 100 19.71 -11.17 -39.67
N LYS B 101 20.68 -11.71 -40.40
CA LYS B 101 21.51 -12.80 -39.91
C LYS B 101 22.18 -12.37 -38.61
N SER B 102 22.31 -13.28 -37.65
CA SER B 102 22.92 -12.95 -36.37
C SER B 102 24.44 -12.78 -36.43
N GLY B 103 25.12 -13.74 -37.05
CA GLY B 103 26.56 -13.66 -37.11
C GLY B 103 27.14 -14.30 -35.87
N VAL B 104 26.29 -15.04 -35.17
CA VAL B 104 26.67 -15.73 -33.95
C VAL B 104 26.76 -17.21 -34.29
N ALA B 105 27.81 -17.87 -33.83
CA ALA B 105 28.00 -19.29 -34.11
C ALA B 105 26.85 -20.15 -33.59
N ALA B 106 26.53 -21.20 -34.34
CA ALA B 106 25.46 -22.10 -33.93
C ALA B 106 25.86 -22.93 -32.72
N ASP B 107 27.15 -23.23 -32.58
CA ASP B 107 27.62 -24.03 -31.45
C ASP B 107 27.99 -23.21 -30.21
N ALA B 108 27.69 -21.91 -30.25
CA ALA B 108 27.97 -21.05 -29.11
C ALA B 108 26.74 -21.14 -28.21
N VAL B 109 25.87 -22.11 -28.50
CA VAL B 109 24.62 -22.27 -27.77
C VAL B 109 24.26 -23.72 -27.49
N ASN B 110 23.84 -24.00 -26.26
CA ASN B 110 23.44 -25.34 -25.87
C ASN B 110 21.99 -25.36 -25.33
N VAL B 111 21.08 -25.85 -26.16
CA VAL B 111 19.65 -25.91 -25.85
C VAL B 111 19.06 -27.31 -26.04
N PRO B 112 18.10 -27.71 -25.21
CA PRO B 112 17.51 -29.04 -25.35
C PRO B 112 16.89 -29.16 -26.73
N GLY B 113 17.29 -30.19 -27.48
CA GLY B 113 16.76 -30.37 -28.83
C GLY B 113 17.62 -29.72 -29.90
N GLY B 114 18.68 -29.04 -29.49
CA GLY B 114 19.57 -28.38 -30.45
C GLY B 114 19.04 -27.07 -30.99
N TRP B 115 19.82 -26.43 -31.86
CA TRP B 115 19.44 -25.17 -32.46
C TRP B 115 20.20 -24.91 -33.74
N ASN B 116 19.46 -24.57 -34.79
CA ASN B 116 20.07 -24.30 -36.07
C ASN B 116 19.27 -23.22 -36.79
N ASN B 117 19.58 -21.97 -36.46
CA ASN B 117 18.92 -20.82 -37.06
C ASN B 117 19.93 -19.68 -37.12
N ASP B 118 20.19 -19.17 -38.32
CA ASP B 118 21.16 -18.11 -38.52
C ASP B 118 20.67 -16.70 -38.21
N THR B 119 19.49 -16.57 -37.63
CA THR B 119 18.94 -15.24 -37.33
C THR B 119 18.62 -15.03 -35.86
N PHE B 120 17.89 -15.97 -35.27
CA PHE B 120 17.48 -15.87 -33.88
C PHE B 120 18.40 -16.62 -32.92
N VAL B 121 18.98 -15.88 -31.98
CA VAL B 121 19.93 -16.41 -31.02
C VAL B 121 19.33 -16.68 -29.64
N PRO B 122 19.32 -17.95 -29.19
CA PRO B 122 18.76 -18.26 -27.87
C PRO B 122 19.60 -17.62 -26.76
N PHE B 123 18.95 -17.22 -25.66
CA PHE B 123 19.71 -16.63 -24.56
C PHE B 123 19.41 -17.35 -23.23
N ASP B 124 18.29 -18.07 -23.20
CA ASP B 124 17.93 -18.90 -22.05
C ASP B 124 16.75 -19.79 -22.43
N TYR B 125 16.43 -20.78 -21.61
CA TYR B 125 15.32 -21.66 -21.93
C TYR B 125 14.65 -22.11 -20.64
N GLY B 126 13.45 -22.67 -20.79
CA GLY B 126 12.74 -23.13 -19.61
C GLY B 126 11.49 -23.91 -19.99
N TYR B 127 10.70 -24.24 -18.98
CA TYR B 127 9.49 -25.02 -19.19
C TYR B 127 8.32 -24.40 -18.43
N PHE B 128 7.21 -24.18 -19.13
CA PHE B 128 6.04 -23.60 -18.49
C PHE B 128 5.48 -24.61 -17.48
N ALA B 129 4.88 -24.09 -16.42
CA ALA B 129 4.30 -24.93 -15.38
C ALA B 129 3.53 -24.04 -14.42
N PHE B 130 2.53 -24.60 -13.75
CA PHE B 130 1.76 -23.82 -12.78
C PHE B 130 2.45 -23.87 -11.44
N VAL B 131 2.65 -22.69 -10.86
CA VAL B 131 3.28 -22.58 -9.55
C VAL B 131 2.21 -22.40 -8.46
N TYR B 132 2.43 -23.01 -7.30
CA TYR B 132 1.48 -22.93 -6.19
C TYR B 132 2.22 -22.86 -4.85
N ASP B 133 1.47 -22.58 -3.79
CA ASP B 133 2.04 -22.49 -2.44
C ASP B 133 1.74 -23.79 -1.69
N LYS B 134 2.78 -24.57 -1.41
CA LYS B 134 2.61 -25.83 -0.67
C LYS B 134 1.94 -25.62 0.69
N ASN B 135 2.07 -24.43 1.26
CA ASN B 135 1.45 -24.15 2.55
C ASN B 135 -0.05 -23.96 2.38
N LYS B 136 -0.46 -23.56 1.18
CA LYS B 136 -1.88 -23.32 0.92
C LYS B 136 -2.54 -24.34 0.01
N LEU B 137 -1.76 -25.27 -0.54
CA LEU B 137 -2.33 -26.29 -1.43
C LEU B 137 -1.68 -27.62 -1.10
N LYS B 138 -2.39 -28.44 -0.33
CA LYS B 138 -1.85 -29.74 0.07
C LYS B 138 -1.93 -30.80 -1.02
N ASN B 139 -3.00 -30.78 -1.82
CA ASN B 139 -3.15 -31.76 -2.87
C ASN B 139 -3.29 -31.14 -4.26
N PRO B 140 -2.19 -30.60 -4.78
CA PRO B 140 -2.13 -29.95 -6.11
C PRO B 140 -2.32 -30.93 -7.26
N PRO B 141 -2.73 -30.41 -8.44
CA PRO B 141 -2.96 -31.23 -9.64
C PRO B 141 -1.67 -31.88 -10.11
N GLN B 142 -1.77 -33.10 -10.63
CA GLN B 142 -0.59 -33.81 -11.09
C GLN B 142 -0.56 -33.98 -12.61
N SER B 143 -1.43 -33.26 -13.30
CA SER B 143 -1.49 -33.31 -14.75
C SER B 143 -2.31 -32.12 -15.25
N LEU B 144 -2.13 -31.75 -16.51
CA LEU B 144 -2.89 -30.64 -17.04
C LEU B 144 -4.37 -31.00 -17.08
N LYS B 145 -4.66 -32.28 -17.33
CA LYS B 145 -6.04 -32.72 -17.40
C LYS B 145 -6.72 -32.62 -16.04
N GLU B 146 -5.98 -32.93 -14.99
CA GLU B 146 -6.55 -32.85 -13.65
C GLU B 146 -6.86 -31.40 -13.28
N LEU B 147 -5.89 -30.50 -13.44
CA LEU B 147 -6.11 -29.09 -13.11
C LEU B 147 -7.39 -28.60 -13.78
N VAL B 148 -7.58 -28.99 -15.04
CA VAL B 148 -8.74 -28.59 -15.80
C VAL B 148 -10.05 -29.24 -15.38
N GLU B 149 -10.09 -30.57 -15.46
CA GLU B 149 -11.29 -31.35 -15.18
C GLU B 149 -11.67 -31.67 -13.73
N SER B 150 -10.72 -31.59 -12.80
CA SER B 150 -11.02 -31.90 -11.41
C SER B 150 -12.18 -31.12 -10.83
N ASP B 151 -12.87 -31.74 -9.87
CA ASP B 151 -13.99 -31.11 -9.20
C ASP B 151 -13.47 -30.18 -8.11
N GLN B 152 -12.15 -30.08 -8.01
CA GLN B 152 -11.51 -29.20 -7.03
C GLN B 152 -11.73 -27.76 -7.50
N ASN B 153 -12.03 -26.86 -6.58
CA ASN B 153 -12.25 -25.47 -6.97
C ASN B 153 -10.98 -24.62 -6.94
N TRP B 154 -9.94 -25.09 -7.64
CA TRP B 154 -8.68 -24.37 -7.69
C TRP B 154 -8.89 -23.09 -8.49
N ARG B 155 -8.30 -22.00 -8.01
CA ARG B 155 -8.37 -20.71 -8.67
C ARG B 155 -7.08 -20.59 -9.48
N VAL B 156 -7.21 -20.20 -10.74
CA VAL B 156 -6.06 -20.08 -11.63
C VAL B 156 -5.92 -18.72 -12.30
N ILE B 157 -4.69 -18.35 -12.56
CA ILE B 157 -4.39 -17.09 -13.25
C ILE B 157 -3.36 -17.44 -14.31
N TYR B 158 -3.51 -16.87 -15.50
CA TYR B 158 -2.55 -17.12 -16.57
C TYR B 158 -2.47 -15.90 -17.47
N GLN B 159 -1.73 -15.99 -18.56
CA GLN B 159 -1.56 -14.85 -19.44
C GLN B 159 -2.23 -14.97 -20.80
N ASP B 160 -2.53 -13.81 -21.36
CA ASP B 160 -3.17 -13.70 -22.66
C ASP B 160 -2.18 -14.16 -23.74
N PRO B 161 -2.52 -15.24 -24.46
CA PRO B 161 -1.63 -15.77 -25.50
C PRO B 161 -1.40 -14.81 -26.68
N ARG B 162 -2.20 -13.77 -26.78
CA ARG B 162 -2.06 -12.80 -27.87
C ARG B 162 -0.96 -11.78 -27.60
N THR B 163 -0.54 -11.68 -26.34
CA THR B 163 0.49 -10.73 -25.97
C THR B 163 1.67 -11.31 -25.19
N SER B 164 1.40 -12.36 -24.40
CA SER B 164 2.42 -12.96 -23.56
C SER B 164 2.96 -14.30 -24.06
N THR B 165 4.28 -14.51 -23.98
CA THR B 165 4.84 -15.77 -24.43
C THR B 165 4.43 -16.92 -23.49
N PRO B 166 4.42 -16.67 -22.17
CA PRO B 166 4.01 -17.77 -21.27
C PRO B 166 2.55 -18.09 -21.58
N GLY B 167 1.79 -17.05 -21.94
CA GLY B 167 0.40 -17.22 -22.30
C GLY B 167 0.29 -18.05 -23.57
N LEU B 168 1.09 -17.70 -24.57
CA LEU B 168 1.08 -18.44 -25.83
C LEU B 168 1.45 -19.89 -25.49
N GLY B 169 2.43 -20.05 -24.60
CA GLY B 169 2.84 -21.37 -24.19
C GLY B 169 1.71 -22.21 -23.62
N LEU B 170 0.83 -21.58 -22.83
CA LEU B 170 -0.27 -22.32 -22.24
C LEU B 170 -1.26 -22.72 -23.32
N LEU B 171 -1.48 -21.82 -24.27
CA LEU B 171 -2.38 -22.11 -25.37
C LEU B 171 -1.87 -23.39 -26.08
N LEU B 172 -0.58 -23.39 -26.43
CA LEU B 172 0.04 -24.53 -27.11
C LEU B 172 0.07 -25.79 -26.25
N TRP B 173 0.26 -25.60 -24.95
CA TRP B 173 0.30 -26.73 -24.00
C TRP B 173 -1.07 -27.42 -23.96
N MSE B 174 -2.13 -26.63 -23.86
CA MSE B 174 -3.49 -27.16 -23.81
C MSE B 174 -3.82 -27.82 -25.14
O MSE B 174 -4.59 -28.77 -25.19
CB MSE B 174 -4.49 -26.03 -23.53
CG MSE B 174 -4.47 -25.52 -22.09
SE MSE B 174 -5.44 -26.66 -20.83
CE MSE B 174 -7.24 -26.03 -21.22
N GLN B 175 -3.24 -27.33 -26.23
CA GLN B 175 -3.47 -27.91 -27.55
C GLN B 175 -2.81 -29.28 -27.68
N LYS B 176 -1.59 -29.40 -27.16
CA LYS B 176 -0.86 -30.66 -27.23
C LYS B 176 -1.59 -31.74 -26.47
N VAL B 177 -2.15 -31.35 -25.33
CA VAL B 177 -2.86 -32.25 -24.46
C VAL B 177 -4.30 -32.58 -24.85
N TYR B 178 -5.08 -31.59 -25.30
CA TYR B 178 -6.47 -31.85 -25.64
C TYR B 178 -6.85 -31.95 -27.12
N GLY B 179 -6.04 -31.36 -27.98
CA GLY B 179 -6.35 -31.40 -29.40
C GLY B 179 -7.75 -30.91 -29.70
N ASP B 180 -8.57 -31.76 -30.31
CA ASP B 180 -9.94 -31.39 -30.66
C ASP B 180 -10.82 -31.09 -29.46
N ASP B 181 -10.41 -31.53 -28.28
CA ASP B 181 -11.20 -31.29 -27.07
C ASP B 181 -10.79 -30.01 -26.36
N ALA B 182 -9.81 -29.29 -26.90
CA ALA B 182 -9.32 -28.05 -26.30
C ALA B 182 -10.43 -27.06 -25.96
N PRO B 183 -11.37 -26.83 -26.89
CA PRO B 183 -12.46 -25.88 -26.62
C PRO B 183 -13.25 -26.26 -25.37
N GLN B 184 -13.64 -27.53 -25.26
CA GLN B 184 -14.40 -27.97 -24.10
C GLN B 184 -13.53 -27.79 -22.85
N ALA B 185 -12.26 -28.18 -22.97
CA ALA B 185 -11.31 -28.06 -21.86
C ALA B 185 -11.18 -26.60 -21.43
N TRP B 186 -11.07 -25.69 -22.39
CA TRP B 186 -10.94 -24.27 -22.08
C TRP B 186 -12.17 -23.75 -21.33
N GLN B 187 -13.35 -24.22 -21.70
CA GLN B 187 -14.58 -23.81 -21.03
C GLN B 187 -14.48 -24.20 -19.56
N LYS B 188 -14.04 -25.44 -19.33
CA LYS B 188 -13.90 -25.94 -17.98
C LYS B 188 -12.86 -25.13 -17.20
N LEU B 189 -11.71 -24.83 -17.82
CA LEU B 189 -10.70 -24.06 -17.11
C LEU B 189 -11.19 -22.65 -16.80
N ALA B 190 -11.97 -22.06 -17.72
CA ALA B 190 -12.50 -20.72 -17.51
C ALA B 190 -13.27 -20.60 -16.20
N LYS B 191 -14.00 -21.66 -15.82
CA LYS B 191 -14.76 -21.66 -14.58
C LYS B 191 -13.85 -21.56 -13.36
N LYS B 192 -12.58 -21.92 -13.54
CA LYS B 192 -11.62 -21.85 -12.45
C LYS B 192 -10.69 -20.65 -12.57
N THR B 193 -10.89 -19.84 -13.60
CA THR B 193 -10.03 -18.69 -13.85
C THR B 193 -10.43 -17.41 -13.13
N VAL B 194 -9.48 -16.87 -12.37
CA VAL B 194 -9.69 -15.64 -11.62
C VAL B 194 -9.47 -14.45 -12.54
N THR B 195 -8.44 -14.55 -13.38
CA THR B 195 -8.15 -13.48 -14.33
C THR B 195 -7.07 -13.86 -15.34
N VAL B 196 -7.03 -13.10 -16.43
CA VAL B 196 -6.04 -13.30 -17.48
C VAL B 196 -5.37 -11.95 -17.68
N THR B 197 -4.05 -11.91 -17.52
CA THR B 197 -3.31 -10.66 -17.68
C THR B 197 -2.56 -10.62 -19.01
N LYS B 198 -2.25 -9.41 -19.46
CA LYS B 198 -1.51 -9.25 -20.70
C LYS B 198 -0.08 -9.73 -20.54
N GLY B 199 0.49 -9.51 -19.36
CA GLY B 199 1.85 -9.92 -19.09
C GLY B 199 2.02 -10.78 -17.86
N TRP B 200 3.14 -11.49 -17.81
CA TRP B 200 3.46 -12.36 -16.68
C TRP B 200 3.64 -11.63 -15.35
N SER B 201 4.28 -10.48 -15.39
CA SER B 201 4.54 -9.73 -14.16
C SER B 201 3.28 -9.52 -13.32
N GLU B 202 2.22 -9.02 -13.95
CA GLU B 202 0.98 -8.77 -13.22
C GLU B 202 0.35 -10.05 -12.69
N ALA B 203 0.42 -11.12 -13.49
CA ALA B 203 -0.15 -12.40 -13.11
C ALA B 203 0.57 -13.00 -11.91
N TYR B 204 1.90 -12.97 -11.96
CA TYR B 204 2.68 -13.53 -10.86
C TYR B 204 2.45 -12.71 -9.59
N GLY B 205 2.36 -11.39 -9.74
CA GLY B 205 2.13 -10.53 -8.61
C GLY B 205 0.81 -10.79 -7.93
N LEU B 206 -0.26 -10.88 -8.71
CA LEU B 206 -1.58 -11.14 -8.14
C LEU B 206 -1.54 -12.45 -7.37
N PHE B 207 -0.87 -13.44 -7.94
CA PHE B 207 -0.71 -14.75 -7.30
C PHE B 207 -0.03 -14.62 -5.94
N LEU B 208 1.13 -13.97 -5.92
CA LEU B 208 1.89 -13.77 -4.70
C LEU B 208 1.05 -13.05 -3.65
N LYS B 209 0.13 -12.20 -4.11
CA LYS B 209 -0.75 -11.47 -3.20
C LYS B 209 -1.83 -12.39 -2.69
N GLY B 210 -1.87 -13.62 -3.20
CA GLY B 210 -2.86 -14.59 -2.76
C GLY B 210 -4.16 -14.60 -3.55
N GLU B 211 -4.18 -14.02 -4.75
CA GLU B 211 -5.41 -14.00 -5.53
C GLU B 211 -5.80 -15.27 -6.28
N SER B 212 -4.92 -16.27 -6.32
CA SER B 212 -5.24 -17.53 -6.99
C SER B 212 -4.43 -18.66 -6.36
N ASP B 213 -4.81 -19.89 -6.63
CA ASP B 213 -4.09 -21.04 -6.08
C ASP B 213 -2.92 -21.39 -6.98
N LEU B 214 -3.06 -21.11 -8.26
CA LEU B 214 -2.01 -21.41 -9.22
C LEU B 214 -1.82 -20.34 -10.26
N VAL B 215 -0.58 -20.17 -10.73
CA VAL B 215 -0.27 -19.21 -11.80
C VAL B 215 0.57 -19.91 -12.83
N LEU B 216 0.31 -19.62 -14.09
CA LEU B 216 1.12 -20.21 -15.14
C LEU B 216 2.46 -19.48 -15.07
N SER B 217 3.52 -20.24 -14.87
CA SER B 217 4.84 -19.66 -14.80
C SER B 217 5.85 -20.70 -15.29
N TYR B 218 6.99 -20.80 -14.64
CA TYR B 218 8.02 -21.76 -15.08
C TYR B 218 8.46 -22.71 -13.98
N THR B 219 9.12 -23.79 -14.39
CA THR B 219 9.62 -24.79 -13.45
C THR B 219 10.77 -24.23 -12.63
N THR B 220 11.30 -23.08 -13.06
CA THR B 220 12.42 -22.45 -12.38
C THR B 220 11.98 -21.33 -11.44
N SER B 221 10.70 -20.97 -11.50
CA SER B 221 10.20 -19.90 -10.65
C SER B 221 10.48 -20.10 -9.16
N PRO B 222 10.30 -21.33 -8.63
CA PRO B 222 10.56 -21.57 -7.21
C PRO B 222 11.95 -21.12 -6.75
N ALA B 223 12.93 -21.22 -7.64
CA ALA B 223 14.30 -20.85 -7.31
C ALA B 223 14.39 -19.42 -6.81
N TYR B 224 13.57 -18.54 -7.38
CA TYR B 224 13.57 -17.14 -6.96
C TYR B 224 13.26 -17.04 -5.47
N HIS B 225 12.19 -17.69 -5.03
CA HIS B 225 11.80 -17.65 -3.63
C HIS B 225 12.82 -18.33 -2.72
N ILE B 226 13.38 -19.44 -3.19
CA ILE B 226 14.38 -20.17 -2.43
C ILE B 226 15.64 -19.33 -2.20
N LEU B 227 16.21 -18.79 -3.28
CA LEU B 227 17.43 -18.00 -3.14
C LEU B 227 17.21 -16.60 -2.58
N GLU B 228 16.40 -15.79 -3.27
CA GLU B 228 16.17 -14.43 -2.83
C GLU B 228 15.39 -14.21 -1.54
N GLU B 229 14.27 -14.90 -1.37
CA GLU B 229 13.43 -14.72 -0.18
C GLU B 229 13.64 -15.74 0.94
N LYS B 230 14.44 -16.76 0.66
CA LYS B 230 14.71 -17.80 1.65
C LYS B 230 13.43 -18.57 2.01
N LYS B 231 12.49 -18.64 1.06
CA LYS B 231 11.24 -19.36 1.26
C LYS B 231 11.22 -20.60 0.38
N ASP B 232 10.92 -21.76 0.97
CA ASP B 232 10.89 -22.99 0.19
C ASP B 232 9.48 -23.50 -0.06
N ASN B 233 8.49 -22.75 0.39
CA ASN B 233 7.10 -23.16 0.25
C ASN B 233 6.51 -23.07 -1.16
N TYR B 234 7.22 -22.48 -2.11
CA TYR B 234 6.70 -22.38 -3.47
C TYR B 234 7.23 -23.52 -4.33
N ALA B 235 6.35 -24.13 -5.11
CA ALA B 235 6.75 -25.22 -5.97
C ALA B 235 6.03 -25.17 -7.31
N ALA B 236 6.61 -25.83 -8.29
CA ALA B 236 6.01 -25.89 -9.62
C ALA B 236 5.42 -27.29 -9.75
N ALA B 237 4.12 -27.37 -10.00
CA ALA B 237 3.44 -28.66 -10.13
C ALA B 237 3.97 -29.40 -11.34
N ASN B 238 4.18 -30.71 -11.17
CA ASN B 238 4.66 -31.55 -12.26
C ASN B 238 3.49 -32.32 -12.84
N PHE B 239 3.24 -32.11 -14.12
CA PHE B 239 2.13 -32.79 -14.79
C PHE B 239 2.64 -33.95 -15.63
N SER B 240 1.95 -35.09 -15.55
CA SER B 240 2.33 -36.29 -16.26
C SER B 240 2.40 -36.20 -17.78
N GLU B 241 1.64 -35.31 -18.42
CA GLU B 241 1.69 -35.20 -19.88
C GLU B 241 2.98 -34.55 -20.36
N GLY B 242 3.75 -34.00 -19.43
CA GLY B 242 4.99 -33.35 -19.81
C GLY B 242 4.89 -31.84 -19.78
N HIS B 243 5.98 -31.15 -20.07
CA HIS B 243 5.99 -29.71 -20.05
C HIS B 243 6.50 -29.12 -21.34
N TYR B 244 5.89 -28.03 -21.74
CA TYR B 244 6.26 -27.35 -22.97
C TYR B 244 7.55 -26.53 -22.81
N LEU B 245 8.46 -26.72 -23.76
CA LEU B 245 9.76 -26.06 -23.77
C LEU B 245 9.80 -24.72 -24.49
N GLN B 246 10.36 -23.72 -23.82
CA GLN B 246 10.49 -22.41 -24.41
C GLN B 246 11.98 -22.11 -24.51
N VAL B 247 12.41 -21.62 -25.66
CA VAL B 247 13.79 -21.23 -25.86
C VAL B 247 13.63 -19.78 -26.27
N GLU B 248 14.08 -18.84 -25.43
CA GLU B 248 13.94 -17.41 -25.75
C GLU B 248 15.07 -16.96 -26.66
N VAL B 249 14.76 -16.02 -27.54
CA VAL B 249 15.75 -15.53 -28.48
C VAL B 249 15.76 -14.02 -28.64
N ALA B 250 16.77 -13.56 -29.34
CA ALA B 250 16.95 -12.16 -29.66
C ALA B 250 17.44 -12.16 -31.11
N ALA B 251 17.27 -11.03 -31.80
CA ALA B 251 17.70 -10.93 -33.17
C ALA B 251 17.87 -9.47 -33.55
N ARG B 252 18.82 -9.19 -34.43
CA ARG B 252 19.02 -7.80 -34.82
C ARG B 252 18.16 -7.47 -36.03
N THR B 253 17.72 -6.22 -36.11
CA THR B 253 16.87 -5.80 -37.20
C THR B 253 17.66 -5.58 -38.48
N ALA B 254 17.02 -5.88 -39.61
CA ALA B 254 17.65 -5.70 -40.90
C ALA B 254 17.82 -4.21 -41.18
N ALA B 255 16.91 -3.41 -40.64
CA ALA B 255 16.96 -1.97 -40.86
C ALA B 255 17.84 -1.22 -39.87
N SER B 256 18.41 -1.94 -38.90
CA SER B 256 19.26 -1.30 -37.91
C SER B 256 20.41 -0.50 -38.51
N LYS B 257 20.59 0.73 -38.02
CA LYS B 257 21.68 1.58 -38.51
C LYS B 257 22.96 1.29 -37.73
N GLN B 258 22.99 0.15 -37.06
CA GLN B 258 24.14 -0.25 -36.28
C GLN B 258 24.34 -1.75 -36.26
N PRO B 259 24.45 -2.36 -37.44
CA PRO B 259 24.64 -3.81 -37.57
C PRO B 259 25.85 -4.37 -36.81
N GLU B 260 26.89 -3.55 -36.68
CA GLU B 260 28.11 -3.98 -35.98
C GLU B 260 27.88 -4.13 -34.49
N LEU B 261 27.44 -3.05 -33.85
CA LEU B 261 27.20 -3.06 -32.41
C LEU B 261 26.15 -4.12 -32.09
N ALA B 262 25.11 -4.19 -32.92
CA ALA B 262 24.02 -5.15 -32.74
C ALA B 262 24.54 -6.59 -32.78
N GLN B 263 25.41 -6.88 -33.73
CA GLN B 263 26.00 -8.21 -33.86
C GLN B 263 26.83 -8.48 -32.61
N LYS B 264 27.59 -7.47 -32.19
CA LYS B 264 28.43 -7.55 -31.02
C LYS B 264 27.59 -7.89 -29.79
N PHE B 265 26.41 -7.31 -29.69
CA PHE B 265 25.56 -7.59 -28.54
C PHE B 265 25.05 -9.02 -28.59
N LEU B 266 24.73 -9.51 -29.78
CA LEU B 266 24.23 -10.88 -29.91
C LEU B 266 25.28 -11.92 -29.54
N GLN B 267 26.55 -11.63 -29.81
CA GLN B 267 27.63 -12.56 -29.48
C GLN B 267 27.92 -12.50 -27.97
N PHE B 268 27.85 -11.29 -27.42
CA PHE B 268 28.09 -11.09 -25.99
C PHE B 268 26.98 -11.78 -25.19
N MSE B 269 25.78 -11.72 -25.72
CA MSE B 269 24.59 -12.30 -25.09
C MSE B 269 24.77 -13.80 -24.81
O MSE B 269 24.18 -14.37 -23.90
CB MSE B 269 23.38 -12.08 -26.00
CG MSE B 269 22.05 -12.43 -25.37
SE MSE B 269 20.60 -12.06 -26.60
CE MSE B 269 20.75 -13.68 -27.68
N VAL B 270 25.65 -14.43 -25.60
CA VAL B 270 25.92 -15.85 -25.46
C VAL B 270 27.14 -16.16 -24.61
N SER B 271 27.97 -15.15 -24.36
CA SER B 271 29.17 -15.34 -23.55
C SER B 271 28.83 -15.45 -22.07
N PRO B 272 29.78 -15.94 -21.25
CA PRO B 272 29.55 -16.09 -19.80
C PRO B 272 29.21 -14.77 -19.09
N ALA B 273 29.71 -13.66 -19.60
CA ALA B 273 29.45 -12.36 -18.99
C ALA B 273 27.96 -12.07 -18.96
N PHE B 274 27.26 -12.43 -20.03
CA PHE B 274 25.83 -12.21 -20.10
C PHE B 274 25.13 -13.37 -19.39
N GLN B 275 25.48 -14.58 -19.80
CA GLN B 275 24.88 -15.80 -19.27
C GLN B 275 24.86 -15.99 -17.76
N ASN B 276 25.91 -15.54 -17.07
CA ASN B 276 25.94 -15.70 -15.61
C ASN B 276 24.86 -14.88 -14.92
N ALA B 277 24.32 -13.89 -15.63
CA ALA B 277 23.28 -13.06 -15.04
C ALA B 277 21.90 -13.68 -15.26
N ILE B 278 21.83 -14.65 -16.17
CA ILE B 278 20.55 -15.27 -16.46
C ILE B 278 19.89 -16.07 -15.34
N PRO B 279 20.62 -17.01 -14.71
CA PRO B 279 20.02 -17.82 -13.64
C PRO B 279 19.28 -17.06 -12.52
N THR B 280 19.92 -16.07 -11.91
CA THR B 280 19.24 -15.32 -10.85
C THR B 280 18.66 -14.01 -11.35
N GLY B 281 18.86 -13.70 -12.62
CA GLY B 281 18.31 -12.48 -13.16
C GLY B 281 16.98 -12.74 -13.83
N ASN B 282 16.94 -13.78 -14.65
CA ASN B 282 15.71 -14.13 -15.36
C ASN B 282 15.07 -15.41 -14.85
N TRP B 283 15.77 -16.12 -13.97
CA TRP B 283 15.27 -17.36 -13.40
C TRP B 283 14.92 -18.37 -14.49
N MSE B 284 15.85 -18.54 -15.43
CA MSE B 284 15.69 -19.44 -16.55
C MSE B 284 17.03 -20.16 -16.73
O MSE B 284 18.05 -19.70 -16.20
CB MSE B 284 15.35 -18.64 -17.81
CG MSE B 284 14.01 -17.93 -17.78
SE MSE B 284 12.53 -19.19 -18.00
CE MSE B 284 12.54 -19.28 -19.94
N TYR B 285 17.04 -21.27 -17.46
CA TYR B 285 18.27 -22.02 -17.71
C TYR B 285 19.10 -21.30 -18.76
N PRO B 286 20.39 -21.08 -18.48
CA PRO B 286 21.27 -20.41 -19.44
C PRO B 286 21.63 -21.32 -20.62
N VAL B 287 21.95 -20.72 -21.75
CA VAL B 287 22.30 -21.47 -22.94
C VAL B 287 23.80 -21.83 -22.96
N ALA B 288 24.56 -21.27 -22.02
CA ALA B 288 25.99 -21.55 -21.92
C ALA B 288 26.27 -22.42 -20.69
N ASN B 289 27.37 -23.17 -20.71
CA ASN B 289 27.73 -24.04 -19.59
C ASN B 289 28.27 -23.19 -18.45
N VAL B 290 27.37 -22.56 -17.73
CA VAL B 290 27.72 -21.68 -16.63
C VAL B 290 27.30 -22.31 -15.31
N THR B 291 27.74 -21.71 -14.19
CA THR B 291 27.40 -22.20 -12.87
C THR B 291 25.95 -21.85 -12.52
N LEU B 292 25.25 -22.78 -11.89
CA LEU B 292 23.86 -22.57 -11.49
C LEU B 292 23.82 -22.32 -9.98
N PRO B 293 22.96 -21.39 -9.55
CA PRO B 293 22.85 -21.09 -8.12
C PRO B 293 22.29 -22.25 -7.30
N ALA B 294 22.44 -22.16 -5.98
CA ALA B 294 21.92 -23.20 -5.09
C ALA B 294 20.41 -22.93 -5.01
N GLY B 295 19.64 -23.88 -5.55
CA GLY B 295 18.19 -23.72 -5.56
C GLY B 295 17.68 -24.43 -6.80
N PHE B 296 18.47 -24.38 -7.87
CA PHE B 296 18.09 -25.05 -9.10
C PHE B 296 18.10 -26.55 -8.90
N GLU B 297 18.85 -27.02 -7.90
CA GLU B 297 18.89 -28.45 -7.64
C GLU B 297 17.69 -28.89 -6.83
N LYS B 298 16.83 -27.95 -6.47
CA LYS B 298 15.61 -28.27 -5.74
C LYS B 298 14.48 -28.30 -6.75
N LEU B 299 14.81 -27.94 -7.98
CA LEU B 299 13.86 -27.90 -9.08
C LEU B 299 13.69 -29.26 -9.74
N THR B 300 12.62 -29.39 -10.52
CA THR B 300 12.33 -30.64 -11.20
C THR B 300 12.31 -30.47 -12.70
N LYS B 301 13.18 -31.20 -13.39
CA LYS B 301 13.20 -31.13 -14.84
C LYS B 301 12.10 -32.07 -15.34
N PRO B 302 11.25 -31.61 -16.26
CA PRO B 302 10.16 -32.45 -16.77
C PRO B 302 10.60 -33.77 -17.41
N ALA B 303 9.93 -34.84 -17.01
CA ALA B 303 10.21 -36.17 -17.52
C ALA B 303 9.85 -36.26 -19.01
N THR B 304 8.93 -35.41 -19.43
CA THR B 304 8.51 -35.38 -20.82
C THR B 304 8.47 -33.94 -21.32
N THR B 305 9.08 -33.70 -22.48
CA THR B 305 9.14 -32.37 -23.07
C THR B 305 8.18 -32.32 -24.25
N LEU B 306 7.50 -31.20 -24.40
CA LEU B 306 6.55 -31.02 -25.48
C LEU B 306 7.01 -29.87 -26.35
N GLU B 307 6.65 -29.88 -27.63
CA GLU B 307 7.09 -28.83 -28.52
C GLU B 307 6.46 -28.89 -29.90
N PHE B 308 6.17 -27.72 -30.45
CA PHE B 308 5.62 -27.60 -31.79
C PHE B 308 6.75 -26.96 -32.58
N THR B 309 6.82 -27.20 -33.88
CA THR B 309 7.84 -26.56 -34.70
C THR B 309 7.33 -25.13 -34.89
N PRO B 310 8.24 -24.17 -35.05
CA PRO B 310 7.79 -22.78 -35.24
C PRO B 310 6.73 -22.72 -36.34
N ALA B 311 6.97 -23.44 -37.42
CA ALA B 311 6.06 -23.49 -38.55
C ALA B 311 4.66 -23.93 -38.15
N GLU B 312 4.57 -25.01 -37.38
CA GLU B 312 3.28 -25.50 -36.92
C GLU B 312 2.55 -24.42 -36.11
N VAL B 313 3.27 -23.78 -35.19
CA VAL B 313 2.66 -22.74 -34.37
C VAL B 313 2.09 -21.58 -35.20
N ALA B 314 2.90 -21.09 -36.13
CA ALA B 314 2.51 -20.00 -37.00
C ALA B 314 1.26 -20.28 -37.84
N ALA B 315 1.18 -21.49 -38.38
CA ALA B 315 0.04 -21.85 -39.22
C ALA B 315 -1.27 -22.05 -38.46
N GLN B 316 -1.20 -22.34 -37.17
CA GLN B 316 -2.41 -22.60 -36.39
C GLN B 316 -2.72 -21.75 -35.15
N ARG B 317 -1.85 -20.79 -34.80
CA ARG B 317 -2.14 -20.03 -33.60
C ARG B 317 -3.37 -19.13 -33.70
N GLN B 318 -3.60 -18.52 -34.85
CA GLN B 318 -4.76 -17.64 -34.99
C GLN B 318 -6.07 -18.40 -34.74
N ALA B 319 -6.22 -19.56 -35.36
CA ALA B 319 -7.42 -20.35 -35.17
C ALA B 319 -7.52 -20.85 -33.72
N TRP B 320 -6.39 -21.22 -33.14
CA TRP B 320 -6.41 -21.71 -31.75
C TRP B 320 -6.71 -20.60 -30.75
N ILE B 321 -6.28 -19.38 -31.05
CA ILE B 321 -6.54 -18.26 -30.16
C ILE B 321 -8.01 -17.89 -30.25
N SER B 322 -8.54 -17.91 -31.48
CA SER B 322 -9.95 -17.60 -31.71
C SER B 322 -10.81 -18.62 -30.95
N GLU B 323 -10.43 -19.89 -31.01
CA GLU B 323 -11.16 -20.94 -30.30
C GLU B 323 -11.06 -20.72 -28.80
N TRP B 324 -9.86 -20.36 -28.35
CA TRP B 324 -9.61 -20.10 -26.93
C TRP B 324 -10.48 -18.95 -26.42
N GLN B 325 -10.41 -17.82 -27.10
CA GLN B 325 -11.15 -16.64 -26.68
C GLN B 325 -12.66 -16.89 -26.62
N ARG B 326 -13.20 -17.58 -27.61
CA ARG B 326 -14.62 -17.88 -27.60
C ARG B 326 -14.95 -18.70 -26.35
N ALA B 327 -14.15 -19.74 -26.12
CA ALA B 327 -14.35 -20.64 -24.99
C ALA B 327 -14.22 -20.04 -23.58
N VAL B 328 -13.33 -19.08 -23.38
CA VAL B 328 -13.16 -18.52 -22.03
C VAL B 328 -13.85 -17.18 -21.75
N SER B 329 -14.54 -16.62 -22.73
CA SER B 329 -15.21 -15.33 -22.54
C SER B 329 -16.71 -15.44 -22.22
N ARG B 330 -17.19 -14.51 -21.40
CA ARG B 330 -18.61 -14.50 -21.02
C ARG B 330 -19.42 -13.91 -22.19
N GLY C 13 -14.71 30.17 34.35
CA GLY C 13 -15.11 31.43 33.65
C GLY C 13 -15.92 31.18 32.39
N LEU C 14 -15.70 32.01 31.36
CA LEU C 14 -16.44 31.85 30.11
C LEU C 14 -16.04 30.54 29.41
N VAL C 15 -16.96 30.00 28.60
CA VAL C 15 -16.73 28.73 27.91
C VAL C 15 -16.21 28.83 26.48
N PRO C 16 -15.50 27.78 26.02
CA PRO C 16 -14.95 27.75 24.64
C PRO C 16 -16.12 27.72 23.66
N ARG C 17 -16.13 28.66 22.72
CA ARG C 17 -17.20 28.78 21.75
C ARG C 17 -16.87 28.21 20.37
N GLY C 18 -17.89 27.69 19.71
CA GLY C 18 -17.72 27.15 18.38
C GLY C 18 -18.23 28.16 17.37
N SER C 19 -18.66 27.67 16.21
CA SER C 19 -19.16 28.55 15.15
C SER C 19 -20.26 29.54 15.57
N HIS C 20 -21.49 29.07 15.72
CA HIS C 20 -22.58 29.96 16.09
C HIS C 20 -22.85 30.08 17.59
N MSE C 21 -21.82 30.51 18.34
CA MSE C 21 -21.94 30.66 19.78
C MSE C 21 -22.16 29.34 20.49
O MSE C 21 -22.41 29.30 21.69
CB MSE C 21 -23.08 31.61 20.14
CG MSE C 21 -22.72 33.07 19.93
SE MSE C 21 -21.19 33.50 21.01
CE MSE C 21 -22.09 33.58 22.74
N LYS C 22 -22.06 28.24 19.74
CA LYS C 22 -22.25 26.92 20.31
C LYS C 22 -21.07 26.56 21.21
N PRO C 23 -21.34 26.20 22.47
CA PRO C 23 -20.23 25.85 23.37
C PRO C 23 -19.60 24.57 22.86
N VAL C 24 -18.29 24.45 23.04
CA VAL C 24 -17.57 23.27 22.59
C VAL C 24 -17.28 22.36 23.77
N LEU C 25 -17.81 21.14 23.70
CA LEU C 25 -17.58 20.15 24.74
C LEU C 25 -16.48 19.21 24.29
N THR C 26 -15.40 19.13 25.07
CA THR C 26 -14.29 18.26 24.74
C THR C 26 -14.39 16.90 25.41
N VAL C 27 -14.39 15.86 24.60
CA VAL C 27 -14.47 14.49 25.09
C VAL C 27 -13.25 13.69 24.62
N TYR C 28 -12.43 13.25 25.56
CA TYR C 28 -11.25 12.45 25.23
C TYR C 28 -11.72 10.99 25.07
N THR C 29 -11.15 10.28 24.11
CA THR C 29 -11.50 8.88 23.90
C THR C 29 -10.43 8.17 23.09
N TYR C 30 -10.63 6.90 22.78
CA TYR C 30 -9.65 6.15 22.02
C TYR C 30 -9.91 6.30 20.52
N ASP C 31 -8.91 5.99 19.70
CA ASP C 31 -9.06 6.18 18.26
C ASP C 31 -10.15 5.44 17.52
N SER C 32 -10.46 4.20 17.89
CA SER C 32 -11.50 3.49 17.16
C SER C 32 -12.91 4.04 17.42
N PHE C 33 -13.08 4.79 18.51
CA PHE C 33 -14.40 5.34 18.79
C PHE C 33 -14.60 6.64 18.00
N ALA C 34 -13.55 7.46 17.98
CA ALA C 34 -13.57 8.75 17.30
C ALA C 34 -13.29 8.68 15.81
N ALA C 35 -12.78 7.53 15.35
CA ALA C 35 -12.48 7.36 13.94
C ALA C 35 -13.68 7.62 13.05
N ASP C 36 -13.39 8.10 11.85
CA ASP C 36 -14.43 8.38 10.89
C ASP C 36 -15.18 7.09 10.56
N TRP C 37 -14.52 5.95 10.77
CA TRP C 37 -15.14 4.66 10.50
C TRP C 37 -15.84 4.08 11.73
N GLY C 38 -15.67 4.73 12.87
CA GLY C 38 -16.29 4.23 14.09
C GLY C 38 -17.61 4.93 14.39
N PRO C 39 -18.06 4.90 15.64
CA PRO C 39 -19.30 5.52 16.09
C PRO C 39 -19.21 7.04 16.35
N GLY C 40 -17.99 7.56 16.37
CA GLY C 40 -17.78 8.97 16.63
C GLY C 40 -18.67 9.95 15.86
N PRO C 41 -18.65 9.91 14.52
CA PRO C 41 -19.43 10.78 13.64
C PRO C 41 -20.95 10.74 13.85
N VAL C 42 -21.49 9.55 14.04
CA VAL C 42 -22.93 9.38 14.25
C VAL C 42 -23.33 9.93 15.61
N VAL C 43 -22.47 9.71 16.59
CA VAL C 43 -22.71 10.17 17.95
C VAL C 43 -22.61 11.69 18.04
N LYS C 44 -21.65 12.25 17.31
CA LYS C 44 -21.44 13.69 17.29
C LYS C 44 -22.71 14.40 16.81
N LYS C 45 -23.21 13.98 15.64
CA LYS C 45 -24.41 14.57 15.08
C LYS C 45 -25.64 14.38 15.96
N ALA C 46 -25.82 13.18 16.50
CA ALA C 46 -26.97 12.90 17.35
C ALA C 46 -27.03 13.90 18.50
N PHE C 47 -25.89 14.08 19.16
CA PHE C 47 -25.84 14.99 20.29
C PHE C 47 -26.05 16.44 19.89
N GLU C 48 -25.44 16.85 18.78
CA GLU C 48 -25.60 18.21 18.30
C GLU C 48 -27.03 18.47 17.82
N ALA C 49 -27.79 17.41 17.60
CA ALA C 49 -29.17 17.58 17.15
C ALA C 49 -30.00 17.96 18.37
N ASP C 50 -29.55 17.51 19.53
CA ASP C 50 -30.24 17.78 20.78
C ASP C 50 -29.75 19.06 21.48
N CYS C 51 -28.46 19.12 21.82
CA CYS C 51 -27.90 20.28 22.50
C CYS C 51 -27.27 21.30 21.58
N ASN C 52 -27.55 22.58 21.82
CA ASN C 52 -26.98 23.66 21.03
C ASN C 52 -25.52 23.70 21.45
N CYS C 53 -24.73 22.83 20.87
CA CYS C 53 -23.32 22.72 21.19
C CYS C 53 -22.57 22.05 20.05
N GLU C 54 -21.27 21.94 20.20
CA GLU C 54 -20.48 21.25 19.20
C GLU C 54 -19.67 20.22 19.99
N LEU C 55 -19.80 18.96 19.59
CA LEU C 55 -19.11 17.87 20.25
C LEU C 55 -17.76 17.60 19.62
N LYS C 56 -16.71 17.82 20.40
CA LYS C 56 -15.35 17.61 19.95
C LYS C 56 -14.78 16.30 20.52
N LEU C 57 -14.84 15.24 19.72
CA LEU C 57 -14.31 13.95 20.14
C LEU C 57 -12.84 13.87 19.74
N VAL C 58 -11.97 13.64 20.70
CA VAL C 58 -10.54 13.54 20.41
C VAL C 58 -9.99 12.15 20.74
N ALA C 59 -9.37 11.51 19.75
CA ALA C 59 -8.77 10.18 19.95
C ALA C 59 -7.40 10.46 20.57
N LEU C 60 -7.37 10.54 21.89
CA LEU C 60 -6.16 10.86 22.62
C LEU C 60 -5.19 9.71 22.86
N GLU C 61 -5.71 8.63 23.43
CA GLU C 61 -4.90 7.47 23.75
C GLU C 61 -5.82 6.26 23.77
N ASP C 62 -5.23 5.09 23.99
CA ASP C 62 -6.01 3.88 24.10
C ASP C 62 -6.61 3.85 25.51
N GLY C 63 -7.59 2.98 25.72
CA GLY C 63 -8.26 2.85 26.99
C GLY C 63 -7.52 3.16 28.28
N VAL C 64 -6.54 2.32 28.62
CA VAL C 64 -5.78 2.50 29.85
C VAL C 64 -4.92 3.75 29.84
N SER C 65 -4.29 4.04 28.72
CA SER C 65 -3.46 5.24 28.60
C SER C 65 -4.31 6.52 28.75
N LEU C 66 -5.61 6.41 28.45
CA LEU C 66 -6.49 7.57 28.58
C LEU C 66 -6.44 8.09 30.01
N LEU C 67 -6.62 7.20 30.97
CA LEU C 67 -6.60 7.57 32.38
C LEU C 67 -5.23 8.10 32.78
N ASN C 68 -4.18 7.38 32.35
CA ASN C 68 -2.81 7.75 32.65
C ASN C 68 -2.48 9.16 32.20
N ARG C 69 -2.83 9.47 30.96
CA ARG C 69 -2.55 10.79 30.43
C ARG C 69 -3.35 11.86 31.15
N LEU C 70 -4.63 11.59 31.44
CA LEU C 70 -5.45 12.59 32.13
C LEU C 70 -4.82 12.91 33.49
N ARG C 71 -4.30 11.89 34.16
CA ARG C 71 -3.67 12.09 35.46
C ARG C 71 -2.47 13.02 35.41
N MSE C 72 -1.79 13.08 34.26
CA MSE C 72 -0.63 13.94 34.12
C MSE C 72 -1.01 15.33 33.64
O MSE C 72 -0.25 16.27 33.83
CB MSE C 72 0.37 13.30 33.15
CG MSE C 72 1.10 12.12 33.76
SE MSE C 72 2.31 11.19 32.57
CE MSE C 72 2.48 9.54 33.58
N GLU C 73 -2.18 15.47 33.03
CA GLU C 73 -2.62 16.78 32.59
C GLU C 73 -3.18 17.51 33.80
N GLY C 74 -3.74 16.76 34.74
CA GLY C 74 -4.29 17.35 35.94
C GLY C 74 -5.55 18.18 35.76
N LYS C 75 -5.71 19.18 36.63
CA LYS C 75 -6.87 20.06 36.59
C LYS C 75 -6.89 20.98 35.40
N ASN C 76 -5.74 21.15 34.74
CA ASN C 76 -5.67 22.02 33.57
C ASN C 76 -5.82 21.27 32.26
N SER C 77 -6.42 20.09 32.32
CA SER C 77 -6.67 19.27 31.14
C SER C 77 -7.79 19.96 30.36
N LYS C 78 -7.86 19.75 29.05
CA LYS C 78 -8.92 20.39 28.28
C LYS C 78 -10.16 19.50 28.19
N ALA C 79 -10.10 18.33 28.82
CA ALA C 79 -11.21 17.40 28.78
C ALA C 79 -12.39 17.76 29.68
N ASP C 80 -13.59 17.60 29.15
CA ASP C 80 -14.82 17.84 29.90
C ASP C 80 -15.36 16.46 30.23
N VAL C 81 -15.09 15.52 29.32
CA VAL C 81 -15.54 14.14 29.46
C VAL C 81 -14.49 13.19 28.93
N VAL C 82 -14.33 12.07 29.61
CA VAL C 82 -13.41 11.03 29.17
C VAL C 82 -14.35 9.86 28.87
N LEU C 83 -14.35 9.40 27.62
CA LEU C 83 -15.22 8.30 27.22
C LEU C 83 -14.33 7.16 26.75
N GLY C 84 -14.42 6.02 27.42
CA GLY C 84 -13.60 4.90 27.01
C GLY C 84 -12.87 4.15 28.09
N LEU C 85 -13.02 4.57 29.35
CA LEU C 85 -12.39 3.80 30.42
C LEU C 85 -13.32 2.60 30.54
N ASP C 86 -13.07 1.71 31.48
CA ASP C 86 -13.98 0.57 31.59
C ASP C 86 -14.03 0.04 33.01
N ASN C 87 -14.82 -1.02 33.21
CA ASN C 87 -14.99 -1.62 34.53
C ASN C 87 -13.71 -2.01 35.25
N ASN C 88 -12.66 -2.35 34.52
CA ASN C 88 -11.41 -2.74 35.16
C ASN C 88 -10.58 -1.56 35.69
N LEU C 89 -10.95 -0.34 35.31
CA LEU C 89 -10.21 0.84 35.72
C LEU C 89 -10.93 1.69 36.77
N LEU C 90 -12.19 1.41 37.02
CA LEU C 90 -12.99 2.17 37.98
C LEU C 90 -12.26 2.61 39.23
N ASP C 91 -11.67 1.65 39.95
CA ASP C 91 -10.98 1.97 41.19
C ASP C 91 -9.89 3.00 41.02
N ALA C 92 -8.97 2.75 40.08
CA ALA C 92 -7.88 3.68 39.83
C ALA C 92 -8.43 5.03 39.38
N ALA C 93 -9.42 5.02 38.50
CA ALA C 93 -10.01 6.27 38.01
C ALA C 93 -10.61 7.05 39.18
N SER C 94 -11.22 6.32 40.10
CA SER C 94 -11.85 6.93 41.26
C SER C 94 -10.87 7.59 42.25
N LYS C 95 -9.85 6.87 42.69
CA LYS C 95 -8.87 7.42 43.64
C LYS C 95 -8.22 8.67 43.09
N THR C 96 -8.24 8.78 41.77
CA THR C 96 -7.67 9.91 41.06
C THR C 96 -8.33 11.24 41.47
N GLY C 97 -9.65 11.21 41.67
CA GLY C 97 -10.35 12.42 42.07
C GLY C 97 -10.64 13.37 40.90
N LEU C 98 -10.22 12.99 39.70
CA LEU C 98 -10.43 13.83 38.52
C LEU C 98 -11.89 13.86 38.07
N PHE C 99 -12.67 12.90 38.52
CA PHE C 99 -14.06 12.82 38.10
C PHE C 99 -15.10 13.17 39.16
N ALA C 100 -16.20 13.75 38.70
CA ALA C 100 -17.32 14.14 39.57
C ALA C 100 -18.49 13.23 39.29
N LYS C 101 -19.56 13.37 40.07
CA LYS C 101 -20.75 12.54 39.89
C LYS C 101 -21.41 12.84 38.54
N SER C 102 -21.93 11.80 37.91
CA SER C 102 -22.57 11.92 36.60
C SER C 102 -23.97 12.51 36.68
N GLY C 103 -24.69 12.13 37.72
CA GLY C 103 -26.05 12.59 37.88
C GLY C 103 -26.98 11.79 36.99
N VAL C 104 -26.51 10.67 36.48
CA VAL C 104 -27.30 9.82 35.61
C VAL C 104 -27.98 8.66 36.35
N ALA C 105 -29.25 8.44 36.04
CA ALA C 105 -30.04 7.38 36.66
C ALA C 105 -29.48 5.97 36.48
N ALA C 106 -29.31 5.26 37.60
CA ALA C 106 -28.78 3.91 37.58
C ALA C 106 -29.73 2.90 36.94
N ASP C 107 -31.00 3.27 36.83
CA ASP C 107 -32.02 2.41 36.24
C ASP C 107 -32.05 2.59 34.72
N ALA C 108 -31.38 3.63 34.24
CA ALA C 108 -31.33 3.90 32.81
C ALA C 108 -30.34 2.94 32.16
N VAL C 109 -29.60 2.20 32.99
CA VAL C 109 -28.60 1.26 32.53
C VAL C 109 -28.91 -0.21 32.83
N ASN C 110 -28.76 -1.06 31.82
CA ASN C 110 -29.01 -2.48 31.97
C ASN C 110 -27.78 -3.24 31.47
N VAL C 111 -26.94 -3.67 32.41
CA VAL C 111 -25.71 -4.36 32.06
C VAL C 111 -25.52 -5.66 32.84
N PRO C 112 -24.79 -6.63 32.25
CA PRO C 112 -24.55 -7.91 32.92
C PRO C 112 -23.96 -7.74 34.33
N GLY C 113 -24.62 -8.34 35.32
CA GLY C 113 -24.11 -8.25 36.68
C GLY C 113 -24.54 -7.00 37.44
N GLY C 114 -25.30 -6.14 36.77
CA GLY C 114 -25.76 -4.93 37.41
C GLY C 114 -24.74 -3.82 37.38
N TRP C 115 -25.18 -2.63 37.79
CA TRP C 115 -24.30 -1.46 37.82
C TRP C 115 -24.84 -0.47 38.82
N ASN C 116 -23.95 0.12 39.61
CA ASN C 116 -24.36 1.08 40.62
C ASN C 116 -23.20 2.00 40.98
N ASN C 117 -22.89 2.94 40.09
CA ASN C 117 -21.81 3.89 40.34
C ASN C 117 -22.38 5.27 40.09
N ASP C 118 -22.12 6.19 40.99
CA ASP C 118 -22.65 7.54 40.84
C ASP C 118 -21.74 8.42 39.98
N THR C 119 -20.64 7.86 39.49
CA THR C 119 -19.71 8.64 38.69
C THR C 119 -19.48 8.15 37.26
N PHE C 120 -19.20 6.86 37.11
CA PHE C 120 -18.93 6.30 35.79
C PHE C 120 -20.16 5.70 35.14
N VAL C 121 -20.50 6.24 33.97
CA VAL C 121 -21.67 5.80 33.24
C VAL C 121 -21.31 4.84 32.11
N PRO C 122 -21.95 3.66 32.09
CA PRO C 122 -21.69 2.66 31.05
C PRO C 122 -22.34 3.10 29.75
N PHE C 123 -21.66 2.89 28.62
CA PHE C 123 -22.25 3.25 27.34
C PHE C 123 -22.39 2.00 26.46
N ASP C 124 -21.58 0.98 26.72
CA ASP C 124 -21.69 -0.29 26.01
C ASP C 124 -20.95 -1.38 26.77
N TYR C 125 -21.15 -2.64 26.38
CA TYR C 125 -20.44 -3.74 27.04
C TYR C 125 -20.10 -4.86 26.07
N GLY C 126 -19.26 -5.78 26.51
CA GLY C 126 -18.87 -6.87 25.65
C GLY C 126 -18.02 -7.92 26.35
N TYR C 127 -17.51 -8.86 25.56
CA TYR C 127 -16.69 -9.94 26.09
C TYR C 127 -15.48 -10.10 25.19
N PHE C 128 -14.30 -10.23 25.80
CA PHE C 128 -13.08 -10.40 25.03
C PHE C 128 -13.03 -11.82 24.49
N ALA C 129 -12.46 -11.98 23.30
CA ALA C 129 -12.33 -13.27 22.67
C ALA C 129 -11.36 -13.18 21.50
N PHE C 130 -10.64 -14.27 21.24
CA PHE C 130 -9.72 -14.28 20.10
C PHE C 130 -10.54 -14.55 18.86
N VAL C 131 -10.31 -13.74 17.84
CA VAL C 131 -11.03 -13.88 16.57
C VAL C 131 -10.12 -14.56 15.57
N TYR C 132 -10.71 -15.27 14.61
CA TYR C 132 -9.93 -15.96 13.60
C TYR C 132 -10.70 -16.07 12.29
N ASP C 133 -10.00 -16.45 11.23
CA ASP C 133 -10.60 -16.61 9.91
C ASP C 133 -10.91 -18.07 9.66
N LYS C 134 -12.18 -18.47 9.84
CA LYS C 134 -12.58 -19.86 9.63
C LYS C 134 -12.05 -20.45 8.32
N ASN C 135 -11.95 -19.64 7.28
CA ASN C 135 -11.43 -20.13 6.01
C ASN C 135 -9.95 -20.47 6.11
N LYS C 136 -9.26 -19.85 7.08
CA LYS C 136 -7.84 -20.06 7.26
C LYS C 136 -7.45 -20.88 8.50
N LEU C 137 -8.37 -21.00 9.46
CA LEU C 137 -8.08 -21.77 10.67
C LEU C 137 -9.15 -22.85 10.81
N LYS C 138 -8.79 -24.04 10.35
CA LYS C 138 -9.67 -25.21 10.37
C LYS C 138 -10.13 -25.65 11.76
N ASN C 139 -9.19 -25.79 12.70
CA ASN C 139 -9.56 -26.24 14.03
C ASN C 139 -9.00 -25.34 15.13
N PRO C 140 -9.67 -24.21 15.41
CA PRO C 140 -9.26 -23.24 16.43
C PRO C 140 -9.31 -23.83 17.84
N PRO C 141 -8.63 -23.19 18.80
CA PRO C 141 -8.61 -23.67 20.19
C PRO C 141 -10.03 -23.57 20.75
N GLN C 142 -10.35 -24.39 21.75
CA GLN C 142 -11.69 -24.36 22.34
C GLN C 142 -11.70 -23.91 23.80
N SER C 143 -10.55 -23.43 24.26
CA SER C 143 -10.41 -22.93 25.63
C SER C 143 -9.16 -22.08 25.71
N LEU C 144 -9.05 -21.29 26.76
CA LEU C 144 -7.89 -20.42 26.96
C LEU C 144 -6.64 -21.29 27.12
N LYS C 145 -6.81 -22.40 27.84
CA LYS C 145 -5.70 -23.30 28.08
C LYS C 145 -5.20 -24.02 26.84
N GLU C 146 -6.11 -24.39 25.94
CA GLU C 146 -5.69 -25.07 24.73
C GLU C 146 -4.86 -24.10 23.90
N LEU C 147 -5.27 -22.83 23.90
CA LEU C 147 -4.57 -21.80 23.14
C LEU C 147 -3.15 -21.68 23.64
N VAL C 148 -3.00 -21.66 24.95
CA VAL C 148 -1.71 -21.53 25.59
C VAL C 148 -0.82 -22.78 25.54
N GLU C 149 -1.43 -23.93 25.76
CA GLU C 149 -0.69 -25.20 25.80
C GLU C 149 -0.58 -26.07 24.57
N SER C 150 -1.48 -25.92 23.60
CA SER C 150 -1.43 -26.75 22.41
C SER C 150 -0.12 -26.69 21.65
N ASP C 151 0.28 -27.83 21.08
CA ASP C 151 1.51 -27.90 20.30
C ASP C 151 1.27 -27.23 18.95
N GLN C 152 0.02 -27.06 18.59
CA GLN C 152 -0.34 -26.42 17.34
C GLN C 152 0.32 -25.04 17.30
N ASN C 153 0.94 -24.72 16.17
CA ASN C 153 1.62 -23.44 16.03
C ASN C 153 0.73 -22.27 15.61
N TRP C 154 -0.24 -21.93 16.45
CA TRP C 154 -1.12 -20.81 16.16
C TRP C 154 -0.33 -19.53 16.42
N ARG C 155 -0.48 -18.56 15.53
CA ARG C 155 0.19 -17.28 15.68
C ARG C 155 -0.83 -16.37 16.35
N VAL C 156 -0.38 -15.64 17.36
CA VAL C 156 -1.27 -14.76 18.10
C VAL C 156 -0.79 -13.31 18.22
N ILE C 157 -1.76 -12.40 18.25
CA ILE C 157 -1.48 -10.98 18.40
C ILE C 157 -2.46 -10.43 19.43
N TYR C 158 -1.96 -9.61 20.36
CA TYR C 158 -2.82 -9.02 21.36
C TYR C 158 -2.31 -7.64 21.72
N GLN C 159 -3.00 -6.97 22.64
CA GLN C 159 -2.61 -5.62 23.02
C GLN C 159 -1.90 -5.52 24.37
N ASP C 160 -1.17 -4.43 24.54
CA ASP C 160 -0.41 -4.15 25.75
C ASP C 160 -1.37 -3.78 26.89
N PRO C 161 -1.40 -4.60 27.95
CA PRO C 161 -2.28 -4.33 29.09
C PRO C 161 -1.99 -3.02 29.83
N ARG C 162 -0.88 -2.37 29.51
CA ARG C 162 -0.54 -1.12 30.16
C ARG C 162 -1.13 0.09 29.43
N THR C 163 -1.69 -0.14 28.25
CA THR C 163 -2.25 0.95 27.46
C THR C 163 -3.64 0.68 26.90
N SER C 164 -3.91 -0.58 26.60
CA SER C 164 -5.17 -0.98 25.99
C SER C 164 -6.11 -1.74 26.92
N THR C 165 -7.39 -1.37 26.94
CA THR C 165 -8.34 -2.06 27.79
C THR C 165 -8.45 -3.52 27.38
N PRO C 166 -8.52 -3.80 26.07
CA PRO C 166 -8.60 -5.21 25.65
C PRO C 166 -7.37 -5.95 26.18
N GLY C 167 -6.22 -5.27 26.12
CA GLY C 167 -4.99 -5.86 26.61
C GLY C 167 -5.13 -6.18 28.08
N LEU C 168 -5.62 -5.22 28.86
CA LEU C 168 -5.82 -5.44 30.28
C LEU C 168 -6.84 -6.57 30.46
N GLY C 169 -7.80 -6.63 29.54
CA GLY C 169 -8.80 -7.68 29.60
C GLY C 169 -8.16 -9.06 29.49
N LEU C 170 -7.22 -9.22 28.55
CA LEU C 170 -6.55 -10.50 28.36
C LEU C 170 -5.75 -10.83 29.63
N LEU C 171 -5.06 -9.82 30.14
CA LEU C 171 -4.25 -9.99 31.35
C LEU C 171 -5.12 -10.56 32.48
N LEU C 172 -6.27 -9.94 32.71
CA LEU C 172 -7.15 -10.40 33.77
C LEU C 172 -7.78 -11.75 33.45
N TRP C 173 -8.00 -12.00 32.17
CA TRP C 173 -8.59 -13.27 31.71
C TRP C 173 -7.61 -14.42 32.02
N MSE C 174 -6.33 -14.20 31.71
CA MSE C 174 -5.31 -15.20 31.97
C MSE C 174 -5.18 -15.42 33.48
O MSE C 174 -4.91 -16.54 33.92
CB MSE C 174 -3.97 -14.74 31.39
CG MSE C 174 -3.89 -14.85 29.87
SE MSE C 174 -3.63 -16.68 29.26
CE MSE C 174 -1.69 -16.72 29.43
N GLN C 175 -5.38 -14.36 34.25
CA GLN C 175 -5.29 -14.42 35.70
C GLN C 175 -6.41 -15.28 36.28
N LYS C 176 -7.62 -15.11 35.76
CA LYS C 176 -8.79 -15.87 36.21
C LYS C 176 -8.63 -17.36 35.93
N VAL C 177 -8.16 -17.67 34.72
CA VAL C 177 -7.99 -19.05 34.29
C VAL C 177 -6.78 -19.76 34.91
N TYR C 178 -5.68 -19.03 35.11
CA TYR C 178 -4.46 -19.61 35.67
C TYR C 178 -4.06 -19.22 37.10
N GLY C 179 -4.50 -18.07 37.58
CA GLY C 179 -4.16 -17.67 38.93
C GLY C 179 -2.67 -17.51 39.15
N ASP C 180 -2.15 -18.19 40.17
CA ASP C 180 -0.72 -18.12 40.49
C ASP C 180 0.16 -18.74 39.42
N ASP C 181 -0.40 -19.62 38.61
CA ASP C 181 0.34 -20.28 37.54
C ASP C 181 0.33 -19.50 36.22
N ALA C 182 -0.09 -18.22 36.29
CA ALA C 182 -0.15 -17.39 35.09
C ALA C 182 1.23 -17.12 34.50
N PRO C 183 2.21 -16.76 35.35
CA PRO C 183 3.55 -16.50 34.83
C PRO C 183 3.99 -17.59 33.87
N GLN C 184 3.84 -18.84 34.27
CA GLN C 184 4.22 -19.96 33.41
C GLN C 184 3.38 -20.00 32.14
N ALA C 185 2.10 -19.68 32.25
CA ALA C 185 1.23 -19.70 31.07
C ALA C 185 1.66 -18.64 30.06
N TRP C 186 2.00 -17.45 30.54
CA TRP C 186 2.42 -16.40 29.64
C TRP C 186 3.65 -16.79 28.83
N GLN C 187 4.59 -17.49 29.46
CA GLN C 187 5.80 -17.94 28.77
C GLN C 187 5.44 -18.81 27.58
N LYS C 188 4.46 -19.69 27.76
CA LYS C 188 4.01 -20.57 26.69
C LYS C 188 3.32 -19.75 25.58
N LEU C 189 2.48 -18.81 25.98
CA LEU C 189 1.78 -17.98 25.00
C LEU C 189 2.77 -17.09 24.26
N ALA C 190 3.82 -16.67 24.95
CA ALA C 190 4.84 -15.82 24.33
C ALA C 190 5.39 -16.49 23.07
N LYS C 191 5.64 -17.80 23.15
CA LYS C 191 6.17 -18.55 22.00
C LYS C 191 5.25 -18.49 20.79
N LYS C 192 3.97 -18.24 21.00
CA LYS C 192 3.01 -18.15 19.90
C LYS C 192 2.67 -16.72 19.55
N THR C 193 3.30 -15.76 20.23
CA THR C 193 3.01 -14.36 19.99
C THR C 193 3.82 -13.75 18.85
N VAL C 194 3.12 -13.19 17.87
CA VAL C 194 3.73 -12.55 16.71
C VAL C 194 4.12 -11.12 17.07
N THR C 195 3.25 -10.46 17.83
CA THR C 195 3.53 -9.10 18.27
C THR C 195 2.47 -8.66 19.28
N VAL C 196 2.78 -7.57 19.98
CA VAL C 196 1.89 -6.99 20.98
C VAL C 196 1.83 -5.50 20.66
N THR C 197 0.64 -5.00 20.36
CA THR C 197 0.45 -3.59 20.01
C THR C 197 -0.02 -2.76 21.19
N LYS C 198 0.14 -1.44 21.07
CA LYS C 198 -0.31 -0.57 22.14
C LYS C 198 -1.83 -0.44 22.11
N GLY C 199 -2.39 -0.52 20.91
CA GLY C 199 -3.84 -0.40 20.76
C GLY C 199 -4.47 -1.49 19.92
N TRP C 200 -5.78 -1.63 20.04
CA TRP C 200 -6.53 -2.65 19.32
C TRP C 200 -6.57 -2.46 17.80
N SER C 201 -6.71 -1.22 17.35
CA SER C 201 -6.79 -0.93 15.92
C SER C 201 -5.65 -1.55 15.14
N GLU C 202 -4.43 -1.24 15.55
CA GLU C 202 -3.26 -1.77 14.87
C GLU C 202 -3.25 -3.31 14.90
N ALA C 203 -3.58 -3.88 16.05
CA ALA C 203 -3.59 -5.34 16.20
C ALA C 203 -4.59 -5.99 15.25
N TYR C 204 -5.82 -5.52 15.29
CA TYR C 204 -6.85 -6.09 14.42
C TYR C 204 -6.45 -5.93 12.97
N GLY C 205 -5.88 -4.77 12.64
CA GLY C 205 -5.45 -4.52 11.27
C GLY C 205 -4.41 -5.53 10.80
N LEU C 206 -3.44 -5.81 11.65
CA LEU C 206 -2.41 -6.78 11.31
C LEU C 206 -3.03 -8.16 11.10
N PHE C 207 -4.05 -8.46 11.91
CA PHE C 207 -4.75 -9.73 11.80
C PHE C 207 -5.38 -9.85 10.43
N LEU C 208 -6.12 -8.81 10.05
CA LEU C 208 -6.79 -8.79 8.76
C LEU C 208 -5.84 -8.89 7.58
N LYS C 209 -4.61 -8.41 7.74
CA LYS C 209 -3.66 -8.52 6.65
C LYS C 209 -2.91 -9.86 6.73
N GLY C 210 -3.34 -10.73 7.63
CA GLY C 210 -2.72 -12.04 7.75
C GLY C 210 -1.49 -12.21 8.63
N GLU C 211 -1.24 -11.27 9.54
CA GLU C 211 -0.08 -11.34 10.42
C GLU C 211 -0.20 -12.45 11.47
N SER C 212 -1.42 -12.93 11.73
CA SER C 212 -1.60 -13.99 12.72
C SER C 212 -2.85 -14.82 12.46
N ASP C 213 -3.00 -15.89 13.23
CA ASP C 213 -4.15 -16.78 13.12
C ASP C 213 -5.30 -16.26 13.99
N LEU C 214 -4.96 -15.65 15.10
CA LEU C 214 -5.96 -15.11 16.00
C LEU C 214 -5.50 -13.79 16.58
N VAL C 215 -6.46 -12.98 17.02
CA VAL C 215 -6.19 -11.69 17.65
C VAL C 215 -7.14 -11.51 18.81
N LEU C 216 -6.66 -10.89 19.89
CA LEU C 216 -7.52 -10.67 21.03
C LEU C 216 -8.48 -9.56 20.63
N SER C 217 -9.77 -9.88 20.65
CA SER C 217 -10.78 -8.90 20.29
C SER C 217 -12.06 -9.16 21.08
N TYR C 218 -13.21 -9.02 20.43
CA TYR C 218 -14.49 -9.22 21.10
C TYR C 218 -15.38 -10.26 20.44
N THR C 219 -16.34 -10.79 21.19
CA THR C 219 -17.26 -11.79 20.65
C THR C 219 -18.16 -11.15 19.60
N THR C 220 -18.21 -9.82 19.62
CA THR C 220 -19.06 -9.07 18.69
C THR C 220 -18.37 -8.60 17.43
N SER C 221 -17.05 -8.74 17.38
CA SER C 221 -16.30 -8.32 16.21
C SER C 221 -16.84 -8.90 14.88
N PRO C 222 -17.17 -10.20 14.86
CA PRO C 222 -17.68 -10.77 13.61
C PRO C 222 -18.83 -9.98 12.99
N ALA C 223 -19.66 -9.38 13.85
CA ALA C 223 -20.81 -8.62 13.37
C ALA C 223 -20.39 -7.52 12.39
N TYR C 224 -19.21 -6.96 12.59
CA TYR C 224 -18.76 -5.92 11.68
C TYR C 224 -18.65 -6.49 10.26
N HIS C 225 -18.00 -7.64 10.14
CA HIS C 225 -17.81 -8.30 8.85
C HIS C 225 -19.10 -8.78 8.20
N ILE C 226 -19.98 -9.37 9.00
CA ILE C 226 -21.24 -9.87 8.47
C ILE C 226 -22.06 -8.74 7.86
N LEU C 227 -22.32 -7.69 8.64
CA LEU C 227 -23.11 -6.56 8.17
C LEU C 227 -22.46 -5.59 7.20
N GLU C 228 -21.21 -5.21 7.46
CA GLU C 228 -20.52 -4.25 6.60
C GLU C 228 -19.81 -4.80 5.36
N GLU C 229 -19.10 -5.91 5.51
CA GLU C 229 -18.38 -6.48 4.38
C GLU C 229 -19.10 -7.66 3.75
N LYS C 230 -20.23 -8.04 4.33
CA LYS C 230 -21.01 -9.15 3.80
C LYS C 230 -20.23 -10.46 3.87
N LYS C 231 -19.31 -10.55 4.82
CA LYS C 231 -18.51 -11.77 4.99
C LYS C 231 -18.92 -12.52 6.24
N ASP C 232 -18.90 -13.85 6.18
CA ASP C 232 -19.28 -14.68 7.31
C ASP C 232 -18.15 -15.59 7.79
N ASN C 233 -16.98 -15.43 7.21
CA ASN C 233 -15.85 -16.29 7.57
C ASN C 233 -15.17 -15.96 8.89
N TYR C 234 -15.46 -14.81 9.47
CA TYR C 234 -14.85 -14.45 10.73
C TYR C 234 -15.68 -14.91 11.91
N ALA C 235 -15.02 -15.41 12.94
CA ALA C 235 -15.72 -15.88 14.13
C ALA C 235 -14.89 -15.62 15.38
N ALA C 236 -15.57 -15.66 16.52
CA ALA C 236 -14.92 -15.46 17.80
C ALA C 236 -14.85 -16.82 18.49
N ALA C 237 -13.64 -17.36 18.65
CA ALA C 237 -13.47 -18.66 19.29
C ALA C 237 -14.12 -18.69 20.66
N ASN C 238 -14.97 -19.68 20.89
CA ASN C 238 -15.63 -19.83 22.17
C ASN C 238 -14.77 -20.67 23.12
N PHE C 239 -14.42 -20.10 24.26
CA PHE C 239 -13.58 -20.79 25.23
C PHE C 239 -14.38 -21.32 26.41
N SER C 240 -14.15 -22.59 26.73
CA SER C 240 -14.86 -23.27 27.81
C SER C 240 -14.75 -22.69 29.20
N GLU C 241 -13.62 -22.08 29.54
CA GLU C 241 -13.51 -21.49 30.88
C GLU C 241 -14.42 -20.26 31.01
N GLY C 242 -14.82 -19.71 29.86
CA GLY C 242 -15.68 -18.54 29.87
C GLY C 242 -14.95 -17.31 29.39
N HIS C 243 -15.70 -16.23 29.17
CA HIS C 243 -15.10 -14.98 28.69
C HIS C 243 -15.23 -13.85 29.73
N TYR C 244 -14.25 -12.94 29.72
CA TYR C 244 -14.21 -11.80 30.65
C TYR C 244 -15.06 -10.65 30.14
N LEU C 245 -15.82 -10.06 31.05
CA LEU C 245 -16.72 -8.96 30.68
C LEU C 245 -16.14 -7.56 30.78
N GLN C 246 -16.43 -6.77 29.76
CA GLN C 246 -16.01 -5.39 29.77
C GLN C 246 -17.24 -4.50 29.63
N VAL C 247 -17.32 -3.51 30.51
CA VAL C 247 -18.38 -2.53 30.49
C VAL C 247 -17.61 -1.22 30.37
N GLU C 248 -17.72 -0.57 29.22
CA GLU C 248 -17.03 0.68 28.98
C GLU C 248 -17.79 1.83 29.62
N VAL C 249 -17.06 2.77 30.22
CA VAL C 249 -17.69 3.89 30.88
C VAL C 249 -17.16 5.26 30.45
N ALA C 250 -17.88 6.28 30.88
CA ALA C 250 -17.52 7.67 30.62
C ALA C 250 -17.85 8.40 31.91
N ALA C 251 -17.19 9.54 32.12
CA ALA C 251 -17.42 10.33 33.32
C ALA C 251 -17.05 11.76 32.98
N ARG C 252 -17.69 12.71 33.67
CA ARG C 252 -17.38 14.11 33.42
C ARG C 252 -16.28 14.50 34.39
N THR C 253 -15.37 15.38 33.96
CA THR C 253 -14.25 15.82 34.80
C THR C 253 -14.68 16.84 35.84
N ALA C 254 -14.16 16.68 37.06
CA ALA C 254 -14.47 17.60 38.16
C ALA C 254 -14.03 19.02 37.84
N ALA C 255 -12.96 19.16 37.08
CA ALA C 255 -12.46 20.49 36.74
C ALA C 255 -13.18 21.10 35.56
N SER C 256 -14.08 20.36 34.91
CA SER C 256 -14.78 20.91 33.75
C SER C 256 -15.44 22.27 34.03
N LYS C 257 -15.32 23.15 33.05
CA LYS C 257 -15.91 24.48 33.15
C LYS C 257 -17.34 24.41 32.66
N GLN C 258 -17.72 23.25 32.15
CA GLN C 258 -19.06 23.05 31.62
C GLN C 258 -19.72 21.82 32.24
N PRO C 259 -19.94 21.85 33.56
CA PRO C 259 -20.56 20.74 34.30
C PRO C 259 -21.94 20.35 33.80
N GLU C 260 -22.74 21.34 33.40
CA GLU C 260 -24.10 21.06 32.91
C GLU C 260 -24.07 20.33 31.57
N LEU C 261 -23.30 20.87 30.62
CA LEU C 261 -23.18 20.27 29.29
C LEU C 261 -22.59 18.87 29.36
N ALA C 262 -21.56 18.69 30.18
CA ALA C 262 -20.92 17.39 30.34
C ALA C 262 -21.95 16.40 30.90
N GLN C 263 -22.73 16.83 31.87
CA GLN C 263 -23.75 15.98 32.47
C GLN C 263 -24.81 15.65 31.43
N LYS C 264 -25.18 16.65 30.64
CA LYS C 264 -26.19 16.48 29.61
C LYS C 264 -25.74 15.39 28.63
N PHE C 265 -24.45 15.42 28.27
CA PHE C 265 -23.90 14.44 27.34
C PHE C 265 -24.01 13.03 27.92
N LEU C 266 -23.63 12.88 29.18
CA LEU C 266 -23.70 11.59 29.84
C LEU C 266 -25.12 11.02 29.84
N GLN C 267 -26.10 11.86 30.18
CA GLN C 267 -27.49 11.43 30.21
C GLN C 267 -27.98 11.06 28.83
N PHE C 268 -27.46 11.75 27.81
CA PHE C 268 -27.85 11.47 26.44
C PHE C 268 -27.16 10.20 25.95
N MSE C 269 -25.98 9.93 26.49
CA MSE C 269 -25.20 8.76 26.11
C MSE C 269 -25.96 7.47 26.41
O MSE C 269 -25.79 6.46 25.73
CB MSE C 269 -23.87 8.79 26.84
CG MSE C 269 -22.87 7.73 26.44
SE MSE C 269 -21.26 7.99 27.46
CE MSE C 269 -21.94 7.41 29.19
N VAL C 270 -26.81 7.49 27.44
CA VAL C 270 -27.58 6.32 27.82
C VAL C 270 -28.97 6.32 27.18
N SER C 271 -29.27 7.35 26.38
CA SER C 271 -30.55 7.45 25.70
C SER C 271 -30.51 6.75 24.34
N PRO C 272 -31.67 6.44 23.76
CA PRO C 272 -31.79 5.76 22.45
C PRO C 272 -31.04 6.42 21.29
N ALA C 273 -31.03 7.74 21.24
CA ALA C 273 -30.36 8.47 20.17
C ALA C 273 -28.87 8.12 20.09
N PHE C 274 -28.29 7.72 21.22
CA PHE C 274 -26.89 7.35 21.28
C PHE C 274 -26.76 5.83 21.23
N GLN C 275 -27.52 5.15 22.10
CA GLN C 275 -27.49 3.70 22.19
C GLN C 275 -27.82 2.95 20.92
N ASN C 276 -28.70 3.48 20.10
CA ASN C 276 -29.07 2.80 18.86
C ASN C 276 -27.92 2.78 17.87
N ALA C 277 -26.94 3.65 18.07
CA ALA C 277 -25.79 3.73 17.18
C ALA C 277 -24.63 2.85 17.60
N ILE C 278 -24.66 2.38 18.84
CA ILE C 278 -23.59 1.54 19.36
C ILE C 278 -23.32 0.22 18.64
N PRO C 279 -24.36 -0.60 18.42
CA PRO C 279 -24.18 -1.89 17.75
C PRO C 279 -23.40 -1.88 16.42
N THR C 280 -23.85 -1.10 15.45
CA THR C 280 -23.14 -1.05 14.16
C THR C 280 -22.16 0.10 14.17
N GLY C 281 -21.97 0.70 15.35
CA GLY C 281 -21.05 1.80 15.48
C GLY C 281 -19.77 1.36 16.17
N ASN C 282 -19.91 0.82 17.39
CA ASN C 282 -18.76 0.37 18.16
C ASN C 282 -18.69 -1.15 18.19
N TRP C 283 -19.66 -1.80 17.56
CA TRP C 283 -19.72 -3.26 17.51
C TRP C 283 -19.61 -3.84 18.91
N MSE C 284 -20.49 -3.35 19.77
CA MSE C 284 -20.57 -3.78 21.16
C MSE C 284 -22.06 -3.82 21.51
O MSE C 284 -22.89 -3.33 20.76
CB MSE C 284 -19.85 -2.75 22.03
CG MSE C 284 -18.34 -2.68 21.84
SE MSE C 284 -17.41 -4.23 22.62
CE MSE C 284 -17.26 -3.57 24.44
N TYR C 285 -22.41 -4.42 22.65
CA TYR C 285 -23.81 -4.47 23.05
C TYR C 285 -24.20 -3.18 23.74
N PRO C 286 -25.39 -2.66 23.43
CA PRO C 286 -25.88 -1.43 24.04
C PRO C 286 -26.17 -1.70 25.51
N VAL C 287 -26.09 -0.66 26.33
CA VAL C 287 -26.36 -0.80 27.76
C VAL C 287 -27.86 -0.63 28.00
N ALA C 288 -28.59 -0.27 26.95
CA ALA C 288 -30.03 -0.10 27.02
C ALA C 288 -30.66 -1.31 26.33
N ASN C 289 -31.90 -1.62 26.67
CA ASN C 289 -32.58 -2.77 26.07
C ASN C 289 -33.03 -2.42 24.65
N VAL C 290 -32.65 -3.26 23.70
CA VAL C 290 -33.01 -3.02 22.31
C VAL C 290 -32.97 -4.31 21.52
N THR C 291 -33.53 -4.27 20.32
CA THR C 291 -33.51 -5.40 19.43
C THR C 291 -32.36 -5.10 18.48
N LEU C 292 -31.29 -5.89 18.54
CA LEU C 292 -30.13 -5.68 17.68
C LEU C 292 -30.50 -5.94 16.23
N PRO C 293 -29.77 -5.33 15.30
CA PRO C 293 -30.08 -5.56 13.88
C PRO C 293 -29.83 -7.00 13.44
N ALA C 294 -30.32 -7.33 12.25
CA ALA C 294 -30.14 -8.66 11.70
C ALA C 294 -28.65 -8.90 11.47
N GLY C 295 -28.17 -10.07 11.89
CA GLY C 295 -26.76 -10.38 11.73
C GLY C 295 -26.14 -10.75 13.07
N PHE C 296 -26.63 -10.13 14.14
CA PHE C 296 -26.10 -10.41 15.47
C PHE C 296 -26.52 -11.77 15.99
N GLU C 297 -27.64 -12.29 15.52
CA GLU C 297 -28.12 -13.59 15.99
C GLU C 297 -27.08 -14.66 15.66
N LYS C 298 -26.20 -14.35 14.72
CA LYS C 298 -25.16 -15.27 14.30
C LYS C 298 -23.96 -15.25 15.24
N LEU C 299 -24.03 -14.37 16.24
CA LEU C 299 -22.95 -14.28 17.22
C LEU C 299 -23.26 -15.23 18.36
N THR C 300 -22.27 -15.46 19.21
CA THR C 300 -22.45 -16.35 20.35
C THR C 300 -22.12 -15.64 21.66
N LYS C 301 -23.04 -15.69 22.61
CA LYS C 301 -22.80 -15.09 23.91
C LYS C 301 -22.18 -16.15 24.81
N PRO C 302 -20.99 -15.86 25.36
CA PRO C 302 -20.31 -16.81 26.24
C PRO C 302 -21.24 -17.54 27.21
N ALA C 303 -20.93 -18.80 27.47
CA ALA C 303 -21.75 -19.61 28.38
C ALA C 303 -21.42 -19.22 29.81
N THR C 304 -20.19 -18.78 30.02
CA THR C 304 -19.74 -18.36 31.35
C THR C 304 -19.13 -16.96 31.26
N THR C 305 -19.39 -16.13 32.26
CA THR C 305 -18.88 -14.76 32.30
C THR C 305 -17.93 -14.59 33.46
N LEU C 306 -16.74 -14.08 33.17
CA LEU C 306 -15.71 -13.86 34.18
C LEU C 306 -15.48 -12.38 34.44
N GLU C 307 -15.20 -12.03 35.69
CA GLU C 307 -14.96 -10.64 36.06
C GLU C 307 -14.42 -10.51 37.48
N PHE C 308 -13.51 -9.56 37.67
CA PHE C 308 -12.94 -9.28 38.98
C PHE C 308 -13.66 -8.02 39.46
N THR C 309 -13.63 -7.74 40.75
CA THR C 309 -14.27 -6.53 41.25
C THR C 309 -13.26 -5.40 41.08
N PRO C 310 -13.73 -4.15 40.95
CA PRO C 310 -12.84 -3.01 40.78
C PRO C 310 -11.71 -3.01 41.82
N ALA C 311 -12.04 -3.42 43.03
CA ALA C 311 -11.06 -3.45 44.12
C ALA C 311 -10.01 -4.53 43.93
N GLU C 312 -10.45 -5.72 43.53
CA GLU C 312 -9.56 -6.84 43.31
C GLU C 312 -8.51 -6.51 42.24
N VAL C 313 -8.93 -5.81 41.19
CA VAL C 313 -7.99 -5.47 40.14
C VAL C 313 -7.01 -4.39 40.62
N ALA C 314 -7.53 -3.41 41.34
CA ALA C 314 -6.68 -2.32 41.83
C ALA C 314 -5.59 -2.87 42.75
N ALA C 315 -5.97 -3.82 43.58
CA ALA C 315 -5.04 -4.42 44.53
C ALA C 315 -3.86 -5.19 43.92
N GLN C 316 -4.00 -5.65 42.68
CA GLN C 316 -2.92 -6.43 42.09
C GLN C 316 -2.56 -6.23 40.62
N ARG C 317 -3.19 -5.30 39.91
CA ARG C 317 -2.85 -5.16 38.50
C ARG C 317 -1.38 -4.82 38.29
N GLN C 318 -0.82 -4.00 39.18
CA GLN C 318 0.58 -3.62 39.09
C GLN C 318 1.48 -4.86 39.13
N ALA C 319 1.21 -5.76 40.08
CA ALA C 319 2.01 -6.98 40.20
C ALA C 319 1.79 -7.94 39.04
N TRP C 320 0.52 -8.10 38.62
CA TRP C 320 0.21 -8.98 37.50
C TRP C 320 0.86 -8.51 36.21
N ILE C 321 0.87 -7.19 36.00
CA ILE C 321 1.47 -6.60 34.81
C ILE C 321 2.98 -6.83 34.82
N SER C 322 3.60 -6.61 35.98
CA SER C 322 5.03 -6.83 36.10
C SER C 322 5.39 -8.28 35.78
N GLU C 323 4.59 -9.22 36.26
CA GLU C 323 4.84 -10.65 36.00
C GLU C 323 4.67 -10.94 34.51
N TRP C 324 3.61 -10.37 33.92
CA TRP C 324 3.35 -10.54 32.51
C TRP C 324 4.55 -10.07 31.68
N GLN C 325 5.02 -8.86 31.96
CA GLN C 325 6.15 -8.29 31.22
C GLN C 325 7.39 -9.17 31.23
N ARG C 326 7.83 -9.55 32.42
CA ARG C 326 9.01 -10.39 32.55
C ARG C 326 8.80 -11.74 31.86
N ALA C 327 7.61 -12.31 32.01
CA ALA C 327 7.31 -13.61 31.42
C ALA C 327 7.25 -13.68 29.89
N VAL C 328 6.94 -12.57 29.23
CA VAL C 328 6.82 -12.60 27.77
C VAL C 328 7.89 -11.83 27.01
N SER C 329 8.79 -11.14 27.72
CA SER C 329 9.84 -10.36 27.08
C SER C 329 11.18 -11.10 26.95
N ARG C 330 11.82 -10.97 25.79
CA ARG C 330 13.10 -11.62 25.54
C ARG C 330 14.24 -10.84 26.19
N MSE D 21 10.19 -10.18 -8.87
CA MSE D 21 10.16 -9.15 -7.79
C MSE D 21 11.50 -9.08 -7.07
O MSE D 21 12.48 -9.67 -7.53
CB MSE D 21 9.04 -9.47 -6.81
CG MSE D 21 8.82 -8.43 -5.74
SE MSE D 21 7.37 -8.99 -4.61
CE MSE D 21 8.05 -10.73 -4.08
N LYS D 22 11.55 -8.39 -5.95
CA LYS D 22 12.80 -8.25 -5.20
C LYS D 22 12.72 -8.69 -3.74
N PRO D 23 13.89 -9.00 -3.14
CA PRO D 23 13.96 -9.43 -1.74
C PRO D 23 13.71 -8.22 -0.83
N VAL D 24 12.91 -8.43 0.20
CA VAL D 24 12.57 -7.37 1.14
C VAL D 24 13.42 -7.28 2.39
N LEU D 25 13.70 -6.05 2.81
CA LEU D 25 14.46 -5.79 4.02
C LEU D 25 13.54 -4.95 4.90
N THR D 26 13.07 -5.51 5.99
CA THR D 26 12.18 -4.79 6.90
C THR D 26 12.93 -4.07 8.02
N VAL D 27 12.79 -2.76 8.05
CA VAL D 27 13.45 -1.94 9.06
C VAL D 27 12.45 -1.27 9.99
N TYR D 28 12.46 -1.65 11.26
CA TYR D 28 11.55 -1.06 12.25
C TYR D 28 12.11 0.29 12.70
N THR D 29 11.30 1.34 12.65
CA THR D 29 11.77 2.66 13.08
C THR D 29 10.61 3.51 13.65
N TYR D 30 10.90 4.74 14.07
CA TYR D 30 9.85 5.61 14.61
C TYR D 30 9.27 6.52 13.51
N ASP D 31 8.06 7.00 13.71
CA ASP D 31 7.38 7.81 12.69
C ASP D 31 8.05 9.03 12.08
N SER D 32 8.73 9.85 12.89
CA SER D 32 9.37 11.03 12.34
C SER D 32 10.47 10.69 11.33
N PHE D 33 11.04 9.49 11.43
CA PHE D 33 12.10 9.10 10.49
C PHE D 33 11.50 8.59 9.18
N ALA D 34 10.38 7.86 9.28
CA ALA D 34 9.72 7.29 8.10
C ALA D 34 8.81 8.27 7.37
N ALA D 35 8.44 9.36 8.02
CA ALA D 35 7.55 10.36 7.41
C ALA D 35 8.09 10.91 6.08
N ASP D 36 7.19 11.40 5.22
CA ASP D 36 7.58 11.92 3.91
C ASP D 36 8.58 13.05 4.04
N TRP D 37 8.41 13.87 5.06
CA TRP D 37 9.30 15.00 5.27
C TRP D 37 10.57 14.56 5.98
N GLY D 38 10.57 13.32 6.46
CA GLY D 38 11.73 12.80 7.16
C GLY D 38 12.80 12.29 6.20
N PRO D 39 13.88 11.70 6.73
CA PRO D 39 14.96 11.16 5.89
C PRO D 39 14.61 9.86 5.20
N GLY D 40 13.65 9.14 5.76
CA GLY D 40 13.21 7.86 5.20
C GLY D 40 13.09 7.78 3.69
N PRO D 41 12.20 8.57 3.07
CA PRO D 41 12.04 8.54 1.60
C PRO D 41 13.39 8.64 0.89
N VAL D 42 14.15 9.68 1.21
CA VAL D 42 15.45 9.88 0.59
C VAL D 42 16.34 8.67 0.79
N VAL D 43 16.42 8.19 2.04
CA VAL D 43 17.25 7.04 2.35
C VAL D 43 16.77 5.76 1.66
N LYS D 44 15.46 5.64 1.47
CA LYS D 44 14.89 4.48 0.82
C LYS D 44 15.29 4.45 -0.65
N LYS D 45 15.03 5.54 -1.35
CA LYS D 45 15.35 5.63 -2.76
C LYS D 45 16.83 5.38 -3.03
N ALA D 46 17.69 6.05 -2.27
CA ALA D 46 19.13 5.90 -2.45
C ALA D 46 19.60 4.46 -2.28
N PHE D 47 19.16 3.80 -1.21
CA PHE D 47 19.56 2.42 -0.95
C PHE D 47 19.09 1.42 -2.01
N GLU D 48 17.92 1.64 -2.58
CA GLU D 48 17.40 0.74 -3.59
C GLU D 48 18.08 0.93 -4.94
N ALA D 49 18.72 2.07 -5.12
CA ALA D 49 19.39 2.38 -6.37
C ALA D 49 20.76 1.71 -6.51
N ASP D 50 21.38 1.39 -5.38
CA ASP D 50 22.70 0.75 -5.40
C ASP D 50 22.64 -0.62 -4.76
N CYS D 51 21.43 -1.18 -4.67
CA CYS D 51 21.26 -2.48 -4.06
C CYS D 51 19.86 -3.01 -4.31
N ASN D 52 19.72 -3.89 -5.30
CA ASN D 52 18.43 -4.47 -5.64
C ASN D 52 17.74 -5.08 -4.43
N CYS D 53 16.64 -4.46 -4.03
CA CYS D 53 15.85 -4.94 -2.90
C CYS D 53 14.77 -3.91 -2.65
N GLU D 54 13.91 -4.21 -1.68
CA GLU D 54 12.85 -3.30 -1.32
C GLU D 54 13.02 -2.98 0.16
N LEU D 55 13.36 -1.73 0.46
CA LEU D 55 13.54 -1.31 1.84
C LEU D 55 12.21 -0.86 2.44
N LYS D 56 11.70 -1.66 3.38
CA LYS D 56 10.44 -1.32 4.04
C LYS D 56 10.69 -0.69 5.39
N LEU D 57 10.57 0.62 5.44
CA LEU D 57 10.75 1.38 6.67
C LEU D 57 9.39 1.38 7.35
N VAL D 58 9.28 0.68 8.47
CA VAL D 58 8.01 0.64 9.19
C VAL D 58 8.01 1.54 10.42
N ALA D 59 7.19 2.59 10.39
CA ALA D 59 7.07 3.49 11.54
C ALA D 59 6.26 2.69 12.55
N LEU D 60 6.95 1.81 13.26
CA LEU D 60 6.34 0.91 14.23
C LEU D 60 6.01 1.50 15.60
N GLU D 61 7.03 2.00 16.29
CA GLU D 61 6.85 2.55 17.62
C GLU D 61 7.84 3.70 17.83
N ASP D 62 7.70 4.39 18.95
CA ASP D 62 8.61 5.46 19.29
C ASP D 62 9.87 4.79 19.88
N GLY D 63 10.96 5.53 19.90
CA GLY D 63 12.25 5.06 20.39
C GLY D 63 12.38 3.90 21.34
N VAL D 64 11.96 4.06 22.59
CA VAL D 64 12.12 2.95 23.54
C VAL D 64 11.05 1.87 23.36
N SER D 65 9.89 2.24 22.82
CA SER D 65 8.84 1.25 22.58
C SER D 65 9.32 0.24 21.53
N LEU D 66 10.22 0.69 20.65
CA LEU D 66 10.77 -0.20 19.62
C LEU D 66 11.46 -1.39 20.28
N LEU D 67 12.27 -1.12 21.31
CA LEU D 67 12.95 -2.20 22.00
C LEU D 67 11.92 -3.09 22.66
N ASN D 68 11.07 -2.48 23.48
CA ASN D 68 10.05 -3.23 24.20
C ASN D 68 9.21 -4.09 23.26
N ARG D 69 8.83 -3.53 22.12
CA ARG D 69 8.02 -4.30 21.17
C ARG D 69 8.81 -5.43 20.52
N LEU D 70 10.07 -5.18 20.20
CA LEU D 70 10.91 -6.19 19.59
C LEU D 70 11.08 -7.36 20.54
N ARG D 71 11.19 -7.05 21.84
CA ARG D 71 11.36 -8.08 22.87
C ARG D 71 10.14 -8.98 22.98
N MSE D 72 8.97 -8.47 22.63
CA MSE D 72 7.77 -9.30 22.72
C MSE D 72 7.52 -10.07 21.44
O MSE D 72 6.77 -11.05 21.44
CB MSE D 72 6.56 -8.42 23.10
CG MSE D 72 6.57 -8.10 24.59
SE MSE D 72 5.24 -6.85 25.23
CE MSE D 72 6.37 -5.79 26.38
N GLU D 73 8.16 -9.66 20.35
CA GLU D 73 8.01 -10.38 19.10
C GLU D 73 9.02 -11.52 19.07
N GLY D 74 10.16 -11.31 19.72
CA GLY D 74 11.20 -12.34 19.75
C GLY D 74 11.67 -12.72 18.36
N LYS D 75 11.90 -14.01 18.14
CA LYS D 75 12.35 -14.48 16.84
C LYS D 75 11.18 -14.57 15.88
N ASN D 76 10.00 -14.16 16.35
CA ASN D 76 8.82 -14.15 15.51
C ASN D 76 8.78 -12.80 14.80
N SER D 77 9.65 -11.89 15.21
CA SER D 77 9.69 -10.58 14.59
C SER D 77 9.94 -10.65 13.10
N LYS D 78 9.34 -9.73 12.37
CA LYS D 78 9.53 -9.68 10.93
C LYS D 78 10.58 -8.62 10.61
N ALA D 79 11.21 -8.09 11.65
CA ALA D 79 12.23 -7.08 11.47
C ALA D 79 13.58 -7.68 11.15
N ASP D 80 14.32 -7.01 10.26
CA ASP D 80 15.66 -7.43 9.90
C ASP D 80 16.59 -6.46 10.63
N VAL D 81 16.15 -5.21 10.71
CA VAL D 81 16.90 -4.16 11.37
C VAL D 81 16.00 -3.23 12.16
N VAL D 82 16.51 -2.75 13.29
CA VAL D 82 15.76 -1.81 14.11
C VAL D 82 16.59 -0.53 14.04
N LEU D 83 15.96 0.55 13.59
CA LEU D 83 16.62 1.83 13.44
C LEU D 83 15.87 2.87 14.26
N GLY D 84 16.52 3.43 15.27
CA GLY D 84 15.87 4.42 16.11
C GLY D 84 16.11 4.20 17.59
N LEU D 85 16.89 3.19 17.94
CA LEU D 85 17.23 2.96 19.34
C LEU D 85 18.33 3.98 19.60
N ASP D 86 18.83 4.07 20.83
CA ASP D 86 19.91 5.02 21.08
C ASP D 86 20.87 4.57 22.17
N ASN D 87 21.88 5.40 22.40
CA ASN D 87 22.91 5.12 23.39
C ASN D 87 22.37 4.72 24.75
N ASN D 88 21.25 5.32 25.18
CA ASN D 88 20.69 4.98 26.47
C ASN D 88 20.04 3.60 26.51
N LEU D 89 19.79 3.02 25.34
CA LEU D 89 19.16 1.71 25.27
C LEU D 89 20.12 0.60 24.86
N LEU D 90 21.40 0.91 24.69
CA LEU D 90 22.35 -0.11 24.25
C LEU D 90 22.47 -1.35 25.12
N ASP D 91 22.62 -1.18 26.43
CA ASP D 91 22.77 -2.32 27.32
C ASP D 91 21.49 -3.13 27.43
N ALA D 92 20.35 -2.45 27.45
CA ALA D 92 19.07 -3.14 27.54
C ALA D 92 18.88 -4.00 26.29
N ALA D 93 19.16 -3.43 25.13
CA ALA D 93 19.02 -4.13 23.86
C ALA D 93 20.00 -5.29 23.77
N SER D 94 21.21 -5.07 24.28
CA SER D 94 22.24 -6.11 24.24
C SER D 94 21.92 -7.35 25.08
N LYS D 95 21.45 -7.14 26.31
CA LYS D 95 21.12 -8.25 27.21
C LYS D 95 19.96 -9.09 26.69
N THR D 96 19.32 -8.58 25.64
CA THR D 96 18.18 -9.26 25.05
C THR D 96 18.62 -10.39 24.12
N GLY D 97 19.82 -10.23 23.53
CA GLY D 97 20.34 -11.24 22.64
C GLY D 97 19.62 -11.30 21.30
N LEU D 98 18.78 -10.30 21.04
CA LEU D 98 18.01 -10.24 19.80
C LEU D 98 18.80 -9.67 18.63
N PHE D 99 19.92 -9.04 18.93
CA PHE D 99 20.71 -8.45 17.87
C PHE D 99 22.01 -9.19 17.63
N ALA D 100 22.43 -9.22 16.36
CA ALA D 100 23.66 -9.86 15.97
C ALA D 100 24.68 -8.75 15.70
N LYS D 101 25.95 -9.15 15.56
CA LYS D 101 26.98 -8.17 15.29
C LYS D 101 26.71 -7.53 13.93
N SER D 102 27.02 -6.24 13.83
CA SER D 102 26.80 -5.48 12.60
C SER D 102 27.72 -5.89 11.47
N GLY D 103 28.99 -6.10 11.80
CA GLY D 103 29.97 -6.46 10.79
C GLY D 103 30.21 -5.28 9.86
N VAL D 104 30.26 -4.09 10.43
CA VAL D 104 30.49 -2.89 9.63
C VAL D 104 31.75 -2.16 10.08
N ALA D 105 32.15 -1.15 9.30
CA ALA D 105 33.35 -0.35 9.59
C ALA D 105 33.27 0.41 10.92
N ALA D 106 34.03 -0.05 11.90
CA ALA D 106 34.06 0.58 13.23
C ALA D 106 35.07 1.73 13.31
N ASP D 107 35.13 2.54 12.27
CA ASP D 107 36.05 3.68 12.22
C ASP D 107 35.57 4.77 11.27
N ALA D 108 34.42 4.53 10.64
CA ALA D 108 33.85 5.51 9.71
C ALA D 108 32.83 6.40 10.43
N VAL D 109 32.88 6.38 11.75
CA VAL D 109 31.95 7.14 12.59
C VAL D 109 32.66 8.19 13.46
N ASN D 110 32.06 9.38 13.58
CA ASN D 110 32.64 10.43 14.41
C ASN D 110 31.59 11.10 15.27
N VAL D 111 31.46 10.60 16.50
CA VAL D 111 30.47 11.11 17.45
C VAL D 111 31.17 11.63 18.73
N PRO D 112 30.51 12.54 19.47
CA PRO D 112 31.13 13.05 20.70
C PRO D 112 31.37 11.93 21.72
N GLY D 113 32.61 11.79 22.17
CA GLY D 113 32.93 10.76 23.14
C GLY D 113 33.38 9.47 22.50
N GLY D 114 33.45 9.47 21.17
CA GLY D 114 33.88 8.29 20.45
C GLY D 114 32.80 7.22 20.37
N TRP D 115 33.15 6.07 19.81
CA TRP D 115 32.21 4.97 19.69
C TRP D 115 32.93 3.66 19.47
N ASN D 116 32.59 2.67 20.29
CA ASN D 116 33.21 1.35 20.17
C ASN D 116 32.16 0.27 20.45
N ASN D 117 31.41 -0.11 19.43
CA ASN D 117 30.39 -1.13 19.61
C ASN D 117 30.28 -2.03 18.39
N ASP D 118 30.44 -3.33 18.59
CA ASP D 118 30.38 -4.28 17.47
C ASP D 118 28.97 -4.68 17.05
N THR D 119 27.94 -4.00 17.57
CA THR D 119 26.58 -4.35 17.23
C THR D 119 25.72 -3.16 16.81
N PHE D 120 25.74 -2.12 17.64
CA PHE D 120 24.94 -0.93 17.37
C PHE D 120 25.73 0.11 16.59
N VAL D 121 25.17 0.46 15.44
CA VAL D 121 25.77 1.43 14.55
C VAL D 121 25.06 2.77 14.66
N PRO D 122 25.80 3.83 15.01
CA PRO D 122 25.20 5.16 15.14
C PRO D 122 24.90 5.69 13.74
N PHE D 123 23.91 6.56 13.61
CA PHE D 123 23.60 7.13 12.31
C PHE D 123 23.46 8.65 12.41
N ASP D 124 23.23 9.14 13.62
CA ASP D 124 23.18 10.57 13.87
C ASP D 124 23.28 10.82 15.37
N TYR D 125 23.35 12.08 15.79
CA TYR D 125 23.42 12.39 17.21
C TYR D 125 22.94 13.81 17.49
N GLY D 126 22.58 14.07 18.73
CA GLY D 126 22.10 15.39 19.08
C GLY D 126 22.05 15.62 20.57
N TYR D 127 21.42 16.72 20.96
CA TYR D 127 21.31 17.11 22.35
C TYR D 127 19.89 17.54 22.66
N PHE D 128 19.31 16.98 23.72
CA PHE D 128 17.95 17.34 24.11
C PHE D 128 17.97 18.77 24.64
N ALA D 129 16.88 19.48 24.42
CA ALA D 129 16.77 20.85 24.88
C ALA D 129 15.32 21.28 24.74
N PHE D 130 14.87 22.16 25.61
CA PHE D 130 13.51 22.65 25.53
C PHE D 130 13.48 23.76 24.48
N VAL D 131 12.54 23.65 23.55
CA VAL D 131 12.40 24.62 22.48
C VAL D 131 11.30 25.60 22.83
N TYR D 132 11.43 26.83 22.33
CA TYR D 132 10.44 27.87 22.57
C TYR D 132 10.41 28.82 21.38
N ASP D 133 9.41 29.69 21.35
CA ASP D 133 9.23 30.69 20.28
C ASP D 133 9.68 32.04 20.83
N LYS D 134 10.77 32.58 20.31
CA LYS D 134 11.28 33.86 20.77
C LYS D 134 10.26 35.00 20.70
N ASN D 135 9.26 34.88 19.82
CA ASN D 135 8.25 35.93 19.71
C ASN D 135 7.26 35.89 20.87
N LYS D 136 7.08 34.71 21.48
CA LYS D 136 6.13 34.57 22.60
C LYS D 136 6.78 34.47 23.98
N LEU D 137 7.98 33.91 24.02
CA LEU D 137 8.69 33.76 25.29
C LEU D 137 9.88 34.72 25.24
N LYS D 138 9.72 35.86 25.89
CA LYS D 138 10.73 36.90 25.92
C LYS D 138 11.89 36.62 26.88
N ASN D 139 11.60 35.94 27.98
CA ASN D 139 12.65 35.64 28.95
C ASN D 139 12.64 34.17 29.36
N PRO D 140 13.06 33.27 28.45
CA PRO D 140 13.08 31.83 28.73
C PRO D 140 14.02 31.44 29.89
N PRO D 141 13.82 30.24 30.46
CA PRO D 141 14.69 29.79 31.55
C PRO D 141 16.12 29.59 31.04
N GLN D 142 17.10 29.76 31.94
CA GLN D 142 18.50 29.62 31.56
C GLN D 142 19.20 28.41 32.17
N SER D 143 18.40 27.51 32.72
CA SER D 143 18.92 26.28 33.31
C SER D 143 17.72 25.38 33.60
N LEU D 144 17.96 24.08 33.72
CA LEU D 144 16.89 23.15 34.01
C LEU D 144 16.26 23.52 35.35
N LYS D 145 17.10 23.90 36.31
CA LYS D 145 16.60 24.26 37.63
C LYS D 145 15.65 25.43 37.58
N GLU D 146 15.90 26.40 36.69
CA GLU D 146 15.01 27.54 36.58
C GLU D 146 13.68 27.13 35.98
N LEU D 147 13.73 26.32 34.92
CA LEU D 147 12.51 25.87 34.27
C LEU D 147 11.62 25.24 35.34
N VAL D 148 12.24 24.37 36.13
CA VAL D 148 11.54 23.66 37.19
C VAL D 148 11.03 24.54 38.34
N GLU D 149 11.93 25.33 38.91
CA GLU D 149 11.61 26.16 40.08
C GLU D 149 11.03 27.57 39.90
N SER D 150 11.32 28.22 38.78
CA SER D 150 10.81 29.57 38.55
C SER D 150 9.33 29.70 38.86
N ASP D 151 8.91 30.89 39.26
CA ASP D 151 7.50 31.11 39.56
C ASP D 151 6.77 31.45 38.28
N GLN D 152 7.52 31.69 37.21
CA GLN D 152 6.93 31.99 35.93
C GLN D 152 6.00 30.84 35.57
N ASN D 153 4.85 31.16 35.00
CA ASN D 153 3.89 30.14 34.62
C ASN D 153 4.13 29.61 33.22
N TRP D 154 5.35 29.13 32.97
CA TRP D 154 5.71 28.56 31.69
C TRP D 154 4.94 27.25 31.51
N ARG D 155 4.35 27.06 30.34
CA ARG D 155 3.63 25.83 30.07
C ARG D 155 4.60 24.90 29.33
N VAL D 156 4.63 23.63 29.72
CA VAL D 156 5.54 22.66 29.14
C VAL D 156 4.92 21.35 28.70
N ILE D 157 5.47 20.79 27.63
CA ILE D 157 5.03 19.50 27.12
C ILE D 157 6.28 18.67 26.87
N TYR D 158 6.23 17.39 27.25
CA TYR D 158 7.38 16.51 27.03
C TYR D 158 6.85 15.12 26.72
N GLN D 159 7.74 14.14 26.61
CA GLN D 159 7.31 12.80 26.28
C GLN D 159 7.54 11.76 27.36
N ASP D 160 6.77 10.68 27.29
CA ASP D 160 6.84 9.57 28.24
C ASP D 160 8.15 8.79 28.12
N PRO D 161 8.95 8.77 29.18
CA PRO D 161 10.23 8.06 29.20
C PRO D 161 10.12 6.56 28.94
N ARG D 162 8.91 6.01 29.03
CA ARG D 162 8.70 4.59 28.81
C ARG D 162 8.48 4.24 27.34
N THR D 163 8.40 5.27 26.49
CA THR D 163 8.14 5.02 25.08
C THR D 163 8.97 5.88 24.12
N SER D 164 9.27 7.11 24.53
CA SER D 164 10.02 8.04 23.71
C SER D 164 11.46 8.22 24.17
N THR D 165 12.41 8.16 23.23
CA THR D 165 13.81 8.35 23.60
C THR D 165 14.06 9.78 24.08
N PRO D 166 13.40 10.78 23.47
CA PRO D 166 13.65 12.13 23.98
C PRO D 166 13.02 12.19 25.38
N GLY D 167 11.99 11.38 25.58
CA GLY D 167 11.35 11.34 26.88
C GLY D 167 12.31 10.73 27.89
N LEU D 168 13.00 9.67 27.48
CA LEU D 168 13.95 9.01 28.35
C LEU D 168 15.09 9.98 28.61
N GLY D 169 15.44 10.76 27.59
CA GLY D 169 16.49 11.75 27.73
C GLY D 169 16.21 12.77 28.84
N LEU D 170 14.98 13.28 28.88
CA LEU D 170 14.61 14.26 29.90
C LEU D 170 14.65 13.63 31.29
N LEU D 171 14.22 12.38 31.39
CA LEU D 171 14.23 11.66 32.66
C LEU D 171 15.68 11.60 33.20
N LEU D 172 16.62 11.31 32.31
CA LEU D 172 18.02 11.22 32.70
C LEU D 172 18.63 12.59 32.91
N TRP D 173 18.14 13.57 32.17
CA TRP D 173 18.64 14.94 32.29
C TRP D 173 18.29 15.45 33.69
N MSE D 174 17.05 15.20 34.12
CA MSE D 174 16.58 15.62 35.43
C MSE D 174 17.34 14.86 36.49
O MSE D 174 17.67 15.40 37.56
CB MSE D 174 15.07 15.34 35.56
CG MSE D 174 14.17 16.28 34.79
SE MSE D 174 13.87 17.99 35.69
CE MSE D 174 12.42 17.45 36.87
N GLN D 175 17.65 13.61 36.21
CA GLN D 175 18.39 12.80 37.17
C GLN D 175 19.83 13.33 37.35
N LYS D 176 20.43 13.79 36.25
CA LYS D 176 21.77 14.35 36.30
C LYS D 176 21.80 15.62 37.13
N VAL D 177 20.76 16.43 36.95
CA VAL D 177 20.69 17.71 37.65
C VAL D 177 20.19 17.65 39.09
N TYR D 178 19.26 16.75 39.38
CA TYR D 178 18.73 16.68 40.73
C TYR D 178 19.09 15.47 41.56
N GLY D 179 19.47 14.37 40.92
CA GLY D 179 19.82 13.19 41.68
C GLY D 179 18.65 12.71 42.54
N ASP D 180 18.91 12.51 43.82
CA ASP D 180 17.89 12.02 44.74
C ASP D 180 16.75 13.00 44.97
N ASP D 181 16.89 14.24 44.50
CA ASP D 181 15.84 15.23 44.68
C ASP D 181 14.96 15.36 43.43
N ALA D 182 15.11 14.43 42.49
CA ALA D 182 14.32 14.47 41.26
C ALA D 182 12.82 14.32 41.55
N PRO D 183 12.45 13.49 42.54
CA PRO D 183 11.02 13.35 42.83
C PRO D 183 10.32 14.69 43.07
N GLN D 184 10.87 15.50 43.97
CA GLN D 184 10.29 16.79 44.29
C GLN D 184 10.39 17.72 43.08
N ALA D 185 11.49 17.64 42.34
CA ALA D 185 11.66 18.47 41.15
C ALA D 185 10.54 18.14 40.18
N TRP D 186 10.24 16.85 40.02
CA TRP D 186 9.17 16.44 39.11
C TRP D 186 7.78 16.93 39.53
N GLN D 187 7.55 17.06 40.83
CA GLN D 187 6.26 17.53 41.32
C GLN D 187 6.07 18.98 40.92
N LYS D 188 7.16 19.73 40.93
CA LYS D 188 7.11 21.13 40.55
C LYS D 188 6.92 21.28 39.05
N LEU D 189 7.66 20.49 38.27
CA LEU D 189 7.55 20.57 36.82
C LEU D 189 6.15 20.14 36.41
N ALA D 190 5.57 19.20 37.15
CA ALA D 190 4.23 18.73 36.84
C ALA D 190 3.22 19.87 36.83
N LYS D 191 3.40 20.83 37.73
CA LYS D 191 2.47 21.96 37.81
C LYS D 191 2.55 22.86 36.59
N LYS D 192 3.63 22.74 35.82
CA LYS D 192 3.79 23.55 34.61
C LYS D 192 3.57 22.68 33.38
N THR D 193 3.19 21.43 33.61
CA THR D 193 3.00 20.47 32.53
C THR D 193 1.60 20.46 31.92
N VAL D 194 1.53 20.85 30.64
CA VAL D 194 0.25 20.85 29.95
C VAL D 194 -0.19 19.41 29.73
N THR D 195 0.70 18.61 29.14
CA THR D 195 0.42 17.21 28.89
C THR D 195 1.71 16.46 28.60
N VAL D 196 1.61 15.13 28.54
CA VAL D 196 2.74 14.26 28.24
C VAL D 196 2.28 13.33 27.13
N THR D 197 3.08 13.18 26.08
CA THR D 197 2.71 12.32 24.97
C THR D 197 3.61 11.09 24.87
N LYS D 198 3.14 10.07 24.16
CA LYS D 198 3.90 8.85 23.98
C LYS D 198 5.08 9.05 23.04
N GLY D 199 4.91 9.93 22.07
CA GLY D 199 5.97 10.19 21.11
C GLY D 199 6.22 11.66 20.82
N TRP D 200 7.39 11.95 20.29
CA TRP D 200 7.82 13.30 19.96
C TRP D 200 6.93 14.10 19.00
N SER D 201 6.58 13.50 17.88
CA SER D 201 5.76 14.19 16.88
C SER D 201 4.52 14.87 17.43
N GLU D 202 3.75 14.18 18.25
CA GLU D 202 2.55 14.79 18.80
C GLU D 202 2.92 15.97 19.69
N ALA D 203 3.86 15.74 20.60
CA ALA D 203 4.31 16.78 21.50
C ALA D 203 4.76 18.05 20.77
N TYR D 204 5.60 17.88 19.75
CA TYR D 204 6.09 19.04 19.02
C TYR D 204 4.95 19.71 18.25
N GLY D 205 4.05 18.90 17.71
CA GLY D 205 2.90 19.45 16.97
C GLY D 205 2.04 20.29 17.89
N LEU D 206 1.80 19.80 19.11
CA LEU D 206 1.00 20.54 20.08
C LEU D 206 1.67 21.87 20.39
N PHE D 207 2.99 21.86 20.47
CA PHE D 207 3.78 23.06 20.74
C PHE D 207 3.58 24.08 19.63
N LEU D 208 3.73 23.63 18.39
CA LEU D 208 3.58 24.53 17.24
C LEU D 208 2.20 25.14 17.20
N LYS D 209 1.22 24.43 17.77
CA LYS D 209 -0.15 24.93 17.82
C LYS D 209 -0.36 25.86 19.01
N GLY D 210 0.73 26.20 19.69
CA GLY D 210 0.66 27.08 20.84
C GLY D 210 0.12 26.52 22.14
N GLU D 211 0.02 25.19 22.25
CA GLU D 211 -0.49 24.57 23.48
C GLU D 211 0.49 24.63 24.65
N SER D 212 1.72 25.05 24.39
CA SER D 212 2.71 25.17 25.46
C SER D 212 3.77 26.20 25.06
N ASP D 213 4.52 26.68 26.05
CA ASP D 213 5.57 27.67 25.82
C ASP D 213 6.89 27.00 25.49
N LEU D 214 7.05 25.77 25.95
CA LEU D 214 8.27 25.02 25.75
C LEU D 214 7.96 23.54 25.54
N VAL D 215 8.76 22.87 24.71
CA VAL D 215 8.62 21.45 24.47
C VAL D 215 9.98 20.82 24.50
N LEU D 216 10.07 19.60 25.03
CA LEU D 216 11.34 18.92 25.06
C LEU D 216 11.62 18.41 23.65
N SER D 217 12.68 18.92 23.04
CA SER D 217 13.08 18.53 21.71
C SER D 217 14.61 18.53 21.59
N TYR D 218 15.16 19.12 20.53
CA TYR D 218 16.61 19.12 20.35
C TYR D 218 17.25 20.47 20.04
N THR D 219 18.54 20.60 20.37
CA THR D 219 19.26 21.85 20.10
C THR D 219 19.26 22.09 18.60
N THR D 220 18.98 21.05 17.83
CA THR D 220 18.97 21.14 16.38
C THR D 220 17.59 21.39 15.78
N SER D 221 16.55 21.34 16.61
CA SER D 221 15.20 21.58 16.13
C SER D 221 15.00 22.92 15.43
N PRO D 222 15.68 23.98 15.90
CA PRO D 222 15.53 25.28 15.24
C PRO D 222 15.95 25.26 13.78
N ALA D 223 16.93 24.42 13.45
CA ALA D 223 17.41 24.34 12.07
C ALA D 223 16.26 24.04 11.11
N TYR D 224 15.27 23.28 11.58
CA TYR D 224 14.13 22.96 10.74
C TYR D 224 13.42 24.23 10.30
N HIS D 225 13.08 25.08 11.25
CA HIS D 225 12.38 26.30 10.94
C HIS D 225 13.23 27.28 10.12
N ILE D 226 14.53 27.34 10.43
CA ILE D 226 15.43 28.24 9.71
C ILE D 226 15.52 27.88 8.22
N LEU D 227 15.84 26.62 7.91
CA LEU D 227 15.97 26.20 6.52
C LEU D 227 14.67 25.88 5.78
N GLU D 228 13.68 25.31 6.46
CA GLU D 228 12.43 24.93 5.80
C GLU D 228 11.35 26.00 5.77
N GLU D 229 11.35 26.89 6.75
CA GLU D 229 10.34 27.94 6.82
C GLU D 229 10.95 29.34 6.83
N LYS D 230 12.25 29.43 6.55
CA LYS D 230 12.93 30.71 6.54
C LYS D 230 12.57 31.52 7.79
N LYS D 231 12.30 30.80 8.88
CA LYS D 231 11.94 31.39 10.16
C LYS D 231 13.06 31.23 11.20
N ASP D 232 13.47 32.33 11.81
CA ASP D 232 14.52 32.28 12.82
C ASP D 232 14.01 32.63 14.22
N ASN D 233 12.69 32.61 14.40
CA ASN D 233 12.11 32.94 15.70
C ASN D 233 12.11 31.78 16.71
N TYR D 234 12.35 30.56 16.24
CA TYR D 234 12.38 29.42 17.15
C TYR D 234 13.80 29.21 17.64
N ALA D 235 13.93 28.85 18.92
CA ALA D 235 15.24 28.63 19.50
C ALA D 235 15.24 27.52 20.54
N ALA D 236 16.42 26.97 20.77
CA ALA D 236 16.59 25.92 21.77
C ALA D 236 17.22 26.62 22.96
N ALA D 237 16.57 26.58 24.10
CA ALA D 237 17.08 27.24 25.30
C ALA D 237 18.34 26.55 25.81
N ASN D 238 19.36 27.35 26.14
CA ASN D 238 20.62 26.83 26.64
C ASN D 238 20.64 26.79 28.16
N PHE D 239 20.82 25.58 28.72
CA PHE D 239 20.85 25.41 30.17
C PHE D 239 22.26 25.28 30.73
N SER D 240 22.54 26.06 31.77
CA SER D 240 23.84 26.09 32.41
C SER D 240 24.36 24.75 32.93
N GLU D 241 23.46 23.84 33.28
CA GLU D 241 23.88 22.53 33.78
C GLU D 241 24.47 21.64 32.69
N GLY D 242 24.16 21.98 31.44
CA GLY D 242 24.64 21.18 30.33
C GLY D 242 23.47 20.44 29.69
N HIS D 243 23.74 19.78 28.57
CA HIS D 243 22.70 19.05 27.86
C HIS D 243 23.11 17.61 27.65
N TYR D 244 22.13 16.71 27.72
CA TYR D 244 22.35 15.29 27.57
C TYR D 244 22.55 14.91 26.10
N LEU D 245 23.56 14.08 25.84
CA LEU D 245 23.91 13.65 24.48
C LEU D 245 23.11 12.43 24.07
N GLN D 246 22.69 12.40 22.80
CA GLN D 246 21.98 11.24 22.27
C GLN D 246 22.68 10.80 21.00
N VAL D 247 22.88 9.50 20.89
CA VAL D 247 23.49 8.94 19.69
C VAL D 247 22.50 7.87 19.23
N GLU D 248 21.76 8.16 18.16
CA GLU D 248 20.79 7.20 17.67
C GLU D 248 21.48 6.08 16.93
N VAL D 249 21.03 4.86 17.15
CA VAL D 249 21.64 3.71 16.52
C VAL D 249 20.68 2.78 15.80
N ALA D 250 21.27 1.84 15.08
CA ALA D 250 20.53 0.83 14.34
C ALA D 250 21.29 -0.47 14.52
N ALA D 251 20.63 -1.59 14.29
CA ALA D 251 21.27 -2.88 14.43
C ALA D 251 20.41 -3.91 13.74
N ARG D 252 21.04 -5.00 13.30
CA ARG D 252 20.31 -6.06 12.63
C ARG D 252 20.02 -7.16 13.63
N THR D 253 18.90 -7.86 13.43
CA THR D 253 18.50 -8.94 14.31
C THR D 253 19.19 -10.24 13.96
N ALA D 254 19.41 -11.08 14.97
CA ALA D 254 20.08 -12.36 14.76
C ALA D 254 19.18 -13.33 14.00
N ALA D 255 17.87 -13.14 14.12
CA ALA D 255 16.90 -14.01 13.46
C ALA D 255 16.63 -13.64 12.01
N SER D 256 17.04 -12.44 11.60
CA SER D 256 16.82 -12.01 10.23
C SER D 256 17.12 -13.09 9.20
N LYS D 257 16.32 -13.13 8.14
CA LYS D 257 16.52 -14.09 7.07
C LYS D 257 17.23 -13.38 5.91
N GLN D 258 17.70 -12.17 6.18
CA GLN D 258 18.41 -11.36 5.19
C GLN D 258 19.67 -10.75 5.82
N PRO D 259 20.51 -11.59 6.45
CA PRO D 259 21.72 -11.05 7.07
C PRO D 259 22.61 -10.21 6.16
N GLU D 260 22.96 -10.73 4.99
CA GLU D 260 23.81 -10.00 4.05
C GLU D 260 23.22 -8.64 3.68
N LEU D 261 21.94 -8.66 3.34
CA LEU D 261 21.22 -7.45 2.95
C LEU D 261 21.10 -6.50 4.13
N ALA D 262 21.00 -7.05 5.35
CA ALA D 262 20.89 -6.23 6.54
C ALA D 262 22.24 -5.53 6.78
N GLN D 263 23.33 -6.28 6.62
CA GLN D 263 24.66 -5.72 6.80
C GLN D 263 24.88 -4.60 5.78
N LYS D 264 24.45 -4.84 4.54
CA LYS D 264 24.61 -3.82 3.51
C LYS D 264 23.95 -2.53 3.93
N PHE D 265 22.74 -2.64 4.49
CA PHE D 265 22.04 -1.44 4.93
C PHE D 265 22.79 -0.72 6.04
N LEU D 266 23.30 -1.45 7.03
CA LEU D 266 24.04 -0.84 8.12
C LEU D 266 25.28 -0.10 7.63
N GLN D 267 26.03 -0.71 6.71
CA GLN D 267 27.24 -0.10 6.18
C GLN D 267 26.87 1.13 5.36
N PHE D 268 25.83 0.99 4.56
CA PHE D 268 25.35 2.07 3.71
C PHE D 268 24.87 3.25 4.56
N MSE D 269 24.37 2.92 5.75
CA MSE D 269 23.85 3.92 6.68
C MSE D 269 24.89 4.95 7.12
O MSE D 269 24.58 6.10 7.39
CB MSE D 269 23.28 3.21 7.91
CG MSE D 269 22.44 4.07 8.83
SE MSE D 269 21.69 2.94 10.22
CE MSE D 269 23.27 2.76 11.30
N VAL D 270 26.15 4.50 7.17
CA VAL D 270 27.25 5.36 7.56
C VAL D 270 27.91 6.02 6.36
N SER D 271 27.48 5.68 5.16
CA SER D 271 28.05 6.26 3.94
C SER D 271 27.41 7.62 3.68
N PRO D 272 28.01 8.43 2.80
CA PRO D 272 27.48 9.76 2.48
C PRO D 272 26.07 9.75 1.90
N ALA D 273 25.74 8.70 1.16
CA ALA D 273 24.41 8.58 0.57
C ALA D 273 23.35 8.72 1.67
N PHE D 274 23.55 8.03 2.79
CA PHE D 274 22.61 8.08 3.91
C PHE D 274 22.81 9.34 4.76
N GLN D 275 24.03 9.56 5.20
CA GLN D 275 24.37 10.70 6.03
C GLN D 275 23.97 12.04 5.45
N ASN D 276 23.98 12.18 4.13
CA ASN D 276 23.60 13.45 3.50
C ASN D 276 22.12 13.77 3.61
N ALA D 277 21.33 12.78 4.00
CA ALA D 277 19.89 12.98 4.14
C ALA D 277 19.55 13.36 5.57
N ILE D 278 20.45 13.06 6.50
CA ILE D 278 20.22 13.34 7.90
C ILE D 278 19.95 14.79 8.32
N PRO D 279 20.85 15.73 7.98
CA PRO D 279 20.67 17.13 8.34
C PRO D 279 19.31 17.74 8.07
N THR D 280 18.85 17.66 6.82
CA THR D 280 17.55 18.26 6.48
C THR D 280 16.42 17.23 6.50
N GLY D 281 16.74 16.02 6.95
CA GLY D 281 15.74 14.97 7.02
C GLY D 281 15.33 14.69 8.46
N ASN D 282 16.32 14.44 9.31
CA ASN D 282 16.10 14.12 10.72
C ASN D 282 16.49 15.28 11.63
N TRP D 283 17.08 16.32 11.05
CA TRP D 283 17.51 17.50 11.80
C TRP D 283 18.37 17.16 13.01
N MSE D 284 19.40 16.37 12.77
CA MSE D 284 20.34 15.96 13.79
C MSE D 284 21.73 16.09 13.18
O MSE D 284 21.87 16.37 11.99
CB MSE D 284 20.09 14.50 14.20
CG MSE D 284 18.73 14.24 14.83
SE MSE D 284 18.57 14.90 16.66
CE MSE D 284 19.32 13.34 17.56
N TYR D 285 22.76 15.88 13.98
CA TYR D 285 24.11 15.96 13.48
C TYR D 285 24.52 14.60 12.92
N PRO D 286 25.00 14.60 11.66
CA PRO D 286 25.43 13.38 10.99
C PRO D 286 26.62 12.82 11.75
N VAL D 287 26.78 11.50 11.71
CA VAL D 287 27.86 10.84 12.40
C VAL D 287 29.08 10.72 11.47
N ALA D 288 28.87 10.96 10.19
CA ALA D 288 29.94 10.90 9.21
C ALA D 288 30.33 12.31 8.83
N ASN D 289 31.62 12.55 8.62
CA ASN D 289 32.08 13.89 8.26
C ASN D 289 31.51 14.38 6.93
N VAL D 290 30.25 14.78 6.94
CA VAL D 290 29.59 15.29 5.76
C VAL D 290 29.39 16.78 6.02
N THR D 291 29.18 17.56 4.96
CA THR D 291 29.02 19.00 5.11
C THR D 291 27.60 19.42 5.51
N LEU D 292 27.50 20.30 6.51
CA LEU D 292 26.20 20.79 6.99
C LEU D 292 25.76 22.06 6.26
N PRO D 293 24.49 22.12 5.85
CA PRO D 293 24.00 23.30 5.14
C PRO D 293 24.01 24.56 5.99
N ALA D 294 23.95 25.72 5.31
CA ALA D 294 23.94 27.01 5.99
C ALA D 294 22.67 27.10 6.83
N GLY D 295 22.83 27.57 8.06
CA GLY D 295 21.71 27.67 8.97
C GLY D 295 22.03 26.91 10.24
N PHE D 296 22.86 25.88 10.13
CA PHE D 296 23.25 25.11 11.30
C PHE D 296 24.24 25.86 12.21
N GLU D 297 24.99 26.81 11.65
CA GLU D 297 25.94 27.56 12.49
C GLU D 297 25.20 28.51 13.41
N LYS D 298 23.91 28.71 13.16
CA LYS D 298 23.12 29.59 14.01
C LYS D 298 22.76 28.93 15.34
N LEU D 299 22.91 27.60 15.40
CA LEU D 299 22.59 26.85 16.62
C LEU D 299 23.71 26.95 17.64
N THR D 300 23.46 26.38 18.81
CA THR D 300 24.44 26.38 19.88
C THR D 300 24.74 24.97 20.34
N LYS D 301 26.02 24.59 20.37
CA LYS D 301 26.41 23.28 20.84
C LYS D 301 26.69 23.52 22.32
N PRO D 302 26.09 22.68 23.19
CA PRO D 302 26.24 22.78 24.64
C PRO D 302 27.67 22.82 25.15
N ALA D 303 27.92 23.74 26.07
CA ALA D 303 29.24 23.91 26.68
C ALA D 303 29.57 22.68 27.53
N THR D 304 28.56 22.13 28.19
CA THR D 304 28.75 20.95 29.00
C THR D 304 27.87 19.82 28.44
N THR D 305 28.45 18.64 28.26
CA THR D 305 27.70 17.51 27.73
C THR D 305 27.48 16.46 28.80
N LEU D 306 26.23 16.04 28.98
CA LEU D 306 25.90 15.05 29.99
C LEU D 306 25.57 13.67 29.40
N GLU D 307 25.90 12.63 30.14
CA GLU D 307 25.64 11.27 29.71
C GLU D 307 25.95 10.23 30.77
N PHE D 308 25.13 9.18 30.83
CA PHE D 308 25.32 8.06 31.75
C PHE D 308 25.74 6.90 30.84
N THR D 309 26.27 5.83 31.41
CA THR D 309 26.65 4.68 30.59
C THR D 309 25.38 3.88 30.32
N PRO D 310 25.35 3.15 29.21
CA PRO D 310 24.20 2.34 28.82
C PRO D 310 23.78 1.36 29.91
N ALA D 311 24.76 0.68 30.50
CA ALA D 311 24.50 -0.30 31.54
C ALA D 311 23.86 0.35 32.77
N GLU D 312 24.31 1.55 33.08
CA GLU D 312 23.78 2.27 34.22
C GLU D 312 22.30 2.65 34.06
N VAL D 313 21.90 3.12 32.87
CA VAL D 313 20.50 3.47 32.66
C VAL D 313 19.62 2.22 32.67
N ALA D 314 20.16 1.11 32.15
CA ALA D 314 19.40 -0.13 32.13
C ALA D 314 19.10 -0.59 33.55
N ALA D 315 20.07 -0.40 34.44
CA ALA D 315 19.91 -0.81 35.83
C ALA D 315 19.07 0.15 36.68
N GLN D 316 19.02 1.43 36.29
CA GLN D 316 18.29 2.43 37.06
C GLN D 316 16.97 2.93 36.48
N ARG D 317 16.78 2.83 35.17
CA ARG D 317 15.54 3.37 34.59
C ARG D 317 14.24 2.89 35.19
N GLN D 318 14.18 1.63 35.63
CA GLN D 318 12.94 1.12 36.23
C GLN D 318 12.58 1.94 37.44
N ALA D 319 13.52 2.08 38.36
CA ALA D 319 13.27 2.84 39.58
C ALA D 319 13.07 4.32 39.31
N TRP D 320 13.94 4.92 38.48
CA TRP D 320 13.80 6.34 38.19
C TRP D 320 12.47 6.65 37.50
N ILE D 321 12.03 5.77 36.59
CA ILE D 321 10.78 5.98 35.90
C ILE D 321 9.60 5.83 36.88
N SER D 322 9.78 4.96 37.86
CA SER D 322 8.76 4.72 38.87
C SER D 322 8.58 5.98 39.72
N GLU D 323 9.69 6.64 40.04
CA GLU D 323 9.65 7.88 40.83
C GLU D 323 8.95 8.95 40.01
N TRP D 324 9.34 9.05 38.75
CA TRP D 324 8.75 10.03 37.84
C TRP D 324 7.23 9.90 37.76
N GLN D 325 6.75 8.69 37.42
CA GLN D 325 5.33 8.45 37.29
C GLN D 325 4.54 8.82 38.53
N ARG D 326 5.04 8.43 39.70
CA ARG D 326 4.36 8.72 40.94
C ARG D 326 4.34 10.22 41.18
N ALA D 327 5.44 10.89 40.85
CA ALA D 327 5.57 12.33 41.05
C ALA D 327 4.73 13.23 40.14
N VAL D 328 4.49 12.80 38.90
CA VAL D 328 3.72 13.66 38.00
C VAL D 328 2.26 13.25 37.79
N SER D 329 1.81 12.21 38.50
CA SER D 329 0.42 11.77 38.34
C SER D 329 -0.47 11.97 39.55
N ARG D 330 -1.73 12.33 39.29
CA ARG D 330 -2.71 12.54 40.36
C ARG D 330 -3.13 11.20 40.95
CM2 TPS E . -3.68 15.69 -21.94
N3 TPS E . -8.02 10.75 -21.99
C2 TPS E . -6.78 10.38 -22.22
S1 TPS E . -6.88 8.68 -22.50
C5 TPS E . -8.63 8.52 -22.31
C4 TPS E . -9.01 9.81 -22.03
CM4 TPS E . -10.47 10.15 -21.78
C6 TPS E . -9.38 7.23 -22.46
C7 TPS E . -8.21 6.25 -22.67
O7 TPS E . -8.62 4.90 -22.89
N1A TPS E . -5.72 14.69 -22.89
C2A TPS E . -4.89 14.77 -21.85
N3A TPS E . -5.11 14.07 -20.75
C4A TPS E . -6.16 13.24 -20.63
N4A TPS E . -6.36 12.52 -19.47
C5A TPS E . -7.08 13.12 -21.73
C6A TPS E . -6.80 13.90 -22.87
C7A TPS E . -8.32 12.20 -21.70
P1 TPS E . -7.26 4.05 -23.08
O1 TPS E . -6.39 4.69 -24.20
O2 TPS E . -7.57 2.53 -23.37
O3 TPS E . -6.46 4.13 -21.76
CM2 TPS F . 10.16 -15.75 -10.46
N3 TPS F . 10.03 -15.13 -16.94
C2 TPS F . 9.04 -14.53 -16.29
S1 TPS F . 8.08 -13.85 -17.51
C5 TPS F . 9.05 -14.40 -18.89
C4 TPS F . 10.07 -15.07 -18.29
CM4 TPS F . 11.18 -15.73 -19.11
C6 TPS F . 8.73 -14.14 -20.32
C7 TPS F . 7.49 -13.25 -20.20
O7 TPS F . 6.95 -12.95 -21.47
N1A TPS F . 10.03 -16.83 -12.65
C2A TPS F . 10.41 -15.77 -11.93
N3A TPS F . 11.02 -14.72 -12.50
C4A TPS F . 11.26 -14.70 -13.84
N4A TPS F . 11.89 -13.61 -14.41
C5A TPS F . 10.86 -15.82 -14.64
C6A TPS F . 10.24 -16.89 -13.98
C7A TPS F . 11.11 -15.86 -16.16
P1 TPS F . 5.66 -12.01 -21.23
O1 TPS F . 4.69 -12.71 -20.24
O2 TPS F . 4.94 -11.65 -22.59
O3 TPS F . 6.14 -10.69 -20.59
CM2 TPS G . -14.55 -5.15 14.45
N3 TPS G . -13.62 -2.20 20.18
C2 TPS G . -12.55 -2.30 19.40
S1 TPS G . -11.29 -1.66 20.34
C5 TPS G . -12.23 -1.27 21.78
C4 TPS G . -13.49 -1.68 21.41
CM4 TPS G . -14.67 -1.54 22.37
C6 TPS G . -11.66 -0.68 23.03
C7 TPS G . -10.20 -0.42 22.65
O7 TPS G . -9.45 0.06 23.77
N1A TPS G . -14.65 -5.27 16.89
C2A TPS G . -14.66 -4.50 15.80
N3A TPS G . -14.76 -3.17 15.88
C4A TPS G . -14.85 -2.54 17.07
N4A TPS G . -14.95 -1.16 17.12
C5A TPS G . -14.85 -3.32 18.27
C6A TPS G . -14.74 -4.72 18.12
C7A TPS G . -14.95 -2.70 19.68
P1 TPS G . -7.94 0.34 23.26
O1 TPS G . -7.37 -0.94 22.58
O2 TPS G . -7.02 0.82 24.46
O3 TPS G . -7.98 1.46 22.21
CM2 TPS H . 12.19 19.86 14.12
N3 TPS H . 13.91 13.90 16.22
C2 TPS H . 12.66 14.24 16.54
S1 TPS H . 12.08 12.91 17.45
C5 TPS H . 13.56 11.93 17.39
C4 TPS H . 14.40 12.72 16.64
CM4 TPS H . 15.82 12.28 16.32
C6 TPS H . 13.71 10.60 18.05
C7 TPS H . 12.28 10.37 18.56
O7 TPS H . 12.13 9.17 19.30
N1A TPS H . 13.70 18.46 15.45
C2A TPS H . 12.84 18.54 14.43
N3A TPS H . 12.56 17.46 13.68
C4A TPS H . 13.13 16.26 13.94
N4A TPS H . 12.83 15.17 13.15
C5A TPS H . 14.05 16.15 15.03
C6A TPS H . 14.31 17.31 15.77
C7A TPS H . 14.76 14.84 15.41
P1 TPS H . 10.59 9.08 19.77
O1 TPS H . 10.20 10.38 20.53
O2 TPS H . 10.31 7.79 20.65
O3 TPS H . 9.72 9.00 18.50
#